data_9J36
#
_entry.id   9J36
#
_cell.length_a   1.00
_cell.length_b   1.00
_cell.length_c   1.00
_cell.angle_alpha   90.00
_cell.angle_beta   90.00
_cell.angle_gamma   90.00
#
_symmetry.space_group_name_H-M   'P 1'
#
_entity_poly.entity_id   1
_entity_poly.type   'polypeptide(L)'
_entity_poly.pdbx_seq_one_letter_code
;MDYKDDDDKMAGKRENFVRVDDLDSRLPSSSVAFQQNYASNFSGQLHPIHASNETSRSFKKGIQKGSKGLKSIGRSLGFG
VYRAVFPEDLKVSEKKIFDPQDKFLLYCNKLFVASCILSVFVDPFFFYLPVINAESKCLGIDRKLAITASTLRTFIDVFY
LAHMALQLRTAYIAPSSRVFGRGELVIDPAQIAKRYLQRWFIIDFLSVLPLPQIVVWRFLQSSNGSDVLATKQALLFIVL
VQYIPRFLRVLPLTSELKRTAGVFAETAWAGAAYYLLLYMLASHIVGAFWYLLALERNDACWQEACIDAGNCSTDFLYCG
NQNMDGYAVWNRAKESVLKSKCRADLDDNNPPFDFGIYTQALSSGIVSSQNFIVKYCYCLWWGLQNLSTLGQGLETSTYP
MEIIFSISLAISGLILFALLIGNMQTYLQSLTIRLEEMRVKRRDSEQWMHHRMLPQDLRERVRRYDQYKWLETRGVDEEY
LVQNLPKDLRRDIKRHLCLALVRRVPLFKSMDDKLLDAICMRLKPCLFTESTYLVREGDPVDEMLFIIRGRLESVTTDGG
RSGFFNRSLLKEGEFCGEELLTWALDPKSGVNLPSSTRTVKALTEVEAFALTSEELKFVASQFRRLHSRQVQHTFRFYSH
QWRTWAACFIQAAWRRYCKRKKMEEAEAEAAAVSSSTAGPSYSIGAAFLATKFAANALRTIHRNRNTKIRDLVKLQKPPE
PDFTAD
;
_entity_poly.pdbx_strand_id   A,C,D,B
#
# COMPACT_ATOMS: atom_id res chain seq x y z
N LYS A 95 45.32 29.76 -0.08
CA LYS A 95 44.18 29.70 0.84
C LYS A 95 43.66 28.27 0.90
N LYS A 96 43.99 27.49 -0.14
CA LYS A 96 43.63 26.09 -0.32
C LYS A 96 42.11 25.88 -0.28
N ILE A 97 41.40 26.45 -1.25
CA ILE A 97 39.96 26.23 -1.40
C ILE A 97 39.72 24.79 -1.82
N PHE A 98 38.88 24.07 -1.05
CA PHE A 98 38.74 22.63 -1.12
C PHE A 98 38.01 22.22 -2.40
N ASP A 99 38.29 21.00 -2.86
CA ASP A 99 37.56 20.35 -3.94
C ASP A 99 36.44 19.48 -3.36
N PRO A 100 35.25 19.46 -3.99
CA PRO A 100 34.05 18.95 -3.29
C PRO A 100 34.03 17.45 -3.01
N GLN A 101 34.82 16.65 -3.70
CA GLN A 101 34.88 15.21 -3.41
C GLN A 101 36.18 14.83 -2.71
N ASP A 102 36.70 15.71 -1.86
CA ASP A 102 37.81 15.37 -0.98
C ASP A 102 37.29 14.42 0.10
N LYS A 103 38.19 13.57 0.60
CA LYS A 103 37.80 12.64 1.64
C LYS A 103 37.73 13.33 2.99
N PHE A 104 38.40 14.47 3.15
CA PHE A 104 38.22 15.27 4.36
C PHE A 104 36.84 15.91 4.39
N LEU A 105 36.28 16.28 3.24
CA LEU A 105 34.88 16.67 3.16
C LEU A 105 34.01 15.46 2.79
N LEU A 106 34.27 14.37 3.50
CA LEU A 106 33.42 13.20 3.54
C LEU A 106 33.19 12.74 4.96
N TYR A 107 34.15 12.98 5.86
CA TYR A 107 33.97 12.80 7.29
C TYR A 107 33.49 14.07 7.98
N CYS A 108 33.81 15.24 7.42
CA CYS A 108 33.23 16.52 7.83
C CYS A 108 31.88 16.76 7.17
N ASN A 109 31.37 15.76 6.46
CA ASN A 109 29.94 15.63 6.25
C ASN A 109 29.42 14.27 6.70
N LYS A 110 30.17 13.51 7.50
CA LYS A 110 29.70 12.29 8.15
C LYS A 110 29.40 12.49 9.63
N LEU A 111 30.28 13.18 10.37
CA LEU A 111 30.04 13.59 11.75
C LEU A 111 29.42 14.97 11.78
N PHE A 112 28.92 15.42 10.63
CA PHE A 112 28.19 16.65 10.47
C PHE A 112 26.69 16.45 10.40
N VAL A 113 26.21 15.53 9.56
CA VAL A 113 24.79 15.19 9.56
C VAL A 113 24.38 14.50 10.85
N ALA A 114 25.33 13.87 11.56
CA ALA A 114 25.06 13.37 12.90
C ALA A 114 24.85 14.52 13.87
N SER A 115 25.56 15.63 13.66
CA SER A 115 25.32 16.81 14.48
C SER A 115 23.99 17.46 14.14
N CYS A 116 23.60 17.44 12.86
CA CYS A 116 22.28 17.94 12.48
C CYS A 116 21.16 17.05 12.99
N ILE A 117 21.41 15.76 13.16
CA ILE A 117 20.42 14.86 13.74
C ILE A 117 20.34 15.05 15.26
N LEU A 118 21.47 15.17 15.94
CA LEU A 118 21.46 15.27 17.39
C LEU A 118 21.07 16.66 17.86
N SER A 119 21.02 17.65 16.97
CA SER A 119 20.62 19.00 17.35
C SER A 119 19.11 19.17 17.49
N VAL A 120 18.31 18.39 16.76
CA VAL A 120 16.85 18.47 16.91
C VAL A 120 16.35 17.58 18.04
N PHE A 121 17.23 16.87 18.73
CA PHE A 121 16.89 16.17 19.95
C PHE A 121 17.19 16.99 21.20
N VAL A 122 17.98 18.05 21.08
CA VAL A 122 18.40 18.83 22.23
C VAL A 122 17.47 20.01 22.49
N ASP A 123 16.87 20.57 21.44
CA ASP A 123 15.89 21.64 21.60
C ASP A 123 14.65 21.31 22.44
N PRO A 124 14.12 20.07 22.49
CA PRO A 124 13.08 19.81 23.49
C PRO A 124 13.52 19.85 24.94
N PHE A 125 14.80 19.77 25.24
CA PHE A 125 15.23 19.75 26.62
C PHE A 125 15.18 21.12 27.28
N PHE A 126 15.02 22.20 26.51
CA PHE A 126 14.75 23.52 27.06
C PHE A 126 13.32 23.66 27.55
N PHE A 127 12.44 22.74 27.17
CA PHE A 127 11.05 22.79 27.57
C PHE A 127 10.84 22.16 28.93
N TYR A 128 11.81 21.43 29.46
CA TYR A 128 11.74 20.88 30.79
C TYR A 128 12.40 21.77 31.83
N LEU A 129 12.73 22.99 31.47
CA LEU A 129 13.29 23.95 32.41
C LEU A 129 12.35 24.42 33.51
N PRO A 130 11.08 24.79 33.27
CA PRO A 130 10.24 25.19 34.41
C PRO A 130 9.81 24.00 35.23
N VAL A 131 9.95 24.14 36.54
CA VAL A 131 9.55 23.14 37.50
C VAL A 131 8.63 23.81 38.51
N ILE A 132 8.04 23.01 39.39
CA ILE A 132 7.29 23.52 40.53
C ILE A 132 8.00 23.03 41.77
N ASN A 133 8.40 23.95 42.63
CA ASN A 133 8.95 23.57 43.92
C ASN A 133 7.82 23.29 44.89
N ALA A 134 7.49 22.00 45.09
CA ALA A 134 6.33 21.63 45.91
C ALA A 134 6.54 21.89 47.39
N GLU A 135 7.78 22.05 47.84
CA GLU A 135 8.03 22.48 49.22
C GLU A 135 7.52 23.91 49.43
N SER A 136 7.96 24.83 48.59
CA SER A 136 7.64 26.25 48.76
C SER A 136 6.40 26.68 48.00
N LYS A 137 5.84 25.82 47.13
CA LYS A 137 4.72 26.12 46.25
C LYS A 137 5.01 27.34 45.38
N CYS A 138 6.20 27.34 44.79
CA CYS A 138 6.62 28.39 43.88
C CYS A 138 7.00 27.76 42.55
N LEU A 139 6.94 28.55 41.49
CA LEU A 139 7.30 28.12 40.16
C LEU A 139 8.75 28.49 39.93
N GLY A 140 9.57 27.52 39.56
CA GLY A 140 10.98 27.77 39.42
C GLY A 140 11.55 27.39 38.09
N ILE A 141 12.87 27.29 38.01
CA ILE A 141 13.59 26.84 36.83
C ILE A 141 14.60 25.80 37.27
N ASP A 142 14.62 24.66 36.60
CA ASP A 142 15.70 23.70 36.75
C ASP A 142 17.00 24.31 36.23
N ARG A 143 18.00 24.43 37.10
CA ARG A 143 19.23 25.13 36.74
C ARG A 143 20.31 24.20 36.20
N LYS A 144 20.50 23.02 36.80
CA LYS A 144 21.38 22.03 36.18
C LYS A 144 20.62 21.13 35.21
N LEU A 145 19.77 21.73 34.40
CA LEU A 145 19.26 21.18 33.16
C LEU A 145 19.35 22.34 32.18
N ALA A 146 19.33 23.55 32.74
CA ALA A 146 19.54 24.76 31.97
C ALA A 146 20.97 24.88 31.49
N ILE A 147 21.94 24.68 32.39
CA ILE A 147 23.34 24.65 31.96
C ILE A 147 23.61 23.44 31.07
N THR A 148 22.89 22.33 31.30
CA THR A 148 23.12 21.13 30.53
C THR A 148 22.65 21.28 29.09
N ALA A 149 21.42 21.78 28.90
CA ALA A 149 20.92 22.02 27.56
C ALA A 149 21.58 23.19 26.88
N SER A 150 22.07 24.18 27.61
CA SER A 150 22.78 25.29 26.97
C SER A 150 24.17 24.83 26.52
N THR A 151 24.85 24.08 27.38
CA THR A 151 26.16 23.51 27.05
C THR A 151 26.08 22.53 25.90
N LEU A 152 25.11 21.63 25.90
CA LEU A 152 25.05 20.62 24.85
C LEU A 152 24.46 21.16 23.57
N ARG A 153 23.89 22.35 23.55
CA ARG A 153 23.51 22.93 22.27
C ARG A 153 24.62 23.83 21.74
N THR A 154 25.33 24.53 22.63
CA THR A 154 26.47 25.31 22.17
C THR A 154 27.61 24.42 21.69
N PHE A 155 27.90 23.31 22.39
CA PHE A 155 28.94 22.38 21.97
C PHE A 155 28.61 21.59 20.71
N ILE A 156 27.42 21.77 20.15
CA ILE A 156 27.12 21.31 18.82
C ILE A 156 27.15 22.47 17.81
N ASP A 157 26.74 23.67 18.22
CA ASP A 157 26.70 24.74 17.24
C ASP A 157 28.04 25.40 16.94
N VAL A 158 29.01 25.46 17.87
CA VAL A 158 30.31 25.93 17.41
C VAL A 158 31.13 24.77 16.82
N PHE A 159 30.68 23.53 17.00
CA PHE A 159 31.21 22.47 16.14
C PHE A 159 30.63 22.58 14.74
N TYR A 160 29.38 23.01 14.64
CA TYR A 160 28.75 23.36 13.37
C TYR A 160 29.37 24.59 12.73
N LEU A 161 29.93 25.50 13.51
CA LEU A 161 30.56 26.71 12.98
C LEU A 161 31.85 26.43 12.21
N ALA A 162 32.32 25.18 12.19
CA ALA A 162 33.39 24.71 11.32
C ALA A 162 32.84 24.01 10.09
N HIS A 163 31.68 24.46 9.61
CA HIS A 163 31.10 23.99 8.37
C HIS A 163 30.82 25.12 7.38
N MET A 164 30.30 26.25 7.85
CA MET A 164 30.26 27.45 7.01
C MET A 164 31.58 28.20 7.03
N ALA A 165 32.55 27.70 7.80
CA ALA A 165 33.95 28.09 7.68
C ALA A 165 34.74 27.11 6.82
N LEU A 166 34.06 26.13 6.22
CA LEU A 166 34.69 25.15 5.34
C LEU A 166 34.00 25.03 4.00
N GLN A 167 32.76 25.47 3.91
CA GLN A 167 32.07 25.49 2.63
C GLN A 167 32.49 26.87 2.20
N LEU A 168 33.14 27.57 3.11
CA LEU A 168 33.71 28.83 2.70
C LEU A 168 34.86 28.48 1.76
N ARG A 169 35.65 27.48 2.12
CA ARG A 169 36.72 27.00 1.24
C ARG A 169 36.12 25.91 0.39
N THR A 170 35.33 26.26 -0.60
CA THR A 170 34.69 25.22 -1.34
C THR A 170 34.60 25.46 -2.83
N ALA A 171 34.63 24.38 -3.57
CA ALA A 171 34.45 24.49 -5.01
C ALA A 171 33.07 23.94 -5.39
N TYR A 172 32.68 24.18 -6.63
CA TYR A 172 31.43 23.64 -7.15
C TYR A 172 31.64 23.22 -8.59
N ILE A 173 30.57 22.77 -9.23
CA ILE A 173 30.60 22.25 -10.59
C ILE A 173 29.61 23.02 -11.44
N ALA A 174 30.08 23.53 -12.58
CA ALA A 174 29.28 24.41 -13.43
C ALA A 174 29.17 23.81 -14.83
N PRO A 175 28.06 24.07 -15.55
CA PRO A 175 27.90 23.45 -16.87
C PRO A 175 28.76 24.13 -17.94
N SER A 176 29.45 23.29 -18.72
CA SER A 176 30.26 23.74 -19.85
C SER A 176 30.55 22.54 -20.74
N SER A 177 30.88 22.83 -22.01
CA SER A 177 31.27 21.79 -22.95
C SER A 177 32.77 21.72 -23.17
N ARG A 178 33.54 22.55 -22.45
CA ARG A 178 35.00 22.58 -22.52
C ARG A 178 35.61 21.49 -21.65
N VAL A 179 34.84 20.96 -20.72
CA VAL A 179 35.34 20.33 -19.51
C VAL A 179 35.95 18.95 -19.74
N PHE A 180 35.39 18.18 -20.70
CA PHE A 180 35.59 16.76 -20.97
C PHE A 180 35.17 15.83 -19.83
N GLY A 181 34.73 16.38 -18.69
CA GLY A 181 34.58 15.62 -17.46
C GLY A 181 33.42 16.04 -16.59
N ARG A 182 32.38 16.61 -17.21
CA ARG A 182 31.05 16.97 -16.68
C ARG A 182 31.06 18.19 -15.77
N GLY A 183 32.08 19.03 -15.79
CA GLY A 183 32.04 20.27 -15.02
C GLY A 183 33.36 20.90 -14.64
N GLU A 184 33.34 22.23 -14.48
CA GLU A 184 34.50 22.99 -14.04
C GLU A 184 34.52 23.00 -12.52
N LEU A 185 35.71 22.98 -11.93
CA LEU A 185 35.84 23.31 -10.51
C LEU A 185 36.37 24.73 -10.35
N VAL A 186 35.71 25.50 -9.50
CA VAL A 186 36.04 26.91 -9.29
C VAL A 186 36.58 27.05 -7.88
N ILE A 187 37.90 27.13 -7.76
CA ILE A 187 38.53 27.41 -6.47
C ILE A 187 38.91 28.88 -6.35
N ASP A 188 38.34 29.72 -7.18
CA ASP A 188 38.54 31.15 -7.09
C ASP A 188 37.69 31.70 -5.95
N PRO A 189 38.28 32.38 -4.97
CA PRO A 189 37.50 32.73 -3.76
C PRO A 189 36.59 33.96 -3.90
N ALA A 190 36.58 34.64 -5.05
CA ALA A 190 35.90 35.92 -5.19
C ALA A 190 34.38 35.80 -5.38
N GLN A 191 33.88 34.66 -5.87
CA GLN A 191 32.46 34.52 -6.17
C GLN A 191 31.87 33.22 -5.61
N ILE A 192 32.72 32.30 -5.13
CA ILE A 192 32.22 31.14 -4.39
C ILE A 192 31.62 31.57 -3.05
N ALA A 193 32.02 32.75 -2.56
CA ALA A 193 31.38 33.34 -1.39
C ALA A 193 29.91 33.63 -1.65
N LYS A 194 29.59 34.16 -2.85
CA LYS A 194 28.20 34.38 -3.21
C LYS A 194 27.50 33.06 -3.56
N ARG A 195 28.25 32.10 -4.12
CA ARG A 195 27.75 30.75 -4.34
C ARG A 195 27.28 30.09 -3.06
N TYR A 196 27.98 30.33 -1.94
CA TYR A 196 27.47 29.85 -0.66
C TYR A 196 26.38 30.78 -0.12
N LEU A 197 26.64 32.09 -0.06
CA LEU A 197 25.76 33.04 0.59
C LEU A 197 24.74 33.65 -0.36
N GLN A 198 24.15 32.87 -1.28
CA GLN A 198 22.96 33.37 -1.94
C GLN A 198 21.67 32.62 -1.60
N ARG A 199 21.70 31.30 -1.35
CA ARG A 199 20.46 30.63 -0.96
C ARG A 199 20.59 29.78 0.30
N TRP A 200 21.70 29.07 0.48
CA TRP A 200 21.81 28.09 1.55
C TRP A 200 22.76 28.60 2.63
N PHE A 201 22.69 29.89 2.89
CA PHE A 201 23.34 30.48 4.05
C PHE A 201 22.38 30.97 5.11
N ILE A 202 21.25 31.54 4.71
CA ILE A 202 20.33 32.12 5.68
C ILE A 202 19.64 31.03 6.50
N ILE A 203 19.25 29.92 5.88
CA ILE A 203 18.68 28.78 6.61
C ILE A 203 19.70 28.13 7.53
N ASP A 204 20.97 28.16 7.16
CA ASP A 204 22.00 27.55 7.99
C ASP A 204 22.55 28.54 9.02
N PHE A 205 22.35 29.85 8.79
CA PHE A 205 22.78 30.83 9.78
C PHE A 205 21.72 31.02 10.85
N LEU A 206 20.45 30.87 10.52
CA LEU A 206 19.40 30.96 11.54
C LEU A 206 19.19 29.64 12.28
N SER A 207 20.27 28.93 12.59
CA SER A 207 20.23 27.72 13.38
C SER A 207 21.37 27.63 14.39
N VAL A 208 22.48 28.31 14.16
CA VAL A 208 23.57 28.36 15.11
C VAL A 208 23.44 29.54 16.05
N LEU A 209 22.37 30.33 15.91
CA LEU A 209 22.11 31.49 16.74
C LEU A 209 21.84 31.05 18.17
N PRO A 210 22.59 31.55 19.14
CA PRO A 210 22.29 31.16 20.54
C PRO A 210 21.10 31.91 21.11
N LEU A 211 19.93 31.68 20.53
CA LEU A 211 18.71 32.30 21.03
C LEU A 211 18.18 31.60 22.28
N PRO A 212 18.11 30.26 22.39
CA PRO A 212 17.74 29.69 23.69
C PRO A 212 18.89 29.59 24.68
N GLN A 213 20.05 30.15 24.39
CA GLN A 213 21.13 30.20 25.37
C GLN A 213 21.24 31.55 26.06
N ILE A 214 20.69 32.61 25.45
CA ILE A 214 20.71 33.93 26.07
C ILE A 214 19.47 34.17 26.89
N VAL A 215 18.42 33.37 26.67
CA VAL A 215 17.28 33.36 27.57
C VAL A 215 17.69 32.80 28.91
N VAL A 216 18.50 31.74 28.91
CA VAL A 216 19.04 31.15 30.13
C VAL A 216 20.07 32.04 30.81
N TRP A 217 20.73 32.93 30.06
CA TRP A 217 21.92 33.65 30.51
C TRP A 217 21.66 34.64 31.63
N ARG A 218 20.73 35.58 31.45
CA ARG A 218 20.53 36.62 32.45
C ARG A 218 19.61 36.17 33.58
N PHE A 219 19.07 34.96 33.51
CA PHE A 219 18.42 34.34 34.65
C PHE A 219 19.39 33.67 35.60
N LEU A 220 20.32 32.85 35.11
CA LEU A 220 21.21 32.15 36.04
C LEU A 220 22.36 33.01 36.56
N GLN A 221 22.48 34.27 36.13
CA GLN A 221 23.52 35.14 36.65
C GLN A 221 22.95 36.20 37.56
N SER A 222 21.98 35.81 38.40
CA SER A 222 21.34 36.77 39.30
C SER A 222 21.04 36.16 40.66
N SER A 223 20.76 37.01 41.64
CA SER A 223 20.29 36.60 42.96
C SER A 223 18.87 37.13 43.19
N ASN A 224 18.11 37.29 42.12
CA ASN A 224 16.75 37.81 42.16
C ASN A 224 15.82 36.82 41.49
N GLY A 225 14.64 36.63 42.07
CA GLY A 225 13.71 35.64 41.55
C GLY A 225 12.77 36.18 40.49
N SER A 226 12.88 37.47 40.18
CA SER A 226 11.95 38.12 39.25
C SER A 226 12.47 37.98 37.82
N ASP A 227 13.06 37.01 37.39
CA ASP A 227 13.16 36.49 36.03
C ASP A 227 12.72 35.11 35.57
N VAL A 228 12.11 34.35 36.47
CA VAL A 228 11.46 33.07 36.11
C VAL A 228 10.36 33.27 35.08
N LEU A 229 9.66 34.39 35.11
CA LEU A 229 8.67 34.74 34.10
C LEU A 229 9.27 34.86 32.70
N ALA A 230 10.37 35.59 32.55
CA ALA A 230 10.92 35.87 31.23
C ALA A 230 11.56 34.65 30.60
N THR A 231 12.19 33.79 31.40
CA THR A 231 12.79 32.57 30.88
C THR A 231 11.72 31.62 30.34
N LYS A 232 10.61 31.48 31.06
CA LYS A 232 9.51 30.65 30.60
C LYS A 232 8.75 31.30 29.45
N GLN A 233 8.71 32.64 29.42
CA GLN A 233 8.06 33.37 28.34
C GLN A 233 8.78 33.21 27.02
N ALA A 234 10.10 33.39 27.02
CA ALA A 234 10.91 33.34 25.81
C ALA A 234 11.56 31.97 25.59
N LEU A 235 10.82 30.88 25.64
CA LEU A 235 11.35 29.60 25.19
C LEU A 235 10.39 28.78 24.34
N LEU A 236 9.08 28.97 24.45
CA LEU A 236 8.15 28.22 23.62
C LEU A 236 8.25 28.63 22.15
N PHE A 237 8.05 29.91 21.87
CA PHE A 237 7.97 30.39 20.51
C PHE A 237 9.33 30.50 19.83
N ILE A 238 10.41 30.74 20.57
CA ILE A 238 11.73 30.78 19.95
C ILE A 238 12.16 29.40 19.47
N VAL A 239 11.98 28.37 20.29
CA VAL A 239 12.29 27.03 19.84
C VAL A 239 11.30 26.57 18.77
N LEU A 240 10.05 27.00 18.87
CA LEU A 240 9.04 26.65 17.86
C LEU A 240 9.32 27.29 16.50
N VAL A 241 9.91 28.50 16.46
CA VAL A 241 10.23 29.08 15.17
C VAL A 241 11.63 28.72 14.69
N GLN A 242 12.55 28.34 15.58
CA GLN A 242 13.84 27.86 15.14
C GLN A 242 13.81 26.38 14.79
N TYR A 243 12.69 25.70 15.03
CA TYR A 243 12.48 24.36 14.47
C TYR A 243 12.54 24.38 12.95
N ILE A 244 12.02 25.44 12.32
CA ILE A 244 11.95 25.47 10.86
C ILE A 244 13.33 25.53 10.19
N PRO A 245 14.29 26.41 10.60
CA PRO A 245 15.63 26.30 9.99
C PRO A 245 16.39 25.07 10.42
N ARG A 246 16.13 24.54 11.61
CA ARG A 246 16.87 23.38 12.07
C ARG A 246 16.33 22.08 11.48
N PHE A 247 15.06 22.04 11.08
CA PHE A 247 14.54 20.90 10.36
C PHE A 247 14.66 21.06 8.84
N LEU A 248 14.92 22.27 8.36
CA LEU A 248 15.19 22.43 6.94
C LEU A 248 16.64 22.17 6.57
N ARG A 249 17.55 22.16 7.54
CA ARG A 249 18.93 21.78 7.27
C ARG A 249 19.19 20.30 7.53
N VAL A 250 18.13 19.52 7.75
CA VAL A 250 18.22 18.07 7.80
C VAL A 250 17.37 17.41 6.72
N LEU A 251 16.48 18.19 6.08
CA LEU A 251 15.60 17.71 5.02
C LEU A 251 16.34 17.25 3.76
N PRO A 252 17.34 18.01 3.16
CA PRO A 252 18.00 17.47 1.97
C PRO A 252 18.89 16.27 2.27
N LEU A 253 19.33 16.14 3.52
CA LEU A 253 20.21 15.06 3.92
C LEU A 253 19.44 13.85 4.46
N THR A 254 18.12 13.93 4.53
CA THR A 254 17.32 12.76 4.93
C THR A 254 16.33 12.36 3.85
N SER A 255 15.50 13.30 3.39
CA SER A 255 14.43 12.97 2.44
C SER A 255 14.96 12.67 1.04
N GLU A 256 16.20 13.05 0.73
CA GLU A 256 16.85 12.64 -0.50
C GLU A 256 17.99 11.66 -0.28
N LEU A 257 18.28 11.32 0.97
CA LEU A 257 19.21 10.23 1.29
C LEU A 257 18.43 8.98 1.65
N LYS A 258 17.11 9.10 1.59
CA LYS A 258 16.23 7.94 1.66
C LYS A 258 15.74 7.59 0.27
N ARG A 259 15.63 8.58 -0.62
CA ARG A 259 15.28 8.33 -2.01
C ARG A 259 16.41 7.65 -2.77
N THR A 260 17.64 8.14 -2.64
CA THR A 260 18.80 7.48 -3.24
C THR A 260 19.83 7.31 -2.13
N ALA A 261 19.73 6.22 -1.39
CA ALA A 261 20.57 5.95 -0.23
C ALA A 261 22.01 5.68 -0.68
N GLY A 262 22.94 5.88 0.25
CA GLY A 262 24.34 5.81 -0.08
C GLY A 262 25.09 4.59 0.43
N VAL A 263 24.75 4.11 1.63
CA VAL A 263 25.53 3.05 2.26
C VAL A 263 24.67 1.85 2.66
N PHE A 264 23.45 1.75 2.12
CA PHE A 264 22.53 0.67 2.55
C PHE A 264 21.82 0.04 1.35
N ALA A 265 21.76 -1.31 1.36
CA ALA A 265 21.07 -2.02 0.28
C ALA A 265 20.12 -3.13 0.75
N GLU A 266 20.42 -3.87 1.81
CA GLU A 266 20.13 -5.30 1.80
C GLU A 266 18.95 -5.72 2.67
N THR A 267 18.60 -4.95 3.69
CA THR A 267 17.67 -5.48 4.70
C THR A 267 16.77 -4.34 5.19
N ALA A 268 16.18 -4.55 6.36
CA ALA A 268 15.36 -3.53 7.02
C ALA A 268 16.09 -3.06 8.26
N TRP A 269 17.01 -2.12 8.06
CA TRP A 269 17.67 -1.42 9.15
C TRP A 269 17.80 0.07 8.87
N ALA A 270 17.17 0.56 7.81
CA ALA A 270 17.15 1.98 7.51
C ALA A 270 15.81 2.46 6.98
N GLY A 271 14.80 1.59 6.90
CA GLY A 271 13.49 1.98 6.43
C GLY A 271 12.41 1.80 7.48
N ALA A 272 12.58 0.79 8.31
CA ALA A 272 11.74 0.64 9.49
C ALA A 272 12.37 1.30 10.70
N ALA A 273 13.68 1.16 10.87
CA ALA A 273 14.42 1.75 11.96
C ALA A 273 14.77 3.22 11.70
N TYR A 274 14.22 3.81 10.66
CA TYR A 274 14.22 5.25 10.49
C TYR A 274 12.86 5.87 10.74
N TYR A 275 11.79 5.26 10.28
CA TYR A 275 10.45 5.75 10.54
C TYR A 275 9.91 5.34 11.89
N LEU A 276 10.61 4.49 12.62
CA LEU A 276 10.32 4.27 14.02
C LEU A 276 11.09 5.18 14.95
N LEU A 277 12.27 5.67 14.55
CA LEU A 277 12.96 6.70 15.29
C LEU A 277 12.55 8.09 14.86
N LEU A 278 11.74 8.20 13.81
CA LEU A 278 11.01 9.44 13.54
C LEU A 278 9.82 9.61 14.45
N TYR A 279 9.14 8.53 14.82
CA TYR A 279 8.22 8.53 15.95
C TYR A 279 8.85 8.90 17.27
N MET A 280 10.06 8.42 17.56
CA MET A 280 10.65 8.67 18.86
C MET A 280 11.17 10.10 18.97
N LEU A 281 11.54 10.72 17.84
CA LEU A 281 11.86 12.13 17.81
C LEU A 281 10.62 13.00 17.98
N ALA A 282 9.55 12.67 17.27
CA ALA A 282 8.34 13.49 17.36
C ALA A 282 7.69 13.34 18.71
N SER A 283 7.78 12.16 19.33
CA SER A 283 7.31 11.97 20.68
C SER A 283 8.13 12.75 21.68
N HIS A 284 9.43 12.87 21.42
CA HIS A 284 10.32 13.66 22.24
C HIS A 284 10.00 15.14 22.16
N ILE A 285 9.63 15.63 20.98
CA ILE A 285 9.22 17.02 20.83
C ILE A 285 7.83 17.29 21.39
N VAL A 286 6.86 16.41 21.11
CA VAL A 286 5.50 16.59 21.57
C VAL A 286 5.34 16.45 23.07
N GLY A 287 6.05 15.51 23.72
CA GLY A 287 6.00 15.41 25.16
C GLY A 287 6.62 16.58 25.87
N ALA A 288 7.59 17.22 25.25
CA ALA A 288 8.19 18.40 25.83
C ALA A 288 7.29 19.62 25.69
N PHE A 289 6.58 19.75 24.56
CA PHE A 289 5.52 20.76 24.45
C PHE A 289 4.42 20.53 25.46
N TRP A 290 4.03 19.29 25.67
CA TRP A 290 3.01 18.95 26.65
C TRP A 290 3.43 19.34 28.04
N TYR A 291 4.68 19.03 28.42
CA TYR A 291 5.22 19.47 29.70
C TYR A 291 5.22 20.99 29.83
N LEU A 292 5.70 21.71 28.80
CA LEU A 292 5.86 23.16 28.94
C LEU A 292 4.51 23.86 28.96
N LEU A 293 3.56 23.37 28.18
CA LEU A 293 2.24 23.98 28.15
C LEU A 293 1.44 23.64 29.40
N ALA A 294 1.72 22.49 30.00
CA ALA A 294 1.18 22.14 31.31
C ALA A 294 1.64 23.01 32.36
N LEU A 295 2.88 23.47 32.35
CA LEU A 295 3.34 24.44 33.31
C LEU A 295 2.79 25.83 33.05
N GLU A 296 2.48 26.17 31.81
CA GLU A 296 1.91 27.46 31.50
C GLU A 296 0.44 27.54 31.94
N ARG A 297 -0.29 26.43 31.83
CA ARG A 297 -1.64 26.42 32.38
C ARG A 297 -1.68 26.44 33.90
N ASN A 298 -0.74 25.79 34.56
CA ASN A 298 -0.62 25.91 36.01
C ASN A 298 -0.20 27.31 36.43
N ASP A 299 0.67 27.95 35.65
CA ASP A 299 1.01 29.34 35.91
C ASP A 299 -0.19 30.25 35.73
N ALA A 300 -1.02 30.00 34.73
CA ALA A 300 -2.27 30.74 34.54
C ALA A 300 -3.23 30.57 35.70
N CYS A 301 -3.42 29.34 36.17
CA CYS A 301 -4.23 29.07 37.34
C CYS A 301 -3.72 29.81 38.57
N TRP A 302 -2.42 29.73 38.84
CA TRP A 302 -1.86 30.35 40.03
C TRP A 302 -1.90 31.86 39.94
N GLN A 303 -1.64 32.42 38.77
CA GLN A 303 -1.69 33.84 38.53
C GLN A 303 -3.10 34.41 38.60
N GLU A 304 -4.12 33.60 38.33
CA GLU A 304 -5.49 34.07 38.51
C GLU A 304 -6.06 33.76 39.89
N ALA A 305 -5.55 32.76 40.61
CA ALA A 305 -6.02 32.45 41.94
C ALA A 305 -5.32 33.26 43.00
N CYS A 306 -4.18 33.84 42.66
CA CYS A 306 -3.51 34.80 43.53
C CYS A 306 -4.16 36.18 43.51
N ILE A 307 -4.73 36.62 42.39
CA ILE A 307 -5.42 37.90 42.34
C ILE A 307 -6.75 37.83 43.07
N ASP A 308 -7.46 36.71 42.97
CA ASP A 308 -8.75 36.54 43.66
C ASP A 308 -8.59 36.51 45.17
N ALA A 309 -7.43 36.09 45.67
CA ALA A 309 -7.18 36.15 47.11
C ALA A 309 -6.97 37.57 47.60
N GLY A 310 -6.47 38.46 46.74
CA GLY A 310 -6.31 39.88 47.07
C GLY A 310 -5.07 40.27 47.85
N ASN A 311 -4.63 39.41 48.77
CA ASN A 311 -3.45 39.66 49.59
C ASN A 311 -2.17 39.14 48.96
N CYS A 312 -2.14 38.98 47.64
CA CYS A 312 -1.06 38.30 46.95
C CYS A 312 -0.71 39.07 45.69
N SER A 313 0.59 39.21 45.44
CA SER A 313 1.10 39.67 44.16
C SER A 313 1.60 38.45 43.40
N THR A 314 1.52 38.51 42.07
CA THR A 314 1.93 37.37 41.24
C THR A 314 3.44 37.17 41.22
N ASP A 315 4.20 38.11 41.75
CA ASP A 315 5.62 37.92 42.00
C ASP A 315 5.89 36.91 43.09
N PHE A 316 4.94 36.68 44.00
CA PHE A 316 5.10 35.74 45.09
C PHE A 316 5.04 34.29 44.63
N LEU A 317 4.56 34.02 43.42
CA LEU A 317 4.39 32.65 42.95
C LEU A 317 5.68 32.09 42.38
N TYR A 318 6.73 32.88 42.33
CA TYR A 318 7.97 32.44 41.72
C TYR A 318 9.04 32.27 42.78
N CYS A 319 9.92 31.32 42.59
CA CYS A 319 10.96 31.02 43.56
C CYS A 319 12.01 32.11 43.51
N GLY A 320 12.52 32.47 44.69
CA GLY A 320 13.43 33.59 44.83
C GLY A 320 12.76 34.89 45.22
N ASN A 321 11.47 34.89 45.53
CA ASN A 321 10.75 36.09 45.94
C ASN A 321 10.18 35.91 47.34
N GLN A 322 10.89 35.13 48.17
CA GLN A 322 10.42 34.88 49.53
C GLN A 322 10.74 35.99 50.50
N ASN A 323 11.86 36.70 50.30
CA ASN A 323 12.23 37.82 51.16
C ASN A 323 11.74 39.13 50.55
N MET A 324 10.44 39.16 50.29
CA MET A 324 9.76 40.36 49.85
C MET A 324 8.66 40.69 50.85
N ASP A 325 8.28 41.97 50.90
CA ASP A 325 7.28 42.37 51.87
C ASP A 325 5.89 41.88 51.45
N GLY A 326 5.18 41.32 52.41
CA GLY A 326 3.87 40.76 52.16
C GLY A 326 3.91 39.29 51.79
N TYR A 327 5.10 38.71 51.69
CA TYR A 327 5.20 37.29 51.43
C TYR A 327 4.85 36.45 52.66
N ALA A 328 5.03 37.00 53.85
CA ALA A 328 4.70 36.26 55.05
C ALA A 328 3.21 36.08 55.26
N VAL A 329 2.38 36.98 54.72
CA VAL A 329 0.93 36.85 54.89
C VAL A 329 0.42 35.95 53.76
N TRP A 330 1.21 35.81 52.70
CA TRP A 330 0.84 34.90 51.62
C TRP A 330 1.32 33.48 51.93
N ASN A 331 2.35 33.35 52.77
CA ASN A 331 2.92 32.05 53.06
C ASN A 331 1.99 31.19 53.89
N ARG A 332 1.23 31.79 54.81
CA ARG A 332 0.30 31.05 55.65
C ARG A 332 -1.04 30.82 54.97
N ALA A 333 -1.21 31.29 53.72
CA ALA A 333 -2.43 31.03 52.99
C ALA A 333 -2.15 30.42 51.62
N LYS A 334 -0.93 29.91 51.39
CA LYS A 334 -0.61 29.27 50.13
C LYS A 334 -1.37 27.96 49.95
N GLU A 335 -1.22 27.04 50.90
CA GLU A 335 -1.79 25.72 50.72
C GLU A 335 -3.21 25.63 51.29
N SER A 336 -3.99 26.65 51.03
CA SER A 336 -5.44 26.62 50.97
C SER A 336 -5.95 27.32 49.73
N VAL A 337 -5.35 28.45 49.36
CA VAL A 337 -5.68 29.17 48.14
C VAL A 337 -5.32 28.39 46.90
N LEU A 338 -4.07 27.92 46.78
CA LEU A 338 -3.64 27.17 45.63
C LEU A 338 -4.17 25.75 45.61
N LYS A 339 -4.79 25.30 46.70
CA LYS A 339 -5.34 23.96 46.77
C LYS A 339 -6.83 23.92 46.51
N SER A 340 -7.60 24.90 47.00
CA SER A 340 -9.01 24.97 46.68
C SER A 340 -9.28 25.46 45.27
N LYS A 341 -8.30 26.07 44.61
CA LYS A 341 -8.50 26.66 43.29
C LYS A 341 -7.68 26.04 42.18
N CYS A 342 -6.56 25.38 42.48
CA CYS A 342 -5.62 24.97 41.46
C CYS A 342 -5.13 23.55 41.67
N ARG A 343 -5.94 22.73 42.31
CA ARG A 343 -5.62 21.32 42.47
C ARG A 343 -5.95 20.60 41.18
N ALA A 344 -5.19 19.56 40.89
CA ALA A 344 -5.38 18.76 39.70
C ALA A 344 -5.63 17.31 40.11
N ASP A 345 -6.85 16.85 39.87
CA ASP A 345 -7.18 15.44 40.02
C ASP A 345 -7.81 14.91 38.73
N LEU A 346 -7.66 13.61 38.47
CA LEU A 346 -8.23 13.01 37.27
C LEU A 346 -9.63 12.47 37.48
N ASP A 347 -10.21 12.60 38.66
CA ASP A 347 -11.57 12.15 38.88
C ASP A 347 -12.60 13.28 38.89
N ASP A 348 -12.15 14.53 39.07
CA ASP A 348 -13.04 15.68 39.08
C ASP A 348 -13.57 15.94 37.67
N ASN A 349 -14.89 16.00 37.53
CA ASN A 349 -15.49 16.40 36.26
C ASN A 349 -15.86 17.87 36.23
N ASN A 350 -15.98 18.51 37.39
CA ASN A 350 -16.07 19.97 37.46
C ASN A 350 -15.01 20.49 38.43
N PRO A 351 -13.77 20.59 37.98
CA PRO A 351 -12.71 21.12 38.85
C PRO A 351 -12.77 22.64 38.89
N PRO A 352 -12.11 23.27 39.86
CA PRO A 352 -12.13 24.75 39.90
C PRO A 352 -11.37 25.39 38.75
N PHE A 353 -10.42 24.68 38.15
CA PHE A 353 -9.73 25.10 36.95
C PHE A 353 -9.60 23.89 36.05
N ASP A 354 -9.87 24.07 34.77
CA ASP A 354 -9.79 22.99 33.81
C ASP A 354 -8.39 22.96 33.22
N PHE A 355 -7.67 21.87 33.46
CA PHE A 355 -6.35 21.70 32.88
C PHE A 355 -6.37 20.89 31.62
N GLY A 356 -7.43 20.12 31.39
CA GLY A 356 -7.64 19.51 30.11
C GLY A 356 -6.74 18.35 29.79
N ILE A 357 -5.79 18.55 28.89
CA ILE A 357 -4.87 17.48 28.51
C ILE A 357 -3.64 17.56 29.41
N TYR A 358 -3.57 18.61 30.22
CA TYR A 358 -2.45 18.85 31.10
C TYR A 358 -2.74 18.47 32.54
N THR A 359 -3.88 17.85 32.81
CA THR A 359 -4.16 17.44 34.18
C THR A 359 -3.46 16.15 34.56
N GLN A 360 -3.09 15.33 33.57
CA GLN A 360 -2.25 14.18 33.78
C GLN A 360 -0.83 14.56 34.16
N ALA A 361 -0.34 15.71 33.73
CA ALA A 361 0.98 16.19 34.11
C ALA A 361 1.05 16.74 35.51
N LEU A 362 -0.02 17.37 36.00
CA LEU A 362 -0.01 17.97 37.32
C LEU A 362 -0.57 17.08 38.40
N SER A 363 -1.41 16.11 38.04
CA SER A 363 -1.92 15.18 39.05
C SER A 363 -0.93 14.06 39.31
N SER A 364 -0.13 13.69 38.30
CA SER A 364 0.90 12.69 38.53
C SER A 364 2.08 13.28 39.29
N GLY A 365 2.26 14.58 39.22
CA GLY A 365 3.31 15.23 39.95
C GLY A 365 4.65 15.24 39.27
N ILE A 366 4.72 14.96 37.97
CA ILE A 366 6.00 15.03 37.27
C ILE A 366 6.48 16.44 37.04
N VAL A 367 5.61 17.44 37.19
CA VAL A 367 6.01 18.83 37.06
C VAL A 367 6.79 19.29 38.27
N SER A 368 6.75 18.52 39.36
CA SER A 368 7.47 18.78 40.59
C SER A 368 8.37 17.61 40.92
N SER A 369 8.68 16.81 39.92
CA SER A 369 9.49 15.62 40.08
C SER A 369 10.95 16.01 40.21
N GLN A 370 11.63 15.40 41.18
CA GLN A 370 13.06 15.60 41.35
C GLN A 370 13.90 14.67 40.50
N ASN A 371 13.36 13.52 40.12
CA ASN A 371 14.03 12.61 39.22
C ASN A 371 13.70 12.99 37.79
N PHE A 372 14.72 13.37 37.02
CA PHE A 372 14.51 13.76 35.63
C PHE A 372 14.23 12.57 34.73
N ILE A 373 14.69 11.37 35.10
CA ILE A 373 14.38 10.17 34.32
C ILE A 373 12.88 9.88 34.35
N VAL A 374 12.25 10.04 35.52
CA VAL A 374 10.81 9.86 35.66
C VAL A 374 10.05 10.86 34.80
N LYS A 375 10.46 12.14 34.86
CA LYS A 375 9.77 13.21 34.15
C LYS A 375 9.91 13.06 32.64
N TYR A 376 11.13 12.80 32.18
CA TYR A 376 11.39 12.64 30.77
C TYR A 376 10.69 11.42 30.20
N CYS A 377 10.72 10.29 30.93
CA CYS A 377 10.08 9.07 30.44
C CYS A 377 8.58 9.22 30.41
N TYR A 378 8.01 9.85 31.45
CA TYR A 378 6.58 10.05 31.50
C TYR A 378 6.07 11.00 30.43
N CYS A 379 6.84 12.01 30.07
CA CYS A 379 6.46 12.90 28.98
C CYS A 379 6.67 12.31 27.60
N LEU A 380 7.78 11.60 27.40
CA LEU A 380 8.03 10.90 26.15
C LEU A 380 6.98 9.83 25.88
N TRP A 381 6.51 9.12 26.90
CA TRP A 381 5.47 8.14 26.68
C TRP A 381 4.12 8.79 26.38
N TRP A 382 3.83 9.94 26.99
CA TRP A 382 2.65 10.69 26.61
C TRP A 382 2.69 11.11 25.15
N GLY A 383 3.84 11.64 24.72
CA GLY A 383 4.11 11.94 23.33
C GLY A 383 3.88 10.78 22.39
N LEU A 384 4.48 9.62 22.68
CA LEU A 384 4.31 8.46 21.81
C LEU A 384 2.90 7.91 21.85
N GLN A 385 2.24 7.96 23.00
CA GLN A 385 0.90 7.39 23.13
C GLN A 385 -0.13 8.26 22.45
N ASN A 386 0.10 9.56 22.40
CA ASN A 386 -0.89 10.43 21.78
C ASN A 386 -0.54 10.72 20.33
N LEU A 387 0.69 10.48 19.91
CA LEU A 387 1.00 10.53 18.50
C LEU A 387 0.64 9.22 17.82
N SER A 388 0.80 8.11 18.51
CA SER A 388 0.48 6.81 17.94
C SER A 388 -1.01 6.61 17.77
N THR A 389 -1.80 7.20 18.65
CA THR A 389 -3.24 6.97 18.69
C THR A 389 -4.00 8.23 18.31
N LEU A 390 -3.25 9.14 17.68
CA LEU A 390 -3.70 10.37 17.12
C LEU A 390 -4.55 11.22 17.93
N GLY A 391 -4.23 11.38 19.16
CA GLY A 391 -4.94 12.18 20.08
C GLY A 391 -6.16 11.66 20.68
N GLN A 392 -6.50 10.45 20.39
CA GLN A 392 -7.74 9.98 20.85
C GLN A 392 -8.04 10.15 22.23
N GLY A 393 -7.16 9.92 23.10
CA GLY A 393 -7.59 10.04 24.41
C GLY A 393 -7.29 11.28 25.04
N LEU A 394 -7.33 12.36 24.54
CA LEU A 394 -7.24 13.76 24.91
C LEU A 394 -8.61 14.29 25.25
N GLU A 395 -8.76 14.80 26.46
CA GLU A 395 -9.97 15.46 26.91
C GLU A 395 -9.61 16.92 27.16
N THR A 396 -9.65 17.72 26.10
CA THR A 396 -9.21 19.10 26.23
C THR A 396 -10.24 19.93 26.96
N SER A 397 -9.78 21.06 27.46
CA SER A 397 -10.67 22.10 27.96
C SER A 397 -11.09 22.98 26.79
N THR A 398 -11.88 24.00 27.09
CA THR A 398 -12.34 24.95 26.08
C THR A 398 -11.40 26.13 26.01
N TYR A 399 -10.13 25.82 25.78
CA TYR A 399 -9.05 26.80 25.70
C TYR A 399 -8.40 26.63 24.34
N PRO A 400 -8.40 27.66 23.49
CA PRO A 400 -8.10 27.44 22.06
C PRO A 400 -6.69 27.03 21.71
N MET A 401 -5.67 27.47 22.46
CA MET A 401 -4.31 27.03 22.22
C MET A 401 -4.12 25.55 22.52
N GLU A 402 -4.80 25.05 23.55
CA GLU A 402 -4.73 23.63 23.88
C GLU A 402 -5.44 22.79 22.81
N ILE A 403 -6.54 23.30 22.29
CA ILE A 403 -7.29 22.63 21.22
C ILE A 403 -6.45 22.57 19.95
N ILE A 404 -5.76 23.67 19.63
CA ILE A 404 -4.88 23.72 18.47
C ILE A 404 -3.66 22.83 18.63
N PHE A 405 -3.15 22.69 19.86
CA PHE A 405 -2.09 21.73 20.13
C PHE A 405 -2.55 20.30 19.95
N SER A 406 -3.80 20.00 20.32
CA SER A 406 -4.36 18.67 20.09
C SER A 406 -4.59 18.35 18.61
N ILE A 407 -5.06 19.34 17.85
CA ILE A 407 -5.26 19.19 16.41
C ILE A 407 -3.94 18.89 15.71
N SER A 408 -2.87 19.56 16.15
CA SER A 408 -1.53 19.31 15.64
C SER A 408 -1.05 17.90 15.94
N LEU A 409 -1.37 17.36 17.11
CA LEU A 409 -1.02 15.98 17.45
C LEU A 409 -1.75 14.99 16.58
N ALA A 410 -3.05 15.21 16.35
CA ALA A 410 -3.82 14.32 15.48
C ALA A 410 -3.29 14.32 14.05
N ILE A 411 -2.99 15.51 13.52
CA ILE A 411 -2.48 15.62 12.16
C ILE A 411 -1.07 15.06 12.03
N SER A 412 -0.21 15.34 13.01
CA SER A 412 1.16 14.83 12.98
C SER A 412 1.21 13.32 13.13
N GLY A 413 0.32 12.75 13.95
CA GLY A 413 0.23 11.31 14.06
C GLY A 413 -0.30 10.65 12.83
N LEU A 414 -1.28 11.27 12.15
CA LEU A 414 -1.75 10.77 10.87
C LEU A 414 -0.63 10.73 9.83
N ILE A 415 0.16 11.80 9.76
CA ILE A 415 1.30 11.87 8.84
C ILE A 415 2.33 10.80 9.18
N LEU A 416 2.68 10.68 10.45
CA LEU A 416 3.72 9.75 10.88
C LEU A 416 3.29 8.31 10.67
N PHE A 417 2.01 8.02 10.82
CA PHE A 417 1.54 6.67 10.62
C PHE A 417 1.49 6.32 9.15
N ALA A 418 1.01 7.25 8.33
CA ALA A 418 0.96 7.03 6.89
C ALA A 418 2.35 6.84 6.32
N LEU A 419 3.33 7.60 6.83
CA LEU A 419 4.71 7.45 6.39
C LEU A 419 5.30 6.10 6.78
N LEU A 420 5.03 5.63 7.99
CA LEU A 420 5.58 4.36 8.47
C LEU A 420 4.99 3.18 7.73
N ILE A 421 3.67 3.14 7.57
CA ILE A 421 3.09 1.99 6.88
C ILE A 421 3.34 2.08 5.37
N GLY A 422 3.50 3.28 4.82
CA GLY A 422 3.85 3.39 3.43
C GLY A 422 5.28 3.05 3.14
N ASN A 423 6.19 3.24 4.09
CA ASN A 423 7.55 2.79 3.85
C ASN A 423 7.75 1.34 4.22
N MET A 424 6.86 0.75 5.01
CA MET A 424 6.91 -0.67 5.29
C MET A 424 6.29 -1.49 4.18
N GLN A 425 5.18 -1.03 3.60
CA GLN A 425 4.60 -1.68 2.44
C GLN A 425 5.51 -1.58 1.23
N THR A 426 6.20 -0.46 1.04
CA THR A 426 7.16 -0.32 -0.05
C THR A 426 8.35 -1.26 0.11
N TYR A 427 8.82 -1.48 1.33
CA TYR A 427 9.87 -2.45 1.60
C TYR A 427 9.40 -3.88 1.38
N LEU A 428 8.26 -4.26 1.94
CA LEU A 428 7.74 -5.63 1.83
C LEU A 428 7.32 -6.00 0.42
N GLN A 429 6.79 -5.04 -0.34
CA GLN A 429 6.40 -5.29 -1.72
C GLN A 429 7.60 -5.51 -2.62
N SER A 430 8.67 -4.78 -2.39
CA SER A 430 9.92 -4.99 -3.11
C SER A 430 10.66 -6.23 -2.64
N LEU A 431 10.34 -6.74 -1.47
CA LEU A 431 10.98 -7.94 -0.96
C LEU A 431 10.45 -9.21 -1.60
N THR A 432 9.14 -9.33 -1.75
CA THR A 432 8.50 -10.52 -2.29
C THR A 432 8.04 -10.29 -3.72
N ILE A 433 8.84 -9.60 -4.52
CA ILE A 433 8.41 -9.22 -5.86
C ILE A 433 8.44 -10.41 -6.81
N ARG A 434 9.45 -11.28 -6.70
CA ARG A 434 9.57 -12.45 -7.55
C ARG A 434 8.56 -13.52 -7.20
N LEU A 435 8.25 -13.68 -5.92
CA LEU A 435 7.20 -14.59 -5.49
C LEU A 435 5.83 -14.16 -5.94
N GLU A 436 5.51 -12.88 -5.82
CA GLU A 436 4.25 -12.39 -6.33
C GLU A 436 4.16 -12.45 -7.84
N GLU A 437 5.27 -12.25 -8.56
CA GLU A 437 5.32 -12.49 -9.99
C GLU A 437 5.08 -13.94 -10.35
N MET A 438 5.65 -14.87 -9.59
CA MET A 438 5.37 -16.29 -9.78
C MET A 438 3.92 -16.64 -9.52
N ARG A 439 3.30 -16.00 -8.54
CA ARG A 439 1.90 -16.28 -8.25
C ARG A 439 0.96 -15.68 -9.29
N VAL A 440 1.30 -14.51 -9.84
CA VAL A 440 0.55 -13.95 -10.95
C VAL A 440 0.67 -14.83 -12.19
N LYS A 441 1.89 -15.28 -12.49
CA LYS A 441 2.14 -16.14 -13.63
C LYS A 441 1.47 -17.50 -13.47
N ARG A 442 1.35 -17.97 -12.23
CA ARG A 442 0.70 -19.22 -11.91
C ARG A 442 -0.82 -19.12 -11.99
N ARG A 443 -1.40 -18.00 -11.58
CA ARG A 443 -2.83 -17.76 -11.79
C ARG A 443 -3.19 -17.58 -13.25
N ASP A 444 -2.32 -16.92 -14.03
CA ASP A 444 -2.51 -16.79 -15.47
C ASP A 444 -2.52 -18.13 -16.19
N SER A 445 -1.63 -19.04 -15.81
CA SER A 445 -1.57 -20.34 -16.46
C SER A 445 -2.78 -21.20 -16.14
N GLU A 446 -3.29 -21.11 -14.90
CA GLU A 446 -4.52 -21.82 -14.56
C GLU A 446 -5.70 -21.25 -15.31
N GLN A 447 -5.77 -19.92 -15.43
CA GLN A 447 -6.83 -19.28 -16.20
C GLN A 447 -6.77 -19.68 -17.66
N TRP A 448 -5.58 -19.73 -18.25
CA TRP A 448 -5.45 -20.06 -19.66
C TRP A 448 -5.72 -21.54 -19.91
N MET A 449 -5.28 -22.42 -19.01
CA MET A 449 -5.53 -23.84 -19.18
C MET A 449 -6.98 -24.21 -18.92
N HIS A 450 -7.67 -23.47 -18.07
CA HIS A 450 -9.11 -23.65 -17.91
C HIS A 450 -9.88 -23.09 -19.09
N HIS A 451 -9.41 -21.98 -19.67
CA HIS A 451 -10.10 -21.41 -20.83
C HIS A 451 -9.94 -22.29 -22.05
N ARG A 452 -8.76 -22.87 -22.23
CA ARG A 452 -8.52 -23.69 -23.40
C ARG A 452 -8.96 -25.13 -23.22
N MET A 453 -9.28 -25.52 -21.97
CA MET A 453 -9.65 -26.87 -21.58
C MET A 453 -8.62 -27.90 -22.05
N LEU A 454 -7.42 -27.76 -21.49
CA LEU A 454 -6.36 -28.71 -21.74
C LEU A 454 -6.66 -30.01 -21.01
N PRO A 455 -6.16 -31.12 -21.52
CA PRO A 455 -6.21 -32.37 -20.75
C PRO A 455 -5.36 -32.26 -19.50
N GLN A 456 -5.72 -33.04 -18.48
CA GLN A 456 -5.05 -32.92 -17.20
C GLN A 456 -3.63 -33.45 -17.21
N ASP A 457 -3.29 -34.36 -18.15
CA ASP A 457 -1.90 -34.74 -18.29
C ASP A 457 -1.05 -33.63 -18.88
N LEU A 458 -1.63 -32.77 -19.72
CA LEU A 458 -0.93 -31.60 -20.23
C LEU A 458 -0.95 -30.45 -19.24
N ARG A 459 -1.92 -30.40 -18.34
CA ARG A 459 -1.96 -29.41 -17.29
C ARG A 459 -1.00 -29.72 -16.16
N GLU A 460 -0.74 -30.99 -15.88
CA GLU A 460 0.27 -31.36 -14.91
C GLU A 460 1.68 -31.09 -15.39
N ARG A 461 1.95 -31.28 -16.67
CA ARG A 461 3.26 -30.99 -17.25
C ARG A 461 3.58 -29.50 -17.27
N VAL A 462 2.58 -28.63 -17.27
CA VAL A 462 2.80 -27.20 -17.29
C VAL A 462 3.11 -26.75 -15.87
N ARG A 463 2.30 -27.20 -14.92
CA ARG A 463 2.48 -26.91 -13.50
C ARG A 463 3.81 -27.43 -12.98
N ARG A 464 4.22 -28.60 -13.45
CA ARG A 464 5.46 -29.20 -13.02
C ARG A 464 6.66 -28.40 -13.49
N TYR A 465 6.64 -27.95 -14.75
CA TYR A 465 7.72 -27.13 -15.28
C TYR A 465 7.76 -25.77 -14.61
N ASP A 466 6.62 -25.18 -14.33
CA ASP A 466 6.61 -23.87 -13.69
C ASP A 466 7.12 -23.95 -12.26
N GLN A 467 6.74 -24.99 -11.52
CA GLN A 467 7.27 -25.18 -10.17
C GLN A 467 8.76 -25.49 -10.17
N TYR A 468 9.23 -26.26 -11.15
CA TYR A 468 10.65 -26.56 -11.24
C TYR A 468 11.46 -25.32 -11.60
N LYS A 469 10.96 -24.52 -12.53
CA LYS A 469 11.63 -23.29 -12.92
C LYS A 469 11.64 -22.28 -11.79
N TRP A 470 10.59 -22.23 -10.98
CA TRP A 470 10.61 -21.38 -9.81
C TRP A 470 11.56 -21.88 -8.74
N LEU A 471 11.69 -23.19 -8.57
CA LEU A 471 12.64 -23.74 -7.63
C LEU A 471 14.08 -23.49 -8.02
N GLU A 472 14.40 -23.56 -9.31
CA GLU A 472 15.75 -23.33 -9.75
C GLU A 472 16.11 -21.86 -9.86
N THR A 473 15.29 -21.04 -10.51
CA THR A 473 15.72 -19.71 -10.87
C THR A 473 15.26 -18.67 -9.87
N ARG A 474 14.18 -18.97 -9.14
CA ARG A 474 13.51 -18.05 -8.22
C ARG A 474 13.10 -16.75 -8.89
N GLY A 475 12.67 -16.82 -10.14
CA GLY A 475 12.18 -15.66 -10.84
C GLY A 475 13.24 -14.84 -11.52
N VAL A 476 14.50 -15.17 -11.29
CA VAL A 476 15.63 -14.39 -11.78
C VAL A 476 15.88 -14.74 -13.23
N ASP A 477 15.89 -13.73 -14.08
CA ASP A 477 16.28 -13.86 -15.48
C ASP A 477 17.80 -13.79 -15.53
N GLU A 478 18.44 -14.93 -15.64
CA GLU A 478 19.89 -15.04 -15.60
C GLU A 478 20.56 -14.40 -16.82
N GLU A 479 20.03 -14.61 -18.02
CA GLU A 479 20.63 -14.00 -19.20
C GLU A 479 20.45 -12.49 -19.24
N TYR A 480 19.39 -11.97 -18.67
CA TYR A 480 19.28 -10.52 -18.54
C TYR A 480 20.27 -9.96 -17.52
N LEU A 481 20.55 -10.71 -16.45
CA LEU A 481 21.58 -10.29 -15.50
C LEU A 481 22.95 -10.32 -16.15
N VAL A 482 23.22 -11.35 -16.94
CA VAL A 482 24.54 -11.50 -17.53
C VAL A 482 24.76 -10.46 -18.62
N GLN A 483 23.75 -10.22 -19.46
CA GLN A 483 23.88 -9.25 -20.54
C GLN A 483 24.00 -7.80 -20.07
N ASN A 484 23.73 -7.51 -18.80
CA ASN A 484 23.91 -6.18 -18.24
C ASN A 484 25.22 -6.04 -17.49
N LEU A 485 26.15 -6.91 -17.71
CA LEU A 485 27.45 -6.86 -17.08
C LEU A 485 28.48 -6.35 -18.07
N PRO A 486 29.64 -5.88 -17.61
CA PRO A 486 30.70 -5.52 -18.56
C PRO A 486 31.21 -6.74 -19.29
N LYS A 487 31.75 -6.52 -20.49
CA LYS A 487 32.14 -7.60 -21.38
C LYS A 487 33.25 -8.46 -20.81
N ASP A 488 34.18 -7.85 -20.07
CA ASP A 488 35.21 -8.62 -19.39
C ASP A 488 34.64 -9.45 -18.26
N LEU A 489 33.66 -8.92 -17.53
CA LEU A 489 33.05 -9.64 -16.43
C LEU A 489 32.12 -10.73 -16.94
N ARG A 490 31.40 -10.44 -18.02
CA ARG A 490 30.64 -11.45 -18.76
C ARG A 490 31.51 -12.62 -19.17
N ARG A 491 32.65 -12.33 -19.79
CA ARG A 491 33.52 -13.37 -20.31
C ARG A 491 34.14 -14.20 -19.20
N ASP A 492 34.48 -13.57 -18.08
CA ASP A 492 35.04 -14.33 -16.97
C ASP A 492 33.99 -15.19 -16.26
N ILE A 493 32.78 -14.67 -16.09
CA ILE A 493 31.71 -15.44 -15.47
C ILE A 493 31.29 -16.60 -16.36
N LYS A 494 31.16 -16.36 -17.66
CA LYS A 494 30.81 -17.41 -18.59
C LYS A 494 31.91 -18.44 -18.77
N ARG A 495 33.19 -18.05 -18.73
CA ARG A 495 34.27 -19.02 -18.66
C ARG A 495 34.31 -19.78 -17.35
N HIS A 496 33.82 -19.21 -16.25
CA HIS A 496 33.75 -20.03 -15.05
C HIS A 496 32.62 -21.05 -15.14
N LEU A 497 31.47 -20.64 -15.63
CA LEU A 497 30.30 -21.49 -15.67
C LEU A 497 30.40 -22.60 -16.72
N CYS A 498 30.93 -22.27 -17.91
CA CYS A 498 30.72 -23.10 -19.08
C CYS A 498 31.98 -23.55 -19.80
N LEU A 499 33.17 -23.46 -19.21
CA LEU A 499 34.35 -23.81 -19.99
C LEU A 499 34.65 -25.30 -19.93
N ALA A 500 34.52 -25.91 -18.75
CA ALA A 500 34.73 -27.34 -18.57
C ALA A 500 33.71 -28.17 -19.33
N LEU A 501 32.48 -27.67 -19.49
CA LEU A 501 31.49 -28.32 -20.33
C LEU A 501 31.84 -28.31 -21.80
N VAL A 502 32.28 -27.18 -22.34
CA VAL A 502 32.64 -27.10 -23.75
C VAL A 502 33.96 -27.84 -24.02
N ARG A 503 34.87 -27.86 -23.05
CA ARG A 503 36.15 -28.54 -23.22
C ARG A 503 36.10 -30.01 -22.82
N ARG A 504 34.91 -30.62 -22.88
CA ARG A 504 34.77 -32.07 -22.88
C ARG A 504 34.27 -32.58 -24.23
N VAL A 505 33.75 -31.71 -25.09
CA VAL A 505 33.46 -32.05 -26.48
C VAL A 505 34.79 -32.25 -27.18
N PRO A 506 35.00 -33.37 -27.88
CA PRO A 506 36.31 -33.62 -28.50
C PRO A 506 36.62 -32.71 -29.68
N LEU A 507 35.60 -32.18 -30.35
CA LEU A 507 35.88 -31.27 -31.46
C LEU A 507 36.07 -29.84 -30.95
N PHE A 508 35.65 -29.57 -29.71
CA PHE A 508 35.83 -28.23 -29.14
C PHE A 508 37.05 -28.13 -28.24
N LYS A 509 37.46 -29.22 -27.58
CA LYS A 509 38.59 -29.15 -26.65
C LYS A 509 39.90 -28.91 -27.39
N SER A 510 40.12 -29.60 -28.51
CA SER A 510 41.32 -29.39 -29.28
C SER A 510 41.23 -28.19 -30.22
N MET A 511 40.13 -27.44 -30.19
CA MET A 511 39.90 -26.38 -31.18
C MET A 511 40.77 -25.15 -30.94
N ASP A 512 40.53 -24.43 -29.85
CA ASP A 512 41.01 -23.06 -29.76
C ASP A 512 40.98 -22.64 -28.30
N ASP A 513 41.14 -21.35 -28.07
CA ASP A 513 40.60 -20.65 -26.90
C ASP A 513 39.78 -19.44 -27.29
N LYS A 514 40.19 -18.75 -28.36
CA LYS A 514 39.51 -17.62 -28.98
C LYS A 514 38.05 -17.92 -29.32
N LEU A 515 37.79 -19.03 -29.98
CA LEU A 515 36.46 -19.27 -30.51
C LEU A 515 35.59 -20.07 -29.55
N LEU A 516 36.18 -20.89 -28.68
CA LEU A 516 35.36 -21.52 -27.65
C LEU A 516 34.98 -20.54 -26.55
N ASP A 517 35.76 -19.47 -26.36
CA ASP A 517 35.28 -18.40 -25.48
C ASP A 517 34.22 -17.53 -26.15
N ALA A 518 33.98 -17.71 -27.45
CA ALA A 518 32.82 -17.14 -28.11
C ALA A 518 31.66 -18.13 -28.20
N ILE A 519 31.94 -19.42 -28.07
CA ILE A 519 30.90 -20.43 -27.97
C ILE A 519 30.27 -20.39 -26.59
N CYS A 520 31.08 -20.34 -25.52
CA CYS A 520 30.50 -20.26 -24.19
C CYS A 520 30.21 -18.81 -23.80
N MET A 521 29.56 -18.08 -24.69
CA MET A 521 28.86 -16.84 -24.41
C MET A 521 27.44 -16.93 -24.91
N ARG A 522 27.10 -17.99 -25.66
CA ARG A 522 25.77 -18.25 -26.14
C ARG A 522 25.12 -19.43 -25.45
N LEU A 523 25.81 -20.08 -24.52
CA LEU A 523 25.21 -21.15 -23.75
C LEU A 523 24.20 -20.57 -22.76
N LYS A 524 22.93 -20.87 -22.97
CA LYS A 524 21.84 -20.41 -22.13
C LYS A 524 21.27 -21.59 -21.38
N PRO A 525 20.78 -21.39 -20.15
CA PRO A 525 20.37 -22.53 -19.34
C PRO A 525 19.00 -23.08 -19.70
N CYS A 526 18.93 -24.39 -19.99
CA CYS A 526 17.66 -25.06 -20.14
C CYS A 526 17.32 -25.89 -18.91
N LEU A 527 16.03 -26.15 -18.75
CA LEU A 527 15.50 -26.92 -17.65
C LEU A 527 14.57 -27.98 -18.21
N PHE A 528 14.61 -29.17 -17.64
CA PHE A 528 13.76 -30.27 -18.06
C PHE A 528 13.25 -30.99 -16.83
N THR A 529 11.94 -31.14 -16.74
CA THR A 529 11.34 -31.92 -15.67
C THR A 529 11.48 -33.40 -15.99
N GLU A 530 11.04 -34.26 -15.08
CA GLU A 530 11.24 -35.68 -15.22
C GLU A 530 10.33 -36.22 -16.32
N SER A 531 10.85 -37.21 -17.06
CA SER A 531 10.20 -37.86 -18.21
C SER A 531 9.89 -36.89 -19.34
N THR A 532 10.64 -35.80 -19.45
CA THR A 532 10.56 -34.91 -20.58
C THR A 532 11.42 -35.45 -21.71
N TYR A 533 10.82 -35.60 -22.88
CA TYR A 533 11.55 -36.03 -24.06
C TYR A 533 12.27 -34.83 -24.65
N LEU A 534 13.59 -34.83 -24.51
CA LEU A 534 14.40 -33.71 -25.01
C LEU A 534 14.42 -33.69 -26.52
N VAL A 535 14.51 -34.87 -27.14
CA VAL A 535 14.38 -35.01 -28.58
C VAL A 535 13.85 -36.42 -28.85
N ARG A 536 13.16 -36.55 -29.97
CA ARG A 536 12.67 -37.84 -30.45
C ARG A 536 13.07 -37.95 -31.92
N GLU A 537 13.18 -39.18 -32.41
CA GLU A 537 13.77 -39.42 -33.72
C GLU A 537 12.86 -38.93 -34.84
N GLY A 538 13.46 -38.39 -35.89
CA GLY A 538 12.73 -37.78 -36.97
C GLY A 538 12.57 -36.28 -36.87
N ASP A 539 12.69 -35.72 -35.67
CA ASP A 539 12.61 -34.30 -35.36
C ASP A 539 13.94 -33.62 -35.68
N PRO A 540 13.93 -32.35 -36.06
CA PRO A 540 15.21 -31.68 -36.32
C PRO A 540 15.90 -31.28 -35.02
N VAL A 541 17.16 -31.66 -34.90
CA VAL A 541 18.00 -31.27 -33.78
C VAL A 541 18.27 -29.77 -33.90
N ASP A 542 17.83 -29.02 -32.91
CA ASP A 542 17.96 -27.57 -32.99
C ASP A 542 18.65 -26.95 -31.78
N GLU A 543 19.14 -27.75 -30.84
CA GLU A 543 20.03 -27.24 -29.80
C GLU A 543 20.93 -28.37 -29.31
N MET A 544 22.19 -28.02 -29.08
CA MET A 544 23.12 -28.90 -28.39
C MET A 544 23.07 -28.57 -26.90
N LEU A 545 23.08 -29.63 -26.09
CA LEU A 545 22.85 -29.52 -24.67
C LEU A 545 24.03 -30.10 -23.91
N PHE A 546 24.59 -29.31 -23.01
CA PHE A 546 25.70 -29.69 -22.16
C PHE A 546 25.15 -29.82 -20.75
N ILE A 547 25.12 -31.04 -20.22
CA ILE A 547 24.33 -31.33 -19.03
C ILE A 547 25.05 -30.80 -17.79
N ILE A 548 24.33 -30.05 -16.98
CA ILE A 548 24.81 -29.58 -15.69
C ILE A 548 24.46 -30.57 -14.59
N ARG A 549 23.19 -30.92 -14.48
CA ARG A 549 22.68 -31.63 -13.34
C ARG A 549 21.64 -32.61 -13.85
N GLY A 550 21.33 -33.62 -13.05
CA GLY A 550 20.33 -34.58 -13.39
C GLY A 550 20.80 -35.61 -14.39
N ARG A 551 20.06 -36.70 -14.45
CA ARG A 551 20.45 -37.86 -15.25
C ARG A 551 19.51 -37.95 -16.45
N LEU A 552 19.99 -38.54 -17.54
CA LEU A 552 19.16 -38.66 -18.73
C LEU A 552 19.19 -40.07 -19.28
N GLU A 553 18.67 -40.24 -20.48
CA GLU A 553 18.54 -41.56 -21.07
C GLU A 553 18.64 -41.40 -22.58
N SER A 554 18.97 -42.46 -23.31
CA SER A 554 19.08 -42.37 -24.76
C SER A 554 18.92 -43.74 -25.40
N VAL A 555 17.88 -43.88 -26.22
CA VAL A 555 17.72 -45.07 -27.06
C VAL A 555 17.64 -44.63 -28.51
N THR A 556 17.97 -45.56 -29.41
CA THR A 556 18.05 -45.28 -30.83
C THR A 556 17.53 -46.47 -31.59
N THR A 557 16.55 -46.21 -32.48
CA THR A 557 15.88 -47.19 -33.33
C THR A 557 15.30 -48.38 -32.56
N PHE A 564 15.66 -51.10 -24.94
CA PHE A 564 15.71 -52.39 -25.62
C PHE A 564 16.35 -52.24 -27.00
N PHE A 565 16.94 -51.07 -27.24
CA PHE A 565 17.51 -50.73 -28.54
C PHE A 565 18.89 -50.12 -28.33
N ASN A 566 19.72 -50.79 -27.52
CA ASN A 566 21.08 -50.38 -27.12
C ASN A 566 21.06 -49.01 -26.44
N ARG A 567 20.47 -49.01 -25.24
CA ARG A 567 20.25 -47.79 -24.48
C ARG A 567 21.57 -47.16 -24.04
N SER A 568 21.54 -45.85 -23.85
CA SER A 568 22.72 -45.08 -23.48
C SER A 568 22.30 -44.10 -22.40
N LEU A 569 23.16 -43.96 -21.41
CA LEU A 569 22.89 -43.09 -20.26
C LEU A 569 23.62 -41.78 -20.45
N LEU A 570 23.12 -40.75 -19.76
CA LEU A 570 23.74 -39.43 -19.77
C LEU A 570 23.61 -38.86 -18.37
N LYS A 571 24.68 -38.26 -17.88
CA LYS A 571 24.67 -37.76 -16.52
C LYS A 571 25.49 -36.46 -16.47
N GLU A 572 25.80 -36.02 -15.26
CA GLU A 572 26.36 -34.69 -15.02
C GLU A 572 27.73 -34.51 -15.64
N GLY A 573 27.80 -33.72 -16.71
CA GLY A 573 29.05 -33.37 -17.35
C GLY A 573 29.10 -33.76 -18.82
N GLU A 574 28.38 -34.80 -19.21
CA GLU A 574 28.34 -35.24 -20.59
C GLU A 574 27.47 -34.29 -21.39
N PHE A 575 27.50 -34.44 -22.71
CA PHE A 575 26.68 -33.57 -23.55
C PHE A 575 25.83 -34.42 -24.49
N CYS A 576 25.00 -33.73 -25.27
CA CYS A 576 24.05 -34.38 -26.17
C CYS A 576 23.70 -33.43 -27.30
N GLY A 577 23.86 -33.86 -28.55
CA GLY A 577 23.55 -32.98 -29.65
C GLY A 577 24.67 -32.82 -30.64
N GLU A 578 25.56 -33.81 -30.70
CA GLU A 578 26.68 -33.81 -31.63
C GLU A 578 26.26 -33.97 -33.09
N GLU A 579 25.01 -34.35 -33.36
CA GLU A 579 24.49 -34.34 -34.72
C GLU A 579 24.34 -32.91 -35.24
N LEU A 580 24.18 -31.93 -34.36
CA LEU A 580 24.07 -30.55 -34.78
C LEU A 580 25.42 -29.95 -35.12
N LEU A 581 26.48 -30.45 -34.48
CA LEU A 581 27.80 -29.85 -34.62
C LEU A 581 28.41 -30.15 -35.98
N THR A 582 28.56 -31.43 -36.31
CA THR A 582 29.12 -31.87 -37.58
C THR A 582 28.31 -31.40 -38.76
N TRP A 583 26.98 -31.31 -38.62
CA TRP A 583 26.13 -30.65 -39.60
C TRP A 583 26.49 -29.18 -39.79
N ALA A 584 26.73 -28.44 -38.71
CA ALA A 584 26.93 -27.01 -38.81
C ALA A 584 28.31 -26.60 -39.30
N LEU A 585 29.36 -27.34 -38.97
CA LEU A 585 30.69 -26.99 -39.47
C LEU A 585 30.88 -27.49 -40.90
N ASP A 586 30.08 -28.47 -41.33
CA ASP A 586 30.17 -28.84 -42.73
C ASP A 586 29.47 -27.81 -43.61
N PRO A 587 30.14 -27.33 -44.66
CA PRO A 587 29.49 -26.38 -45.57
C PRO A 587 28.66 -27.08 -46.63
N LYS A 588 28.69 -28.41 -46.65
CA LYS A 588 27.90 -29.15 -47.64
C LYS A 588 26.53 -29.51 -47.07
N SER A 589 25.87 -28.54 -46.44
CA SER A 589 24.55 -28.77 -45.86
C SER A 589 23.54 -27.67 -46.20
N GLY A 590 23.97 -26.42 -46.25
CA GLY A 590 23.04 -25.31 -46.33
C GLY A 590 22.33 -25.13 -45.00
N VAL A 591 21.18 -24.46 -45.06
CA VAL A 591 20.29 -24.36 -43.90
C VAL A 591 19.39 -25.58 -43.97
N ASN A 592 19.88 -26.68 -43.41
CA ASN A 592 19.15 -27.95 -43.42
C ASN A 592 19.32 -28.62 -42.06
N LEU A 593 18.36 -28.40 -41.16
CA LEU A 593 18.44 -28.97 -39.82
C LEU A 593 18.32 -30.49 -39.88
N PRO A 594 19.34 -31.19 -39.41
CA PRO A 594 19.37 -32.64 -39.58
C PRO A 594 18.41 -33.34 -38.63
N SER A 595 18.02 -34.54 -39.03
CA SER A 595 17.07 -35.33 -38.26
C SER A 595 17.76 -35.92 -37.04
N SER A 596 16.96 -36.27 -36.05
CA SER A 596 17.47 -36.89 -34.84
C SER A 596 17.63 -38.39 -35.04
N THR A 597 18.57 -38.95 -34.28
CA THR A 597 18.80 -40.40 -34.29
C THR A 597 18.46 -41.07 -32.97
N ARG A 598 18.23 -40.30 -31.92
CA ARG A 598 18.02 -40.88 -30.61
C ARG A 598 16.75 -40.32 -29.97
N THR A 599 16.21 -41.08 -29.02
CA THR A 599 15.10 -40.63 -28.17
C THR A 599 15.65 -40.42 -26.76
N VAL A 600 15.64 -39.16 -26.31
CA VAL A 600 16.37 -38.74 -25.13
C VAL A 600 15.36 -38.30 -24.09
N LYS A 601 15.23 -39.10 -23.04
CA LYS A 601 14.25 -38.85 -21.98
C LYS A 601 14.95 -38.41 -20.71
N ALA A 602 14.48 -37.33 -20.12
CA ALA A 602 15.00 -36.85 -18.86
C ALA A 602 14.60 -37.81 -17.74
N LEU A 603 15.58 -38.49 -17.17
CA LEU A 603 15.30 -39.43 -16.09
C LEU A 603 15.06 -38.75 -14.76
N THR A 604 15.58 -37.54 -14.58
CA THR A 604 15.46 -36.77 -13.37
C THR A 604 15.12 -35.35 -13.81
N GLU A 605 15.10 -34.40 -12.90
CA GLU A 605 15.07 -33.00 -13.27
C GLU A 605 16.46 -32.59 -13.74
N VAL A 606 16.54 -32.03 -14.93
CA VAL A 606 17.80 -31.77 -15.62
C VAL A 606 18.01 -30.27 -15.73
N GLU A 607 19.22 -29.82 -15.44
CA GLU A 607 19.72 -28.52 -15.89
C GLU A 607 20.70 -28.78 -17.03
N ALA A 608 20.77 -27.85 -17.97
CA ALA A 608 21.73 -27.95 -19.05
C ALA A 608 22.12 -26.55 -19.49
N PHE A 609 23.07 -26.48 -20.42
CA PHE A 609 23.38 -25.26 -21.14
C PHE A 609 23.14 -25.53 -22.62
N ALA A 610 22.33 -24.70 -23.25
CA ALA A 610 21.86 -24.96 -24.60
C ALA A 610 22.57 -24.06 -25.60
N LEU A 611 23.01 -24.66 -26.70
CA LEU A 611 23.57 -23.92 -27.83
C LEU A 611 22.69 -24.20 -29.03
N THR A 612 21.87 -23.24 -29.42
CA THR A 612 20.91 -23.46 -30.49
C THR A 612 21.60 -23.48 -31.86
N SER A 613 20.78 -23.69 -32.89
CA SER A 613 21.32 -23.88 -34.24
C SER A 613 21.87 -22.59 -34.80
N GLU A 614 21.07 -21.52 -34.81
CA GLU A 614 21.53 -20.24 -35.36
C GLU A 614 22.62 -19.59 -34.53
N GLU A 615 22.79 -19.98 -33.27
CA GLU A 615 23.97 -19.56 -32.52
C GLU A 615 25.16 -20.49 -32.74
N LEU A 616 24.94 -21.63 -33.39
CA LEU A 616 26.05 -22.50 -33.76
C LEU A 616 26.56 -22.22 -35.17
N LYS A 617 25.72 -21.68 -36.05
CA LYS A 617 26.20 -21.26 -37.37
C LYS A 617 27.12 -20.06 -37.26
N PHE A 618 26.90 -19.18 -36.29
CA PHE A 618 27.75 -18.01 -36.13
C PHE A 618 29.14 -18.38 -35.67
N VAL A 619 29.27 -19.44 -34.87
CA VAL A 619 30.58 -19.89 -34.43
C VAL A 619 31.16 -20.90 -35.41
N ALA A 620 30.34 -21.44 -36.31
CA ALA A 620 30.87 -22.29 -37.36
C ALA A 620 31.31 -21.50 -38.58
N SER A 621 30.82 -20.27 -38.73
CA SER A 621 31.22 -19.40 -39.82
C SER A 621 32.45 -18.56 -39.47
N GLN A 622 33.20 -18.95 -38.45
CA GLN A 622 34.47 -18.31 -38.12
C GLN A 622 35.66 -19.09 -38.67
N PHE A 623 35.51 -19.67 -39.85
CA PHE A 623 36.61 -20.38 -40.51
C PHE A 623 36.72 -19.94 -41.97
N LYS B 95 -36.58 -33.91 -21.64
CA LYS B 95 -36.40 -33.41 -20.28
C LYS B 95 -35.86 -31.98 -20.35
N LYS B 96 -35.28 -31.65 -21.50
CA LYS B 96 -34.70 -30.34 -21.82
C LYS B 96 -33.61 -29.94 -20.83
N ILE B 97 -32.51 -30.69 -20.78
CA ILE B 97 -31.36 -30.35 -19.96
C ILE B 97 -30.69 -29.10 -20.53
N PHE B 98 -30.52 -28.09 -19.69
CA PHE B 98 -30.16 -26.73 -20.11
C PHE B 98 -28.70 -26.68 -20.57
N ASP B 99 -28.42 -25.72 -21.46
CA ASP B 99 -27.06 -25.37 -21.86
C ASP B 99 -26.55 -24.23 -21.00
N PRO B 100 -25.26 -24.25 -20.60
CA PRO B 100 -24.80 -23.40 -19.49
C PRO B 100 -24.77 -21.90 -19.77
N GLN B 101 -24.74 -21.48 -21.03
CA GLN B 101 -24.79 -20.06 -21.36
C GLN B 101 -26.14 -19.63 -21.92
N ASP B 102 -27.22 -20.25 -21.44
CA ASP B 102 -28.56 -19.77 -21.73
C ASP B 102 -28.80 -18.46 -21.00
N LYS B 103 -29.67 -17.62 -21.56
CA LYS B 103 -29.97 -16.35 -20.92
C LYS B 103 -30.94 -16.55 -19.76
N PHE B 104 -31.68 -17.66 -19.75
CA PHE B 104 -32.49 -17.98 -18.59
C PHE B 104 -31.63 -18.38 -17.40
N LEU B 105 -30.49 -19.03 -17.65
CA LEU B 105 -29.49 -19.24 -16.61
C LEU B 105 -28.45 -18.13 -16.64
N LEU B 106 -28.97 -16.90 -16.73
CA LEU B 106 -28.21 -15.69 -16.48
C LEU B 106 -28.97 -14.75 -15.57
N TYR B 107 -30.31 -14.81 -15.56
CA TYR B 107 -31.13 -14.15 -14.56
C TYR B 107 -31.43 -15.05 -13.37
N CYS B 108 -31.45 -16.37 -13.58
CA CYS B 108 -31.51 -17.34 -12.49
C CYS B 108 -30.12 -17.62 -11.91
N ASN B 109 -29.12 -16.85 -12.36
CA ASN B 109 -27.94 -16.61 -11.55
C ASN B 109 -27.68 -15.12 -11.33
N LYS B 110 -28.66 -14.25 -11.58
CA LYS B 110 -28.60 -12.83 -11.23
C LYS B 110 -29.43 -12.49 -10.01
N LEU B 111 -30.66 -13.01 -9.91
CA LEU B 111 -31.49 -12.89 -8.71
C LEU B 111 -31.27 -14.10 -7.81
N PHE B 112 -30.19 -14.83 -8.07
CA PHE B 112 -29.73 -15.94 -7.26
C PHE B 112 -28.58 -15.58 -6.35
N VAL B 113 -27.53 -14.92 -6.86
CA VAL B 113 -26.46 -14.43 -6.00
C VAL B 113 -26.97 -13.30 -5.11
N ALA B 114 -28.04 -12.60 -5.51
CA ALA B 114 -28.70 -11.66 -4.61
C ALA B 114 -29.37 -12.39 -3.46
N SER B 115 -29.89 -13.59 -3.72
CA SER B 115 -30.45 -14.40 -2.64
C SER B 115 -29.36 -14.95 -1.74
N CYS B 116 -28.21 -15.29 -2.31
CA CYS B 116 -27.08 -15.71 -1.48
C CYS B 116 -26.49 -14.56 -0.67
N ILE B 117 -26.61 -13.33 -1.15
CA ILE B 117 -26.17 -12.17 -0.39
C ILE B 117 -27.18 -11.84 0.71
N LEU B 118 -28.47 -11.87 0.41
CA LEU B 118 -29.47 -11.49 1.40
C LEU B 118 -29.72 -12.59 2.43
N SER B 119 -29.21 -13.79 2.21
CA SER B 119 -29.38 -14.88 3.16
C SER B 119 -28.42 -14.78 4.35
N VAL B 120 -27.23 -14.20 4.17
CA VAL B 120 -26.31 -14.04 5.29
C VAL B 120 -26.59 -12.77 6.09
N PHE B 121 -27.61 -11.99 5.70
CA PHE B 121 -28.10 -10.89 6.51
C PHE B 121 -29.28 -11.27 7.37
N VAL B 122 -29.91 -12.42 7.09
CA VAL B 122 -31.12 -12.81 7.80
C VAL B 122 -30.79 -13.71 9.00
N ASP B 123 -29.73 -14.51 8.91
CA ASP B 123 -29.29 -15.32 10.03
C ASP B 123 -28.93 -14.57 11.33
N PRO B 124 -28.42 -13.33 11.32
CA PRO B 124 -28.31 -12.61 12.60
C PRO B 124 -29.63 -12.24 13.24
N PHE B 125 -30.74 -12.23 12.53
CA PHE B 125 -32.00 -11.82 13.13
C PHE B 125 -32.61 -12.87 14.05
N PHE B 126 -32.11 -14.10 14.00
CA PHE B 126 -32.48 -15.12 14.96
C PHE B 126 -31.81 -14.91 16.31
N PHE B 127 -30.80 -14.06 16.38
CA PHE B 127 -30.08 -13.79 17.60
C PHE B 127 -30.78 -12.74 18.44
N TYR B 128 -31.73 -12.01 17.86
CA TYR B 128 -32.52 -11.03 18.61
C TYR B 128 -33.82 -11.62 19.11
N LEU B 129 -33.99 -12.93 19.05
CA LEU B 129 -35.17 -13.58 19.58
C LEU B 129 -35.32 -13.53 21.11
N PRO B 130 -34.30 -13.80 21.94
CA PRO B 130 -34.53 -13.68 23.38
C PRO B 130 -34.63 -12.24 23.83
N VAL B 131 -35.65 -11.96 24.62
CA VAL B 131 -35.87 -10.65 25.21
C VAL B 131 -36.01 -10.82 26.71
N ILE B 132 -36.07 -9.72 27.43
CA ILE B 132 -36.40 -9.72 28.85
C ILE B 132 -37.68 -8.94 29.00
N ASN B 133 -38.70 -9.57 29.59
CA ASN B 133 -39.91 -8.85 29.92
C ASN B 133 -39.73 -8.13 31.24
N ALA B 134 -39.45 -6.81 31.17
CA ALA B 134 -39.14 -6.05 32.38
C ALA B 134 -40.34 -5.83 33.29
N GLU B 135 -41.56 -6.00 32.77
CA GLU B 135 -42.73 -5.98 33.64
C GLU B 135 -42.72 -7.17 34.59
N SER B 136 -42.58 -8.38 34.04
CA SER B 136 -42.67 -9.60 34.83
C SER B 136 -41.32 -10.09 35.33
N LYS B 137 -40.23 -9.49 34.87
CA LYS B 137 -38.84 -9.92 35.17
C LYS B 137 -38.63 -11.39 34.80
N CYS B 138 -39.08 -11.73 33.60
CA CYS B 138 -38.91 -13.08 33.06
C CYS B 138 -38.17 -12.97 31.73
N LEU B 139 -37.52 -14.06 31.35
CA LEU B 139 -36.81 -14.13 30.08
C LEU B 139 -37.73 -14.74 29.06
N GLY B 140 -37.92 -14.06 27.94
CA GLY B 140 -38.88 -14.54 26.97
C GLY B 140 -38.30 -14.70 25.58
N ILE B 141 -39.18 -14.80 24.60
CA ILE B 141 -38.82 -14.87 23.19
C ILE B 141 -39.71 -13.88 22.44
N ASP B 142 -39.10 -13.04 21.62
CA ASP B 142 -39.83 -12.23 20.66
C ASP B 142 -40.49 -13.14 19.63
N ARG B 143 -41.82 -13.09 19.55
CA ARG B 143 -42.56 -14.02 18.70
C ARG B 143 -42.81 -13.48 17.30
N LYS B 144 -43.20 -12.22 17.18
CA LYS B 144 -43.25 -11.59 15.86
C LYS B 144 -41.93 -10.97 15.45
N LEU B 145 -40.85 -11.69 15.70
CA LEU B 145 -39.55 -11.52 15.06
C LEU B 145 -39.11 -12.94 14.75
N ALA B 146 -39.66 -13.89 15.51
CA ALA B 146 -39.45 -15.30 15.26
C ALA B 146 -40.16 -15.76 14.01
N ILE B 147 -41.44 -15.40 13.86
CA ILE B 147 -42.14 -15.70 12.61
C ILE B 147 -41.55 -14.90 11.45
N THR B 148 -41.04 -13.70 11.73
CA THR B 148 -40.49 -12.85 10.68
C THR B 148 -39.19 -13.40 10.13
N ALA B 149 -38.26 -13.77 11.00
CA ALA B 149 -37.01 -14.37 10.57
C ALA B 149 -37.19 -15.77 10.04
N SER B 150 -38.18 -16.53 10.50
CA SER B 150 -38.40 -17.86 9.96
C SER B 150 -39.03 -17.78 8.57
N THR B 151 -40.00 -16.88 8.41
CA THR B 151 -40.63 -16.62 7.11
C THR B 151 -39.64 -16.07 6.10
N LEU B 152 -38.81 -15.10 6.49
CA LEU B 152 -37.91 -14.50 5.52
C LEU B 152 -36.69 -15.34 5.25
N ARG B 153 -36.44 -16.39 6.04
CA ARG B 153 -35.37 -17.30 5.65
C ARG B 153 -35.92 -18.47 4.84
N THR B 154 -37.14 -18.92 5.15
CA THR B 154 -37.76 -19.95 4.32
C THR B 154 -38.12 -19.42 2.93
N PHE B 155 -38.64 -18.20 2.83
CA PHE B 155 -38.97 -17.60 1.53
C PHE B 155 -37.75 -17.24 0.69
N ILE B 156 -36.54 -17.43 1.20
CA ILE B 156 -35.34 -17.41 0.40
C ILE B 156 -34.85 -18.82 0.10
N ASP B 157 -35.01 -19.75 1.03
CA ASP B 157 -34.46 -21.08 0.78
C ASP B 157 -35.30 -21.97 -0.13
N VAL B 158 -36.63 -21.84 -0.16
CA VAL B 158 -37.33 -22.60 -1.22
C VAL B 158 -37.33 -21.83 -2.53
N PHE B 159 -36.96 -20.54 -2.52
CA PHE B 159 -36.60 -19.91 -3.78
C PHE B 159 -35.24 -20.40 -4.26
N TYR B 160 -34.34 -20.67 -3.32
CA TYR B 160 -33.08 -21.32 -3.60
C TYR B 160 -33.24 -22.77 -4.04
N LEU B 161 -34.32 -23.44 -3.62
CA LEU B 161 -34.58 -24.82 -4.00
C LEU B 161 -34.92 -24.99 -5.49
N ALA B 162 -35.08 -23.88 -6.22
CA ALA B 162 -35.18 -23.87 -7.68
C ALA B 162 -33.83 -23.55 -8.32
N HIS B 163 -32.75 -23.97 -7.69
CA HIS B 163 -31.40 -23.88 -8.25
C HIS B 163 -30.69 -25.22 -8.33
N MET B 164 -30.80 -26.06 -7.30
CA MET B 164 -30.37 -27.45 -7.44
C MET B 164 -31.44 -28.31 -8.08
N ALA B 165 -32.59 -27.73 -8.42
CA ALA B 165 -33.55 -28.31 -9.33
C ALA B 165 -33.39 -27.77 -10.75
N LEU B 166 -32.35 -26.97 -10.98
CA LEU B 166 -32.06 -26.43 -12.30
C LEU B 166 -30.63 -26.67 -12.75
N GLN B 167 -29.75 -26.90 -11.77
CA GLN B 167 -28.37 -27.25 -12.08
C GLN B 167 -28.55 -28.74 -12.10
N LEU B 168 -29.74 -29.18 -11.74
CA LEU B 168 -30.02 -30.59 -11.92
C LEU B 168 -30.05 -30.75 -13.43
N ARG B 169 -30.70 -29.80 -14.12
CA ARG B 169 -30.74 -29.81 -15.58
C ARG B 169 -29.58 -28.99 -16.08
N THR B 170 -28.37 -29.51 -16.02
CA THR B 170 -27.27 -28.68 -16.42
C THR B 170 -26.26 -29.36 -17.30
N ALA B 171 -25.80 -28.63 -18.30
CA ALA B 171 -24.70 -29.18 -19.07
C ALA B 171 -23.38 -28.63 -18.55
N TYR B 172 -22.28 -29.20 -19.01
CA TYR B 172 -20.96 -28.71 -18.65
C TYR B 172 -20.05 -28.82 -19.88
N ILE B 173 -18.79 -28.46 -19.70
CA ILE B 173 -17.81 -28.43 -20.78
C ILE B 173 -16.63 -29.31 -20.39
N ALA B 174 -16.25 -30.22 -21.30
CA ALA B 174 -15.22 -31.22 -21.01
C ALA B 174 -14.10 -31.11 -22.03
N PRO B 175 -12.85 -31.44 -21.66
CA PRO B 175 -11.75 -31.29 -22.61
C PRO B 175 -11.72 -32.38 -23.67
N SER B 176 -11.56 -31.95 -24.91
CA SER B 176 -11.43 -32.83 -26.07
C SER B 176 -10.86 -32.05 -27.24
N SER B 177 -10.26 -32.78 -28.19
CA SER B 177 -9.73 -32.17 -29.41
C SER B 177 -10.66 -32.38 -30.61
N ARG B 178 -11.81 -33.02 -30.40
CA ARG B 178 -12.81 -33.26 -31.43
C ARG B 178 -13.69 -32.04 -31.65
N VAL B 179 -13.70 -31.13 -30.68
CA VAL B 179 -14.80 -30.20 -30.44
C VAL B 179 -14.89 -29.07 -31.47
N PHE B 180 -13.72 -28.60 -31.95
CA PHE B 180 -13.48 -27.37 -32.74
C PHE B 180 -13.83 -26.08 -31.99
N GLY B 181 -14.37 -26.16 -30.78
CA GLY B 181 -14.99 -25.03 -30.13
C GLY B 181 -14.82 -24.98 -28.63
N ARG B 182 -13.73 -25.58 -28.13
CA ARG B 182 -13.20 -25.57 -26.76
C ARG B 182 -14.00 -26.41 -25.77
N GLY B 183 -14.84 -27.34 -26.22
CA GLY B 183 -15.51 -28.24 -25.28
C GLY B 183 -16.81 -28.87 -25.74
N GLU B 184 -17.10 -30.06 -25.19
CA GLU B 184 -18.34 -30.79 -25.45
C GLU B 184 -19.39 -30.28 -24.49
N LEU B 185 -20.64 -30.24 -24.92
CA LEU B 185 -21.75 -30.08 -23.99
C LEU B 185 -22.44 -31.42 -23.79
N VAL B 186 -22.67 -31.79 -22.52
CA VAL B 186 -23.24 -33.09 -22.16
C VAL B 186 -24.62 -32.81 -21.58
N ILE B 187 -25.66 -33.02 -22.38
CA ILE B 187 -27.02 -32.94 -21.88
C ILE B 187 -27.59 -34.32 -21.59
N ASP B 188 -26.73 -35.32 -21.46
CA ASP B 188 -27.14 -36.65 -21.07
C ASP B 188 -27.40 -36.67 -19.56
N PRO B 189 -28.58 -37.05 -19.11
CA PRO B 189 -28.91 -36.89 -17.68
C PRO B 189 -28.34 -37.96 -16.75
N ALA B 190 -27.64 -38.97 -17.27
CA ALA B 190 -27.23 -40.12 -16.46
C ALA B 190 -26.01 -39.88 -15.58
N GLN B 191 -25.15 -38.91 -15.94
CA GLN B 191 -23.90 -38.69 -15.21
C GLN B 191 -23.69 -37.22 -14.85
N ILE B 192 -24.49 -36.31 -15.42
CA ILE B 192 -24.48 -34.92 -14.98
C ILE B 192 -25.04 -34.79 -13.56
N ALA B 193 -25.82 -35.79 -13.12
CA ALA B 193 -26.24 -35.87 -11.73
C ALA B 193 -25.05 -36.05 -10.80
N LYS B 194 -24.09 -36.88 -11.19
CA LYS B 194 -22.86 -37.03 -10.39
C LYS B 194 -21.95 -35.82 -10.56
N ARG B 195 -21.97 -35.21 -11.76
CA ARG B 195 -21.26 -33.95 -12.00
C ARG B 195 -21.71 -32.84 -11.05
N TYR B 196 -23.01 -32.79 -10.73
CA TYR B 196 -23.46 -31.86 -9.71
C TYR B 196 -23.19 -32.41 -8.31
N LEU B 197 -23.59 -33.64 -8.02
CA LEU B 197 -23.55 -34.20 -6.68
C LEU B 197 -22.26 -34.96 -6.40
N GLN B 198 -21.10 -34.45 -6.84
CA GLN B 198 -19.86 -34.98 -6.29
C GLN B 198 -19.07 -34.00 -5.44
N ARG B 199 -19.07 -32.69 -5.71
CA ARG B 199 -18.36 -31.77 -4.83
C ARG B 199 -19.19 -30.58 -4.38
N TRP B 200 -20.01 -30.00 -5.25
CA TRP B 200 -20.68 -28.75 -4.95
C TRP B 200 -22.17 -28.99 -4.74
N PHE B 201 -22.49 -30.11 -4.10
CA PHE B 201 -23.84 -30.35 -3.61
C PHE B 201 -23.93 -30.33 -2.10
N ILE B 202 -22.93 -30.85 -1.39
CA ILE B 202 -23.03 -30.96 0.06
C ILE B 202 -22.95 -29.57 0.72
N ILE B 203 -22.09 -28.69 0.21
CA ILE B 203 -22.01 -27.31 0.71
C ILE B 203 -23.27 -26.54 0.39
N ASP B 204 -23.95 -26.86 -0.71
CA ASP B 204 -25.16 -26.14 -1.07
C ASP B 204 -26.39 -26.80 -0.46
N PHE B 205 -26.29 -28.08 -0.06
CA PHE B 205 -27.41 -28.72 0.61
C PHE B 205 -27.42 -28.40 2.11
N LEU B 206 -26.25 -28.20 2.71
CA LEU B 206 -26.22 -27.82 4.12
C LEU B 206 -26.38 -26.32 4.32
N SER B 207 -27.28 -25.69 3.55
CA SER B 207 -27.62 -24.28 3.69
C SER B 207 -29.10 -24.02 3.54
N VAL B 208 -29.84 -24.88 2.83
CA VAL B 208 -31.28 -24.75 2.71
C VAL B 208 -32.00 -25.53 3.80
N LEU B 209 -31.26 -26.17 4.70
CA LEU B 209 -31.81 -26.95 5.80
C LEU B 209 -32.52 -26.03 6.77
N PRO B 210 -33.79 -26.28 7.06
CA PRO B 210 -34.48 -25.41 8.03
C PRO B 210 -34.14 -25.77 9.47
N LEU B 211 -32.87 -25.61 9.83
CA LEU B 211 -32.43 -25.85 11.19
C LEU B 211 -32.81 -24.72 12.14
N PRO B 212 -32.63 -23.41 11.83
CA PRO B 212 -33.19 -22.40 12.74
C PRO B 212 -34.67 -22.14 12.55
N GLN B 213 -35.39 -22.91 11.75
CA GLN B 213 -36.83 -22.76 11.66
C GLN B 213 -37.58 -23.82 12.46
N ILE B 214 -36.92 -24.93 12.80
CA ILE B 214 -37.54 -25.97 13.61
C ILE B 214 -37.25 -25.76 15.09
N VAL B 215 -36.24 -24.96 15.40
CA VAL B 215 -36.04 -24.49 16.76
C VAL B 215 -37.18 -23.57 17.17
N VAL B 216 -37.59 -22.69 16.26
CA VAL B 216 -38.74 -21.82 16.49
C VAL B 216 -40.06 -22.55 16.52
N TRP B 217 -40.14 -23.72 15.87
CA TRP B 217 -41.41 -24.39 15.57
C TRP B 217 -42.13 -24.93 16.80
N ARG B 218 -41.49 -25.74 17.63
CA ARG B 218 -42.16 -26.36 18.76
C ARG B 218 -42.22 -25.45 19.98
N PHE B 219 -41.61 -24.26 19.90
CA PHE B 219 -41.84 -23.22 20.89
C PHE B 219 -43.10 -22.41 20.62
N LEU B 220 -43.31 -21.93 19.40
CA LEU B 220 -44.48 -21.09 19.16
C LEU B 220 -45.78 -21.87 19.00
N GLN B 221 -45.75 -23.20 19.03
CA GLN B 221 -46.97 -23.98 18.93
C GLN B 221 -47.33 -24.59 20.27
N SER B 222 -47.17 -23.83 21.36
CA SER B 222 -47.47 -24.34 22.69
C SER B 222 -48.09 -23.28 23.58
N SER B 223 -48.70 -23.72 24.68
CA SER B 223 -49.20 -22.84 25.74
C SER B 223 -48.42 -23.06 27.03
N ASN B 224 -47.16 -23.47 26.91
CA ASN B 224 -46.30 -23.77 28.04
C ASN B 224 -45.03 -22.95 27.92
N GLY B 225 -44.56 -22.43 29.05
CA GLY B 225 -43.40 -21.54 29.03
C GLY B 225 -42.08 -22.28 29.17
N SER B 226 -42.13 -23.60 29.30
CA SER B 226 -40.93 -24.39 29.55
C SER B 226 -39.86 -24.43 28.45
N ASP B 227 -40.26 -24.06 27.23
CA ASP B 227 -39.34 -24.10 26.10
C ASP B 227 -38.51 -22.90 25.66
N VAL B 228 -38.58 -21.80 26.41
CA VAL B 228 -37.70 -20.65 26.22
C VAL B 228 -36.24 -21.02 26.36
N LEU B 229 -35.91 -21.98 27.24
CA LEU B 229 -34.56 -22.51 27.37
C LEU B 229 -34.05 -23.16 26.09
N ALA B 230 -34.84 -24.03 25.46
CA ALA B 230 -34.36 -24.81 24.33
C ALA B 230 -34.21 -23.96 23.08
N THR B 231 -35.09 -22.97 22.89
CA THR B 231 -34.99 -22.08 21.74
C THR B 231 -33.73 -21.22 21.82
N LYS B 232 -33.41 -20.71 23.01
CA LYS B 232 -32.19 -19.94 23.20
C LYS B 232 -30.95 -20.83 23.18
N GLN B 233 -31.09 -22.09 23.62
CA GLN B 233 -29.98 -23.04 23.61
C GLN B 233 -29.57 -23.43 22.20
N ALA B 234 -30.53 -23.77 21.35
CA ALA B 234 -30.28 -24.22 19.99
C ALA B 234 -30.40 -23.11 18.95
N LEU B 235 -29.74 -21.96 19.15
CA LEU B 235 -29.64 -20.98 18.08
C LEU B 235 -28.26 -20.38 17.91
N LEU B 236 -27.42 -20.35 18.95
CA LEU B 236 -26.07 -19.80 18.80
C LEU B 236 -25.22 -20.68 17.92
N PHE B 237 -25.05 -21.94 18.30
CA PHE B 237 -24.13 -22.83 17.61
C PHE B 237 -24.65 -23.34 16.27
N ILE B 238 -25.97 -23.45 16.09
CA ILE B 238 -26.48 -23.88 14.79
C ILE B 238 -26.27 -22.80 13.73
N VAL B 239 -26.55 -21.54 14.07
CA VAL B 239 -26.28 -20.47 13.11
C VAL B 239 -24.77 -20.28 12.96
N LEU B 240 -24.01 -20.48 14.02
CA LEU B 240 -22.55 -20.35 13.95
C LEU B 240 -21.90 -21.43 13.08
N VAL B 241 -22.47 -22.64 13.05
CA VAL B 241 -21.90 -23.67 12.17
C VAL B 241 -22.52 -23.67 10.78
N GLN B 242 -23.72 -23.14 10.61
CA GLN B 242 -24.29 -23.00 9.28
C GLN B 242 -23.81 -21.73 8.58
N TYR B 243 -23.08 -20.86 9.29
CA TYR B 243 -22.35 -19.78 8.63
C TYR B 243 -21.36 -20.31 7.61
N ILE B 244 -20.70 -21.43 7.91
CA ILE B 244 -19.65 -21.94 7.01
C ILE B 244 -20.19 -22.39 5.66
N PRO B 245 -21.28 -23.21 5.55
CA PRO B 245 -21.80 -23.48 4.20
C PRO B 245 -22.47 -22.28 3.55
N ARG B 246 -23.02 -21.37 4.33
CA ARG B 246 -23.70 -20.22 3.73
C ARG B 246 -22.72 -19.13 3.31
N PHE B 247 -21.54 -19.06 3.92
CA PHE B 247 -20.51 -18.16 3.42
C PHE B 247 -19.59 -18.83 2.42
N LEU B 248 -19.60 -20.15 2.31
CA LEU B 248 -18.84 -20.81 1.26
C LEU B 248 -19.60 -20.87 -0.07
N ARG B 249 -20.91 -20.67 -0.07
CA ARG B 249 -21.66 -20.59 -1.31
C ARG B 249 -21.80 -19.15 -1.80
N VAL B 250 -21.09 -18.20 -1.19
CA VAL B 250 -20.98 -16.84 -1.68
C VAL B 250 -19.54 -16.47 -2.01
N LEU B 251 -18.58 -17.29 -1.57
CA LEU B 251 -17.16 -17.09 -1.80
C LEU B 251 -16.75 -17.16 -3.28
N PRO B 252 -17.17 -18.20 -4.10
CA PRO B 252 -16.75 -18.18 -5.52
C PRO B 252 -17.41 -17.07 -6.33
N LEU B 253 -18.57 -16.60 -5.85
CA LEU B 253 -19.32 -15.57 -6.55
C LEU B 253 -18.97 -14.17 -6.06
N THR B 254 -18.08 -14.04 -5.07
CA THR B 254 -17.62 -12.72 -4.65
C THR B 254 -16.11 -12.57 -4.80
N SER B 255 -15.34 -13.49 -4.23
CA SER B 255 -13.88 -13.35 -4.22
C SER B 255 -13.25 -13.61 -5.58
N GLU B 256 -13.98 -14.22 -6.51
CA GLU B 256 -13.55 -14.33 -7.89
C GLU B 256 -14.37 -13.49 -8.85
N LEU B 257 -15.39 -12.80 -8.36
CA LEU B 257 -16.11 -11.80 -9.15
C LEU B 257 -15.63 -10.40 -8.77
N LYS B 258 -14.66 -10.37 -7.87
CA LYS B 258 -13.91 -9.14 -7.59
C LYS B 258 -12.55 -9.20 -8.28
N ARG B 259 -12.01 -10.42 -8.45
CA ARG B 259 -10.77 -10.58 -9.20
C ARG B 259 -10.96 -10.36 -10.69
N THR B 260 -12.00 -10.93 -11.28
CA THR B 260 -12.33 -10.66 -12.69
C THR B 260 -13.79 -10.27 -12.74
N ALA B 261 -14.08 -8.99 -12.54
CA ALA B 261 -15.43 -8.47 -12.46
C ALA B 261 -16.11 -8.55 -13.82
N GLY B 262 -17.44 -8.55 -13.79
CA GLY B 262 -18.22 -8.78 -15.01
C GLY B 262 -18.92 -7.57 -15.58
N VAL B 263 -19.43 -6.68 -14.72
CA VAL B 263 -20.27 -5.58 -15.19
C VAL B 263 -19.75 -4.23 -14.73
N PHE B 264 -18.50 -4.14 -14.28
CA PHE B 264 -18.00 -2.88 -13.72
C PHE B 264 -16.57 -2.58 -14.21
N ALA B 265 -16.34 -1.31 -14.59
CA ALA B 265 -15.01 -0.91 -15.05
C ALA B 265 -14.49 0.39 -14.46
N GLU B 266 -15.33 1.40 -14.22
CA GLU B 266 -14.91 2.78 -14.49
C GLU B 266 -14.60 3.62 -13.25
N THR B 267 -15.17 3.27 -12.10
CA THR B 267 -15.11 4.22 -10.98
C THR B 267 -14.97 3.44 -9.67
N ALA B 268 -15.33 4.09 -8.57
CA ALA B 268 -15.33 3.46 -7.24
C ALA B 268 -16.77 3.34 -6.79
N TRP B 269 -17.43 2.27 -7.24
CA TRP B 269 -18.74 1.89 -6.77
C TRP B 269 -18.85 0.40 -6.55
N ALA B 270 -17.75 -0.33 -6.65
CA ALA B 270 -17.73 -1.75 -6.36
C ALA B 270 -16.47 -2.20 -5.62
N GLY B 271 -15.58 -1.28 -5.27
CA GLY B 271 -14.38 -1.64 -4.55
C GLY B 271 -14.31 -0.98 -3.19
N ALA B 272 -14.85 0.22 -3.09
CA ALA B 272 -15.04 0.86 -1.80
C ALA B 272 -16.41 0.56 -1.23
N ALA B 273 -17.44 0.57 -2.07
CA ALA B 273 -18.81 0.28 -1.67
C ALA B 273 -19.08 -1.22 -1.60
N TYR B 274 -18.06 -2.04 -1.70
CA TYR B 274 -18.15 -3.45 -1.36
C TYR B 274 -17.45 -3.77 -0.06
N TYR B 275 -16.27 -3.20 0.19
CA TYR B 275 -15.56 -3.41 1.43
C TYR B 275 -16.05 -2.51 2.54
N LEU B 276 -16.92 -1.56 2.25
CA LEU B 276 -17.65 -0.86 3.30
C LEU B 276 -18.96 -1.50 3.66
N LEU B 277 -19.59 -2.25 2.75
CA LEU B 277 -20.74 -3.06 3.10
C LEU B 277 -20.35 -4.44 3.56
N LEU B 278 -19.08 -4.80 3.47
CA LEU B 278 -18.55 -5.93 4.19
C LEU B 278 -18.34 -5.65 5.66
N TYR B 279 -17.97 -4.43 6.01
CA TYR B 279 -18.07 -3.92 7.38
C TYR B 279 -19.48 -3.93 7.93
N MET B 280 -20.47 -3.53 7.13
CA MET B 280 -21.83 -3.43 7.64
C MET B 280 -22.47 -4.79 7.81
N LEU B 281 -22.06 -5.78 7.04
CA LEU B 281 -22.46 -7.16 7.26
C LEU B 281 -21.83 -7.75 8.49
N ALA B 282 -20.52 -7.54 8.68
CA ALA B 282 -19.83 -8.11 9.82
C ALA B 282 -20.27 -7.45 11.11
N SER B 283 -20.59 -6.16 11.05
CA SER B 283 -21.15 -5.47 12.20
C SER B 283 -22.54 -5.98 12.53
N HIS B 284 -23.30 -6.34 11.52
CA HIS B 284 -24.62 -6.92 11.68
C HIS B 284 -24.55 -8.30 12.34
N ILE B 285 -23.53 -9.10 11.99
CA ILE B 285 -23.34 -10.40 12.62
C ILE B 285 -22.76 -10.27 14.03
N VAL B 286 -21.77 -9.42 14.22
CA VAL B 286 -21.13 -9.26 15.52
C VAL B 286 -22.02 -8.61 16.56
N GLY B 287 -22.84 -7.60 16.18
CA GLY B 287 -23.78 -7.03 17.13
C GLY B 287 -24.88 -7.97 17.53
N ALA B 288 -25.24 -8.90 16.67
CA ALA B 288 -26.24 -9.90 17.02
C ALA B 288 -25.67 -10.97 17.94
N PHE B 289 -24.41 -11.36 17.74
CA PHE B 289 -23.71 -12.21 18.72
C PHE B 289 -23.59 -11.53 20.07
N TRP B 290 -23.28 -10.23 20.07
CA TRP B 290 -23.17 -9.47 21.30
C TRP B 290 -24.48 -9.42 22.04
N TYR B 291 -25.59 -9.18 21.32
CA TYR B 291 -26.92 -9.23 21.92
C TYR B 291 -27.22 -10.60 22.50
N LEU B 292 -26.96 -11.68 21.74
CA LEU B 292 -27.37 -13.00 22.18
C LEU B 292 -26.52 -13.48 23.35
N LEU B 293 -25.23 -13.17 23.34
CA LEU B 293 -24.36 -13.56 24.44
C LEU B 293 -24.60 -12.73 25.68
N ALA B 294 -25.06 -11.49 25.51
CA ALA B 294 -25.51 -10.67 26.61
C ALA B 294 -26.69 -11.19 27.27
N LEU B 295 -27.63 -11.79 26.56
CA LEU B 295 -28.76 -12.44 27.17
C LEU B 295 -28.39 -13.75 27.84
N GLU B 296 -27.37 -14.44 27.35
CA GLU B 296 -26.92 -15.68 27.97
C GLU B 296 -26.19 -15.41 29.29
N ARG B 297 -25.43 -14.32 29.36
CA ARG B 297 -24.84 -13.95 30.64
C ARG B 297 -25.85 -13.46 31.66
N ASN B 298 -26.89 -12.75 31.23
CA ASN B 298 -27.98 -12.40 32.14
C ASN B 298 -28.77 -13.63 32.57
N ASP B 299 -28.95 -14.59 31.67
CA ASP B 299 -29.57 -15.87 32.05
C ASP B 299 -28.72 -16.61 33.06
N ALA B 300 -27.40 -16.60 32.91
CA ALA B 300 -26.49 -17.20 33.88
C ALA B 300 -26.57 -16.53 35.24
N CYS B 301 -26.59 -15.19 35.27
CA CYS B 301 -26.77 -14.45 36.52
C CYS B 301 -28.08 -14.80 37.19
N TRP B 302 -29.18 -14.80 36.44
CA TRP B 302 -30.48 -15.07 37.03
C TRP B 302 -30.61 -16.51 37.50
N GLN B 303 -30.07 -17.45 36.73
CA GLN B 303 -30.07 -18.85 37.09
C GLN B 303 -29.21 -19.17 38.28
N GLU B 304 -28.17 -18.36 38.54
CA GLU B 304 -27.40 -18.58 39.76
C GLU B 304 -27.88 -17.75 40.94
N ALA B 305 -28.59 -16.65 40.74
CA ALA B 305 -29.13 -15.86 41.82
C ALA B 305 -30.47 -16.36 42.29
N CYS B 306 -31.14 -17.17 41.48
CA CYS B 306 -32.34 -17.86 41.88
C CYS B 306 -32.06 -19.07 42.77
N ILE B 307 -30.95 -19.77 42.57
CA ILE B 307 -30.60 -20.89 43.43
C ILE B 307 -30.14 -20.42 44.81
N ASP B 308 -29.40 -19.30 44.86
CA ASP B 308 -28.94 -18.76 46.13
C ASP B 308 -30.08 -18.25 47.00
N ALA B 309 -31.20 -17.85 46.40
CA ALA B 309 -32.37 -17.46 47.17
C ALA B 309 -33.07 -18.66 47.81
N GLY B 310 -32.96 -19.83 47.21
CA GLY B 310 -33.49 -21.07 47.77
C GLY B 310 -34.97 -21.34 47.54
N ASN B 311 -35.79 -20.30 47.55
CA ASN B 311 -37.23 -20.42 47.36
C ASN B 311 -37.64 -20.30 45.90
N CYS B 312 -36.73 -20.59 44.98
CA CYS B 312 -36.93 -20.32 43.57
C CYS B 312 -36.43 -21.51 42.74
N SER B 313 -37.22 -21.89 41.75
CA SER B 313 -36.76 -22.80 40.71
C SER B 313 -36.42 -21.98 39.48
N THR B 314 -35.46 -22.47 38.68
CA THR B 314 -35.02 -21.72 37.49
C THR B 314 -36.06 -21.74 36.38
N ASP B 315 -37.11 -22.55 36.50
CA ASP B 315 -38.25 -22.47 35.63
C ASP B 315 -39.05 -21.20 35.82
N PHE B 316 -38.96 -20.57 36.99
CA PHE B 316 -39.69 -19.34 37.28
C PHE B 316 -39.14 -18.13 36.55
N LEU B 317 -37.92 -18.22 36.01
CA LEU B 317 -37.28 -17.08 35.38
C LEU B 317 -37.72 -16.91 33.94
N TYR B 318 -38.56 -17.80 33.44
CA TYR B 318 -38.96 -17.75 32.04
C TYR B 318 -40.43 -17.38 31.95
N CYS B 319 -40.79 -16.66 30.90
CA CYS B 319 -42.16 -16.20 30.72
C CYS B 319 -43.04 -17.38 30.33
N GLY B 320 -44.26 -17.40 30.86
CA GLY B 320 -45.16 -18.52 30.69
C GLY B 320 -45.13 -19.52 31.82
N ASN B 321 -44.42 -19.25 32.91
CA ASN B 321 -44.37 -20.13 34.07
C ASN B 321 -44.89 -19.42 35.29
N GLN B 322 -45.85 -18.53 35.11
CA GLN B 322 -46.41 -17.77 36.23
C GLN B 322 -47.47 -18.54 36.99
N ASN B 323 -48.23 -19.41 36.32
CA ASN B 323 -49.24 -20.22 36.99
C ASN B 323 -48.66 -21.58 37.36
N MET B 324 -47.56 -21.53 38.09
CA MET B 324 -46.94 -22.72 38.68
C MET B 324 -46.89 -22.54 40.18
N ASP B 325 -46.83 -23.66 40.89
CA ASP B 325 -46.84 -23.58 42.34
C ASP B 325 -45.49 -23.09 42.86
N GLY B 326 -45.57 -22.16 43.79
CA GLY B 326 -44.37 -21.54 44.35
C GLY B 326 -43.95 -20.30 43.60
N TYR B 327 -44.65 -19.96 42.53
CA TYR B 327 -44.33 -18.71 41.83
C TYR B 327 -44.80 -17.49 42.59
N ALA B 328 -45.84 -17.63 43.43
CA ALA B 328 -46.32 -16.49 44.19
C ALA B 328 -45.37 -16.06 45.30
N VAL B 329 -44.54 -16.98 45.81
CA VAL B 329 -43.59 -16.62 46.86
C VAL B 329 -42.33 -16.08 46.20
N TRP B 330 -42.15 -16.40 44.92
CA TRP B 330 -41.02 -15.85 44.18
C TRP B 330 -41.36 -14.48 43.59
N ASN B 331 -42.65 -14.22 43.39
CA ASN B 331 -43.08 -12.98 42.75
C ASN B 331 -42.86 -11.79 43.65
N ARG B 332 -43.04 -11.95 44.96
CA ARG B 332 -42.84 -10.86 45.91
C ARG B 332 -41.38 -10.69 46.31
N ALA B 333 -40.48 -11.52 45.79
CA ALA B 333 -39.07 -11.35 46.06
C ALA B 333 -38.24 -11.28 44.78
N LYS B 334 -38.88 -11.03 43.63
CA LYS B 334 -38.15 -10.90 42.37
C LYS B 334 -37.31 -9.63 42.36
N GLU B 335 -37.93 -8.48 42.58
CA GLU B 335 -37.21 -7.22 42.42
C GLU B 335 -36.57 -6.76 43.73
N SER B 336 -35.97 -7.70 44.43
CA SER B 336 -34.90 -7.50 45.38
C SER B 336 -33.79 -8.51 45.16
N VAL B 337 -34.13 -9.76 44.88
CA VAL B 337 -33.15 -10.80 44.54
C VAL B 337 -32.45 -10.52 43.23
N LEU B 338 -33.19 -10.28 42.15
CA LEU B 338 -32.60 -10.01 40.85
C LEU B 338 -32.02 -8.62 40.75
N LYS B 339 -32.25 -7.76 41.74
CA LYS B 339 -31.71 -6.42 41.73
C LYS B 339 -30.46 -6.27 42.57
N SER B 340 -30.39 -6.92 43.72
CA SER B 340 -29.18 -6.92 44.52
C SER B 340 -28.09 -7.80 43.95
N LYS B 341 -28.42 -8.71 43.04
CA LYS B 341 -27.47 -9.67 42.52
C LYS B 341 -27.20 -9.57 41.04
N CYS B 342 -28.11 -9.00 40.25
CA CYS B 342 -28.02 -9.08 38.79
C CYS B 342 -28.30 -7.74 38.13
N ARG B 343 -28.06 -6.65 38.85
CA ARG B 343 -28.20 -5.33 38.27
C ARG B 343 -26.97 -5.04 37.42
N ALA B 344 -27.16 -4.26 36.37
CA ALA B 344 -26.10 -3.88 35.47
C ALA B 344 -26.00 -2.36 35.44
N ASP B 345 -24.89 -1.85 35.97
CA ASP B 345 -24.56 -0.43 35.84
C ASP B 345 -23.16 -0.29 35.27
N LEU B 346 -22.91 0.82 34.57
CA LEU B 346 -21.59 1.06 33.99
C LEU B 346 -20.64 1.83 34.91
N ASP B 347 -21.07 2.17 36.12
CA ASP B 347 -20.18 2.83 37.07
C ASP B 347 -19.62 1.91 38.12
N ASP B 348 -20.23 0.75 38.34
CA ASP B 348 -19.77 -0.21 39.34
C ASP B 348 -18.47 -0.84 38.87
N ASN B 349 -17.44 -0.78 39.70
CA ASN B 349 -16.19 -1.49 39.42
C ASN B 349 -16.11 -2.82 40.14
N ASN B 350 -16.91 -3.03 41.18
CA ASN B 350 -17.11 -4.36 41.77
C ASN B 350 -18.60 -4.65 41.84
N PRO B 351 -19.20 -5.07 40.72
CA PRO B 351 -20.62 -5.41 40.73
C PRO B 351 -20.82 -6.81 41.29
N PRO B 352 -22.05 -7.17 41.67
CA PRO B 352 -22.26 -8.53 42.18
C PRO B 352 -22.11 -9.61 41.13
N PHE B 353 -22.29 -9.27 39.86
CA PHE B 353 -22.02 -10.15 38.74
C PHE B 353 -21.31 -9.32 37.68
N ASP B 354 -20.27 -9.89 37.09
CA ASP B 354 -19.51 -9.20 36.06
C ASP B 354 -20.11 -9.56 34.71
N PHE B 355 -20.63 -8.55 34.01
CA PHE B 355 -21.15 -8.75 32.68
C PHE B 355 -20.15 -8.40 31.61
N GLY B 356 -19.14 -7.63 31.94
CA GLY B 356 -18.02 -7.46 31.05
C GLY B 356 -18.28 -6.59 29.84
N ILE B 357 -18.37 -7.19 28.67
CA ILE B 357 -18.61 -6.44 27.45
C ILE B 357 -20.11 -6.39 27.21
N TYR B 358 -20.87 -7.10 28.03
CA TYR B 358 -22.32 -7.18 27.90
C TYR B 358 -23.03 -6.31 28.92
N THR B 359 -22.33 -5.50 29.68
CA THR B 359 -23.00 -4.62 30.62
C THR B 359 -23.57 -3.39 29.96
N GLN B 360 -23.05 -3.00 28.82
CA GLN B 360 -23.63 -1.96 27.98
C GLN B 360 -24.96 -2.38 27.39
N ALA B 361 -25.18 -3.67 27.15
CA ALA B 361 -26.45 -4.15 26.64
C ALA B 361 -27.53 -4.21 27.68
N LEU B 362 -27.19 -4.49 28.93
CA LEU B 362 -28.20 -4.63 29.97
C LEU B 362 -28.41 -3.37 30.77
N SER B 363 -27.43 -2.47 30.81
CA SER B 363 -27.61 -1.21 31.50
C SER B 363 -28.35 -0.20 30.63
N SER B 364 -28.17 -0.29 29.31
CA SER B 364 -28.92 0.58 28.42
C SER B 364 -30.36 0.14 28.30
N GLY B 365 -30.63 -1.14 28.55
CA GLY B 365 -31.98 -1.64 28.50
C GLY B 365 -32.48 -2.04 27.15
N ILE B 366 -31.59 -2.22 26.17
CA ILE B 366 -32.02 -2.69 24.85
C ILE B 366 -32.42 -4.14 24.84
N VAL B 367 -32.03 -4.91 25.85
CA VAL B 367 -32.43 -6.31 25.95
C VAL B 367 -33.89 -6.44 26.34
N SER B 368 -34.50 -5.36 26.83
CA SER B 368 -35.88 -5.29 27.22
C SER B 368 -36.59 -4.20 26.44
N SER B 369 -36.01 -3.82 25.31
CA SER B 369 -36.54 -2.76 24.47
C SER B 369 -37.72 -3.28 23.67
N GLN B 370 -38.78 -2.48 23.63
CA GLN B 370 -39.95 -2.79 22.83
C GLN B 370 -39.84 -2.31 21.40
N ASN B 371 -39.03 -1.29 21.16
CA ASN B 371 -38.76 -0.82 19.81
C ASN B 371 -37.59 -1.61 19.23
N PHE B 372 -37.85 -2.35 18.16
CA PHE B 372 -36.81 -3.14 17.52
C PHE B 372 -35.82 -2.30 16.74
N ILE B 373 -36.23 -1.11 16.27
CA ILE B 373 -35.29 -0.21 15.60
C ILE B 373 -34.21 0.28 16.55
N VAL B 374 -34.58 0.59 17.80
CA VAL B 374 -33.63 0.99 18.82
C VAL B 374 -32.64 -0.13 19.12
N LYS B 375 -33.15 -1.35 19.29
CA LYS B 375 -32.33 -2.50 19.65
C LYS B 375 -31.37 -2.88 18.53
N TYR B 376 -31.89 -2.94 17.30
CA TYR B 376 -31.08 -3.30 16.14
C TYR B 376 -30.02 -2.24 15.87
N CYS B 377 -30.38 -0.97 15.94
CA CYS B 377 -29.41 0.10 15.68
C CYS B 377 -28.34 0.15 16.74
N TYR B 378 -28.73 -0.01 18.01
CA TYR B 378 -27.78 -0.01 19.10
C TYR B 378 -26.82 -1.18 19.05
N CYS B 379 -27.27 -2.35 18.61
CA CYS B 379 -26.38 -3.50 18.47
C CYS B 379 -25.50 -3.42 17.24
N LEU B 380 -26.05 -2.97 16.11
CA LEU B 380 -25.27 -2.75 14.90
C LEU B 380 -24.18 -1.71 15.10
N TRP B 381 -24.45 -0.65 15.86
CA TRP B 381 -23.41 0.33 16.11
C TRP B 381 -22.34 -0.20 17.05
N TRP B 382 -22.71 -1.03 18.02
CA TRP B 382 -21.70 -1.70 18.84
C TRP B 382 -20.81 -2.59 17.99
N GLY B 383 -21.40 -3.37 17.10
CA GLY B 383 -20.68 -4.14 16.11
C GLY B 383 -19.71 -3.34 15.28
N LEU B 384 -20.17 -2.25 14.67
CA LEU B 384 -19.30 -1.42 13.85
C LEU B 384 -18.23 -0.71 14.67
N GLN B 385 -18.56 -0.29 15.88
CA GLN B 385 -17.61 0.46 16.70
C GLN B 385 -16.53 -0.45 17.25
N ASN B 386 -16.84 -1.71 17.50
CA ASN B 386 -15.83 -2.60 18.05
C ASN B 386 -15.13 -3.39 16.97
N LEU B 387 -15.69 -3.46 15.77
CA LEU B 387 -14.96 -4.01 14.65
C LEU B 387 -14.04 -2.97 14.03
N SER B 388 -14.47 -1.71 14.01
CA SER B 388 -13.66 -0.66 13.43
C SER B 388 -12.46 -0.33 14.29
N THR B 389 -12.58 -0.49 15.59
CA THR B 389 -11.56 -0.07 16.54
C THR B 389 -10.91 -1.27 17.22
N LEU B 390 -11.03 -2.44 16.61
CA LEU B 390 -10.42 -3.65 17.01
C LEU B 390 -10.49 -3.96 18.42
N GLY B 391 -11.62 -3.80 19.02
CA GLY B 391 -11.85 -4.10 20.39
C GLY B 391 -11.28 -3.25 21.40
N GLN B 392 -10.70 -2.17 20.99
CA GLN B 392 -10.00 -1.42 21.94
C GLN B 392 -10.70 -1.07 23.13
N GLY B 393 -11.89 -0.68 23.09
CA GLY B 393 -12.44 -0.30 24.29
C GLY B 393 -13.23 -1.29 24.95
N LEU B 394 -13.40 -2.65 24.89
CA LEU B 394 -13.92 -3.85 25.53
C LEU B 394 -13.25 -4.05 26.87
N GLU B 395 -14.05 -4.11 27.93
CA GLU B 395 -13.59 -4.42 29.26
C GLU B 395 -14.22 -5.74 29.64
N THR B 396 -13.59 -6.83 29.26
CA THR B 396 -14.18 -8.14 29.48
C THR B 396 -14.07 -8.55 30.94
N SER B 397 -14.89 -9.50 31.30
CA SER B 397 -14.75 -10.18 32.57
C SER B 397 -13.77 -11.34 32.40
N THR B 398 -13.56 -12.09 33.47
CA THR B 398 -12.67 -13.25 33.43
C THR B 398 -13.47 -14.51 33.13
N TYR B 399 -14.17 -14.46 32.00
CA TYR B 399 -15.02 -15.54 31.53
C TYR B 399 -14.53 -15.91 30.14
N PRO B 400 -14.10 -17.16 29.92
CA PRO B 400 -13.29 -17.46 28.72
C PRO B 400 -14.01 -17.37 27.39
N MET B 401 -15.31 -17.68 27.33
CA MET B 401 -16.06 -17.52 26.08
C MET B 401 -16.19 -16.06 25.67
N GLU B 402 -16.34 -15.17 26.63
CA GLU B 402 -16.40 -13.74 26.34
C GLU B 402 -15.05 -13.21 25.87
N ILE B 403 -13.97 -13.72 26.45
CA ILE B 403 -12.62 -13.35 26.05
C ILE B 403 -12.35 -13.82 24.64
N ILE B 404 -12.78 -15.04 24.31
CA ILE B 404 -12.61 -15.59 22.97
C ILE B 404 -13.46 -14.87 21.95
N PHE B 405 -14.65 -14.39 22.35
CA PHE B 405 -15.45 -13.55 21.47
C PHE B 405 -14.80 -12.20 21.22
N SER B 406 -14.11 -11.64 22.21
CA SER B 406 -13.37 -10.40 22.02
C SER B 406 -12.15 -10.56 21.12
N ILE B 407 -11.42 -11.67 21.26
CA ILE B 407 -10.27 -11.99 20.42
C ILE B 407 -10.71 -12.11 18.96
N SER B 408 -11.86 -12.74 18.72
CA SER B 408 -12.44 -12.83 17.39
C SER B 408 -12.78 -11.49 16.79
N LEU B 409 -13.28 -10.55 17.60
CA LEU B 409 -13.55 -9.20 17.14
C LEU B 409 -12.29 -8.46 16.75
N ALA B 410 -11.25 -8.57 17.57
CA ALA B 410 -9.98 -7.92 17.24
C ALA B 410 -9.38 -8.47 15.95
N ILE B 411 -9.41 -9.80 15.78
CA ILE B 411 -8.84 -10.42 14.59
C ILE B 411 -9.68 -10.11 13.35
N SER B 412 -11.01 -10.16 13.48
CA SER B 412 -11.90 -9.88 12.36
C SER B 412 -11.81 -8.42 11.94
N GLY B 413 -11.66 -7.51 12.90
CA GLY B 413 -11.48 -6.12 12.56
C GLY B 413 -10.15 -5.83 11.91
N LEU B 414 -9.08 -6.51 12.34
CA LEU B 414 -7.79 -6.40 11.66
C LEU B 414 -7.88 -6.85 10.21
N ILE B 415 -8.54 -7.98 9.97
CA ILE B 415 -8.73 -8.49 8.61
C ILE B 415 -9.54 -7.52 7.77
N LEU B 416 -10.66 -7.03 8.32
CA LEU B 416 -11.55 -6.16 7.58
C LEU B 416 -10.90 -4.83 7.26
N PHE B 417 -10.05 -4.34 8.16
CA PHE B 417 -9.40 -3.08 7.91
C PHE B 417 -8.29 -3.22 6.87
N ALA B 418 -7.51 -4.31 6.97
CA ALA B 418 -6.47 -4.57 6.01
C ALA B 418 -7.04 -4.76 4.62
N LEU B 419 -8.19 -5.44 4.52
CA LEU B 419 -8.86 -5.62 3.24
C LEU B 419 -9.35 -4.30 2.65
N LEU B 420 -9.94 -3.43 3.47
CA LEU B 420 -10.47 -2.16 2.99
C LEU B 420 -9.37 -1.22 2.52
N ILE B 421 -8.31 -1.06 3.33
CA ILE B 421 -7.27 -0.14 2.90
C ILE B 421 -6.42 -0.74 1.78
N GLY B 422 -6.32 -2.07 1.70
CA GLY B 422 -5.64 -2.70 0.60
C GLY B 422 -6.42 -2.66 -0.69
N ASN B 423 -7.74 -2.62 -0.65
CA ASN B 423 -8.49 -2.47 -1.87
C ASN B 423 -8.68 -1.02 -2.25
N MET B 424 -8.51 -0.09 -1.31
CA MET B 424 -8.53 1.32 -1.63
C MET B 424 -7.20 1.81 -2.19
N GLN B 425 -6.08 1.33 -1.65
CA GLN B 425 -4.78 1.63 -2.21
C GLN B 425 -4.61 1.02 -3.60
N THR B 426 -5.13 -0.18 -3.82
CA THR B 426 -5.09 -0.79 -5.15
C THR B 426 -5.92 -0.02 -6.17
N TYR B 427 -7.06 0.53 -5.77
CA TYR B 427 -7.84 1.39 -6.63
C TYR B 427 -7.17 2.71 -6.92
N LEU B 428 -6.67 3.41 -5.90
CA LEU B 428 -6.04 4.71 -6.06
C LEU B 428 -4.72 4.65 -6.80
N GLN B 429 -3.96 3.58 -6.62
CA GLN B 429 -2.70 3.40 -7.32
C GLN B 429 -2.90 3.15 -8.80
N SER B 430 -3.93 2.40 -9.16
CA SER B 430 -4.30 2.21 -10.55
C SER B 430 -4.97 3.41 -11.16
N LEU B 431 -5.48 4.32 -10.35
CA LEU B 431 -6.11 5.53 -10.84
C LEU B 431 -5.11 6.58 -11.30
N THR B 432 -4.05 6.81 -10.54
CA THR B 432 -3.07 7.83 -10.84
C THR B 432 -1.78 7.20 -11.38
N ILE B 433 -1.91 6.18 -12.22
CA ILE B 433 -0.74 5.45 -12.68
C ILE B 433 0.07 6.24 -13.70
N ARG B 434 -0.61 6.95 -14.61
CA ARG B 434 0.06 7.76 -15.62
C ARG B 434 0.68 9.00 -15.04
N LEU B 435 0.06 9.62 -14.05
CA LEU B 435 0.64 10.75 -13.35
C LEU B 435 1.86 10.38 -12.55
N GLU B 436 1.83 9.25 -11.84
CA GLU B 436 3.01 8.79 -11.14
C GLU B 436 4.12 8.36 -12.09
N GLU B 437 3.79 7.80 -13.25
CA GLU B 437 4.77 7.54 -14.28
C GLU B 437 5.40 8.81 -14.84
N MET B 438 4.60 9.86 -15.03
CA MET B 438 5.13 11.16 -15.43
C MET B 438 6.03 11.76 -14.37
N ARG B 439 5.72 11.57 -13.09
CA ARG B 439 6.57 12.10 -12.04
C ARG B 439 7.86 11.32 -11.88
N VAL B 440 7.82 10.01 -12.08
CA VAL B 440 9.05 9.21 -12.11
C VAL B 440 9.92 9.61 -13.29
N LYS B 441 9.32 9.77 -14.46
CA LYS B 441 10.05 10.18 -15.66
C LYS B 441 10.61 11.58 -15.52
N ARG B 442 9.92 12.44 -14.80
CA ARG B 442 10.34 13.80 -14.54
C ARG B 442 11.46 13.88 -13.52
N ARG B 443 11.44 13.06 -12.48
CA ARG B 443 12.57 12.95 -11.57
C ARG B 443 13.81 12.34 -12.21
N ASP B 444 13.63 11.36 -13.10
CA ASP B 444 14.73 10.79 -13.86
C ASP B 444 15.41 11.80 -14.75
N SER B 445 14.65 12.66 -15.42
CA SER B 445 15.25 13.65 -16.30
C SER B 445 16.00 14.71 -15.54
N GLU B 446 15.51 15.11 -14.36
CA GLU B 446 16.26 16.05 -13.53
C GLU B 446 17.54 15.42 -13.00
N GLN B 447 17.47 14.15 -12.60
CA GLN B 447 18.67 13.43 -12.17
C GLN B 447 19.69 13.31 -13.29
N TRP B 448 19.24 13.01 -14.51
CA TRP B 448 20.16 12.84 -15.61
C TRP B 448 20.74 14.18 -16.08
N MET B 449 19.94 15.24 -16.08
CA MET B 449 20.42 16.54 -16.48
C MET B 449 21.34 17.16 -15.43
N HIS B 450 21.14 16.83 -14.16
CA HIS B 450 22.09 17.25 -13.13
C HIS B 450 23.37 16.44 -13.19
N HIS B 451 23.28 15.15 -13.52
CA HIS B 451 24.48 14.32 -13.62
C HIS B 451 25.33 14.72 -14.81
N ARG B 452 24.69 15.05 -15.92
CA ARG B 452 25.44 15.39 -17.12
C ARG B 452 25.83 16.86 -17.16
N MET B 453 25.26 17.68 -16.26
CA MET B 453 25.45 19.13 -16.19
C MET B 453 25.18 19.78 -17.54
N LEU B 454 23.92 19.69 -17.96
CA LEU B 454 23.47 20.35 -19.15
C LEU B 454 23.37 21.84 -18.89
N PRO B 455 23.52 22.66 -19.94
CA PRO B 455 23.20 24.09 -19.80
C PRO B 455 21.73 24.28 -19.54
N GLN B 456 21.40 25.40 -18.90
CA GLN B 456 20.02 25.61 -18.48
C GLN B 456 19.10 25.93 -19.64
N ASP B 457 19.62 26.42 -20.77
CA ASP B 457 18.78 26.55 -21.95
C ASP B 457 18.42 25.21 -22.55
N LEU B 458 19.28 24.20 -22.42
CA LEU B 458 18.97 22.85 -22.84
C LEU B 458 18.14 22.10 -21.82
N ARG B 459 18.21 22.48 -20.56
CA ARG B 459 17.38 21.91 -19.53
C ARG B 459 15.96 22.45 -19.56
N GLU B 460 15.76 23.69 -19.96
CA GLU B 460 14.42 24.22 -20.14
C GLU B 460 13.71 23.63 -21.34
N ARG B 461 14.43 23.34 -22.43
CA ARG B 461 13.85 22.71 -23.59
C ARG B 461 13.41 21.28 -23.35
N VAL B 462 14.00 20.59 -22.38
CA VAL B 462 13.66 19.21 -22.07
C VAL B 462 12.40 19.21 -21.22
N ARG B 463 12.40 20.06 -20.19
CA ARG B 463 11.26 20.23 -19.31
C ARG B 463 10.02 20.72 -20.04
N ARG B 464 10.22 21.61 -21.01
CA ARG B 464 9.11 22.15 -21.78
C ARG B 464 8.48 21.08 -22.65
N TYR B 465 9.29 20.26 -23.31
CA TYR B 465 8.76 19.18 -24.14
C TYR B 465 8.08 18.11 -23.29
N ASP B 466 8.62 17.80 -22.12
CA ASP B 466 8.00 16.79 -21.28
C ASP B 466 6.67 17.27 -20.73
N GLN B 467 6.57 18.55 -20.32
CA GLN B 467 5.30 19.10 -19.88
C GLN B 467 4.29 19.19 -21.00
N TYR B 468 4.73 19.52 -22.21
CA TYR B 468 3.83 19.58 -23.34
C TYR B 468 3.31 18.21 -23.73
N LYS B 469 4.20 17.22 -23.73
CA LYS B 469 3.80 15.85 -24.04
C LYS B 469 2.88 15.28 -22.99
N TRP B 470 3.07 15.64 -21.73
CA TRP B 470 2.14 15.21 -20.70
C TRP B 470 0.80 15.91 -20.83
N LEU B 471 0.78 17.18 -21.23
CA LEU B 471 -0.48 17.89 -21.45
C LEU B 471 -1.27 17.34 -22.61
N GLU B 472 -0.61 16.93 -23.69
CA GLU B 472 -1.31 16.40 -24.84
C GLU B 472 -1.69 14.94 -24.68
N THR B 473 -0.78 14.07 -24.27
CA THR B 473 -1.04 12.65 -24.37
C THR B 473 -1.53 12.06 -23.06
N ARG B 474 -1.21 12.72 -21.95
CA ARG B 474 -1.50 12.25 -20.59
C ARG B 474 -0.94 10.86 -20.32
N GLY B 475 0.23 10.58 -20.85
CA GLY B 475 0.90 9.33 -20.59
C GLY B 475 0.50 8.19 -21.49
N VAL B 476 -0.52 8.42 -22.32
CA VAL B 476 -1.10 7.38 -23.16
C VAL B 476 -0.23 7.20 -24.39
N ASP B 477 0.20 5.97 -24.62
CA ASP B 477 0.90 5.59 -25.84
C ASP B 477 -0.16 5.30 -26.89
N GLU B 478 -0.37 6.26 -27.79
CA GLU B 478 -1.42 6.17 -28.78
C GLU B 478 -1.16 5.09 -29.82
N GLU B 479 0.07 4.95 -30.31
CA GLU B 479 0.37 3.92 -31.29
C GLU B 479 0.31 2.52 -30.71
N TYR B 480 0.60 2.35 -29.43
CA TYR B 480 0.39 1.06 -28.80
C TYR B 480 -1.10 0.74 -28.64
N LEU B 481 -1.92 1.75 -28.39
CA LEU B 481 -3.36 1.54 -28.34
C LEU B 481 -3.90 1.18 -29.71
N VAL B 482 -3.41 1.85 -30.75
CA VAL B 482 -3.93 1.61 -32.09
C VAL B 482 -3.48 0.26 -32.60
N GLN B 483 -2.23 -0.11 -32.37
CA GLN B 483 -1.71 -1.40 -32.85
C GLN B 483 -2.33 -2.60 -32.16
N ASN B 484 -3.04 -2.42 -31.05
CA ASN B 484 -3.74 -3.50 -30.38
C ASN B 484 -5.22 -3.56 -30.75
N LEU B 485 -5.60 -2.95 -31.81
CA LEU B 485 -6.98 -2.95 -32.28
C LEU B 485 -7.10 -3.88 -33.47
N PRO B 486 -8.31 -4.34 -33.82
CA PRO B 486 -8.47 -5.11 -35.04
C PRO B 486 -8.15 -4.28 -36.27
N LYS B 487 -7.75 -4.97 -37.35
CA LYS B 487 -7.25 -4.28 -38.54
C LYS B 487 -8.33 -3.44 -39.21
N ASP B 488 -9.58 -3.89 -39.18
CA ASP B 488 -10.68 -3.08 -39.70
C ASP B 488 -10.93 -1.85 -38.84
N LEU B 489 -10.80 -1.99 -37.52
CA LEU B 489 -11.02 -0.87 -36.62
C LEU B 489 -9.86 0.11 -36.66
N ARG B 490 -8.63 -0.43 -36.78
CA ARG B 490 -7.44 0.38 -37.06
C ARG B 490 -7.62 1.21 -38.30
N ARG B 491 -8.04 0.59 -39.40
CA ARG B 491 -8.16 1.28 -40.67
C ARG B 491 -9.26 2.33 -40.64
N ASP B 492 -10.36 2.08 -39.95
CA ASP B 492 -11.41 3.09 -39.86
C ASP B 492 -11.02 4.25 -38.96
N ILE B 493 -10.35 3.98 -37.84
CA ILE B 493 -9.90 5.05 -36.96
C ILE B 493 -8.82 5.90 -37.63
N LYS B 494 -7.88 5.25 -38.30
CA LYS B 494 -6.83 5.97 -39.00
C LYS B 494 -7.35 6.74 -40.22
N ARG B 495 -8.34 6.22 -40.94
CA ARG B 495 -9.03 6.99 -41.95
C ARG B 495 -9.85 8.14 -41.37
N HIS B 496 -10.33 8.04 -40.14
CA HIS B 496 -10.99 9.21 -39.58
C HIS B 496 -9.97 10.28 -39.20
N LEU B 497 -8.87 9.88 -38.58
CA LEU B 497 -7.89 10.83 -38.09
C LEU B 497 -7.08 11.48 -39.20
N CYS B 498 -6.69 10.73 -40.22
CA CYS B 498 -5.63 11.15 -41.11
C CYS B 498 -5.96 11.17 -42.59
N LEU B 499 -7.23 11.12 -42.99
CA LEU B 499 -7.50 11.04 -44.43
C LEU B 499 -7.53 12.41 -45.08
N ALA B 500 -8.17 13.38 -44.43
CA ALA B 500 -8.23 14.75 -44.91
C ALA B 500 -6.86 15.41 -44.97
N LEU B 501 -5.95 15.05 -44.08
CA LEU B 501 -4.57 15.51 -44.14
C LEU B 501 -3.81 14.97 -45.34
N VAL B 502 -3.93 13.67 -45.63
CA VAL B 502 -3.23 13.09 -46.77
C VAL B 502 -3.87 13.52 -48.08
N ARG B 503 -5.19 13.74 -48.09
CA ARG B 503 -5.90 14.16 -49.31
C ARG B 503 -5.91 15.67 -49.48
N ARG B 504 -4.94 16.37 -48.91
CA ARG B 504 -4.64 17.74 -49.29
C ARG B 504 -3.28 17.85 -49.97
N VAL B 505 -2.45 16.81 -49.89
CA VAL B 505 -1.24 16.70 -50.70
C VAL B 505 -1.68 16.50 -52.14
N PRO B 506 -1.19 17.28 -53.10
CA PRO B 506 -1.66 17.14 -54.48
C PRO B 506 -1.21 15.87 -55.17
N LEU B 507 -0.10 15.28 -54.74
CA LEU B 507 0.35 14.03 -55.35
C LEU B 507 -0.35 12.83 -54.69
N PHE B 508 -0.93 13.03 -53.50
CA PHE B 508 -1.64 11.96 -52.83
C PHE B 508 -3.14 12.00 -53.04
N LYS B 509 -3.74 13.18 -53.25
CA LYS B 509 -5.19 13.26 -53.41
C LYS B 509 -5.66 12.64 -54.71
N SER B 510 -4.95 12.88 -55.81
CA SER B 510 -5.31 12.27 -57.07
C SER B 510 -4.78 10.86 -57.23
N MET B 511 -4.11 10.30 -56.21
CA MET B 511 -3.42 9.03 -56.34
C MET B 511 -4.37 7.84 -56.39
N ASP B 512 -5.06 7.55 -55.29
CA ASP B 512 -5.64 6.24 -55.10
C ASP B 512 -6.70 6.34 -54.01
N ASP B 513 -7.15 5.18 -53.54
CA ASP B 513 -7.66 4.99 -52.19
C ASP B 513 -6.98 3.84 -51.48
N LYS B 514 -6.66 2.78 -52.24
CA LYS B 514 -5.89 1.61 -51.80
C LYS B 514 -4.57 1.96 -51.12
N LEU B 515 -3.78 2.82 -51.73
CA LEU B 515 -2.43 3.05 -51.24
C LEU B 515 -2.35 4.23 -50.27
N LEU B 516 -3.26 5.19 -50.38
CA LEU B 516 -3.29 6.24 -49.35
C LEU B 516 -3.91 5.73 -48.06
N ASP B 517 -4.75 4.69 -48.12
CA ASP B 517 -5.15 4.04 -46.87
C ASP B 517 -4.06 3.15 -46.31
N ALA B 518 -2.98 2.92 -47.03
CA ALA B 518 -1.77 2.32 -46.48
C ALA B 518 -0.75 3.36 -46.06
N ILE B 519 -0.86 4.58 -46.60
CA ILE B 519 -0.04 5.69 -46.13
C ILE B 519 -0.54 6.19 -44.79
N CYS B 520 -1.86 6.39 -44.65
CA CYS B 520 -2.36 6.82 -43.35
C CYS B 520 -2.63 5.64 -42.43
N MET B 521 -1.66 4.75 -42.32
CA MET B 521 -1.52 3.78 -41.26
C MET B 521 -0.16 3.88 -40.63
N ARG B 522 0.74 4.66 -41.24
CA ARG B 522 2.06 4.93 -40.71
C ARG B 522 2.22 6.35 -40.20
N LEU B 523 1.18 7.17 -40.28
CA LEU B 523 1.24 8.51 -39.72
C LEU B 523 1.19 8.42 -38.20
N LYS B 524 2.28 8.79 -37.55
CA LYS B 524 2.42 8.78 -36.12
C LYS B 524 2.48 10.21 -35.61
N PRO B 525 1.96 10.49 -34.42
CA PRO B 525 1.87 11.88 -33.98
C PRO B 525 3.17 12.46 -33.45
N CYS B 526 3.60 13.59 -34.01
CA CYS B 526 4.71 14.34 -33.45
C CYS B 526 4.23 15.56 -32.70
N LEU B 527 5.08 16.02 -31.78
CA LEU B 527 4.81 17.18 -30.95
C LEU B 527 6.01 18.10 -31.03
N PHE B 528 5.75 19.40 -31.07
CA PHE B 528 6.80 20.40 -31.11
C PHE B 528 6.42 21.55 -30.20
N THR B 529 7.32 21.88 -29.28
CA THR B 529 7.12 23.05 -28.44
C THR B 529 7.46 24.31 -29.22
N GLU B 530 7.28 25.46 -28.61
CA GLU B 530 7.43 26.73 -29.30
C GLU B 530 8.91 26.98 -29.56
N SER B 531 9.18 27.59 -30.72
CA SER B 531 10.52 27.92 -31.22
C SER B 531 11.38 26.68 -31.43
N THR B 532 10.77 25.52 -31.66
CA THR B 532 11.49 24.33 -32.06
C THR B 532 11.72 24.34 -33.56
N TYR B 533 12.96 24.18 -33.95
CA TYR B 533 13.32 24.10 -35.36
C TYR B 533 13.03 22.69 -35.85
N LEU B 534 11.99 22.56 -36.67
CA LEU B 534 11.60 21.25 -37.18
C LEU B 534 12.62 20.72 -38.17
N VAL B 535 13.15 21.60 -39.01
CA VAL B 535 14.25 21.28 -39.90
C VAL B 535 15.01 22.57 -40.17
N ARG B 536 16.29 22.43 -40.47
CA ARG B 536 17.15 23.53 -40.87
C ARG B 536 17.89 23.10 -42.13
N GLU B 537 18.33 24.08 -42.92
CA GLU B 537 18.83 23.78 -44.25
C GLU B 537 20.19 23.08 -44.20
N GLY B 538 20.40 22.15 -45.12
CA GLY B 538 21.58 21.32 -45.12
C GLY B 538 21.40 19.97 -44.45
N ASP B 539 20.41 19.83 -43.58
CA ASP B 539 20.05 18.61 -42.86
C ASP B 539 19.23 17.70 -43.75
N PRO B 540 19.31 16.39 -43.59
CA PRO B 540 18.48 15.51 -44.42
C PRO B 540 17.05 15.47 -43.93
N VAL B 541 16.12 15.71 -44.84
CA VAL B 541 14.70 15.59 -44.56
C VAL B 541 14.38 14.13 -44.34
N ASP B 542 13.90 13.80 -43.14
CA ASP B 542 13.65 12.40 -42.81
C ASP B 542 12.24 12.13 -42.30
N GLU B 543 11.36 13.13 -42.29
CA GLU B 543 9.95 12.88 -42.06
C GLU B 543 9.13 13.98 -42.73
N MET B 544 8.03 13.57 -43.34
CA MET B 544 7.01 14.48 -43.81
C MET B 544 5.98 14.69 -42.71
N LEU B 545 5.56 15.93 -42.53
CA LEU B 545 4.73 16.33 -41.40
C LEU B 545 3.45 16.97 -41.91
N PHE B 546 2.33 16.45 -41.46
CA PHE B 546 1.00 16.96 -41.81
C PHE B 546 0.44 17.61 -40.56
N ILE B 547 0.29 18.92 -40.59
CA ILE B 547 0.07 19.69 -39.37
C ILE B 547 -1.36 19.51 -38.88
N ILE B 548 -1.51 19.17 -37.61
CA ILE B 548 -2.80 19.10 -36.95
C ILE B 548 -3.18 20.42 -36.33
N ARG B 549 -2.29 20.96 -35.49
CA ARG B 549 -2.62 22.07 -34.63
C ARG B 549 -1.38 22.95 -34.56
N GLY B 550 -1.57 24.20 -34.16
CA GLY B 550 -0.48 25.11 -34.00
C GLY B 550 0.02 25.68 -35.32
N ARG B 551 0.75 26.78 -35.20
CA ARG B 551 1.18 27.55 -36.36
C ARG B 551 2.68 27.36 -36.53
N LEU B 552 3.17 27.49 -37.75
CA LEU B 552 4.60 27.32 -37.99
C LEU B 552 5.15 28.45 -38.83
N GLU B 553 6.38 28.28 -39.30
CA GLU B 553 7.07 29.34 -40.02
C GLU B 553 7.99 28.67 -41.02
N SER B 554 8.42 29.38 -42.06
CA SER B 554 9.32 28.81 -43.05
C SER B 554 10.06 29.90 -43.80
N VAL B 555 11.39 29.90 -43.67
CA VAL B 555 12.25 30.75 -44.48
C VAL B 555 13.24 29.87 -45.23
N THR B 556 13.74 30.40 -46.35
CA THR B 556 14.62 29.66 -47.23
C THR B 556 15.70 30.59 -47.75
N THR B 557 16.96 30.18 -47.58
CA THR B 557 18.17 30.91 -47.99
C THR B 557 18.22 32.34 -47.47
N PHE B 564 13.12 37.36 -43.65
CA PHE B 564 13.74 38.33 -44.55
C PHE B 564 14.21 37.65 -45.84
N PHE B 565 13.80 36.40 -46.01
CA PHE B 565 14.21 35.59 -47.15
C PHE B 565 13.00 34.89 -47.77
N ASN B 566 11.95 35.69 -48.02
CA ASN B 566 10.66 35.26 -48.57
C ASN B 566 10.00 34.20 -47.66
N ARG B 567 9.60 34.67 -46.48
CA ARG B 567 9.06 33.82 -45.44
C ARG B 567 7.73 33.20 -45.86
N SER B 568 7.44 32.03 -45.29
CA SER B 568 6.24 31.29 -45.61
C SER B 568 5.65 30.79 -44.30
N LEU B 569 4.33 30.87 -44.21
CA LEU B 569 3.62 30.47 -43.00
C LEU B 569 3.04 29.08 -43.19
N LEU B 570 2.77 28.42 -42.07
CA LEU B 570 2.15 27.11 -42.06
C LEU B 570 1.20 27.05 -40.88
N LYS B 571 0.01 26.51 -41.11
CA LYS B 571 -0.98 26.48 -40.05
C LYS B 571 -1.77 25.18 -40.16
N GLU B 572 -2.91 25.13 -39.45
CA GLU B 572 -3.64 23.89 -39.24
C GLU B 572 -4.23 23.34 -40.53
N GLY B 573 -3.65 22.24 -41.02
CA GLY B 573 -4.14 21.54 -42.18
C GLY B 573 -3.13 21.40 -43.29
N GLU B 574 -2.21 22.35 -43.39
CA GLU B 574 -1.17 22.31 -44.41
C GLU B 574 -0.12 21.26 -44.02
N PHE B 575 0.78 20.97 -44.94
CA PHE B 575 1.81 19.99 -44.64
C PHE B 575 3.18 20.58 -44.94
N CYS B 576 4.21 19.79 -44.65
CA CYS B 576 5.59 20.22 -44.80
C CYS B 576 6.48 19.01 -44.98
N GLY B 577 7.29 18.98 -46.03
CA GLY B 577 8.14 17.84 -46.25
C GLY B 577 8.00 17.21 -47.62
N GLU B 578 7.55 18.01 -48.59
CA GLU B 578 7.39 17.55 -49.96
C GLU B 578 8.71 17.26 -50.67
N GLU B 579 9.84 17.70 -50.10
CA GLU B 579 11.14 17.30 -50.63
C GLU B 579 11.41 15.82 -50.41
N LEU B 580 10.78 15.22 -49.40
CA LEU B 580 10.95 13.79 -49.15
C LEU B 580 10.13 12.95 -50.10
N LEU B 581 9.00 13.49 -50.58
CA LEU B 581 8.07 12.71 -51.39
C LEU B 581 8.61 12.45 -52.78
N THR B 582 8.91 13.53 -53.51
CA THR B 582 9.44 13.46 -54.87
C THR B 582 10.78 12.72 -54.92
N TRP B 583 11.61 12.87 -53.88
CA TRP B 583 12.79 12.04 -53.72
C TRP B 583 12.46 10.55 -53.61
N ALA B 584 11.44 10.18 -52.84
CA ALA B 584 11.17 8.78 -52.57
C ALA B 584 10.46 8.06 -53.71
N LEU B 585 9.58 8.72 -54.46
CA LEU B 585 8.92 8.06 -55.59
C LEU B 585 9.85 8.03 -56.81
N ASP B 586 10.85 8.91 -56.85
CA ASP B 586 11.80 8.78 -57.95
C ASP B 586 12.75 7.62 -57.70
N PRO B 587 12.92 6.74 -58.68
CA PRO B 587 13.88 5.63 -58.52
C PRO B 587 15.30 6.05 -58.87
N LYS B 588 15.49 7.28 -59.33
CA LYS B 588 16.83 7.76 -59.67
C LYS B 588 17.47 8.44 -58.47
N SER B 589 17.38 7.84 -57.30
CA SER B 589 17.95 8.41 -56.09
C SER B 589 18.75 7.41 -55.26
N GLY B 590 18.30 6.17 -55.19
CA GLY B 590 18.85 5.22 -54.23
C GLY B 590 18.44 5.59 -52.82
N VAL B 591 19.20 5.09 -51.85
CA VAL B 591 19.01 5.50 -50.45
C VAL B 591 19.88 6.73 -50.27
N ASN B 592 19.30 7.89 -50.60
CA ASN B 592 20.01 9.16 -50.52
C ASN B 592 19.06 10.21 -49.97
N LEU B 593 19.09 10.43 -48.65
CA LEU B 593 18.20 11.39 -48.03
C LEU B 593 18.53 12.82 -48.47
N PRO B 594 17.59 13.50 -49.11
CA PRO B 594 17.89 14.79 -49.72
C PRO B 594 18.02 15.87 -48.67
N SER B 595 18.75 16.92 -49.03
CA SER B 595 19.01 18.04 -48.15
C SER B 595 17.76 18.90 -48.03
N SER B 596 17.71 19.67 -46.95
CA SER B 596 16.60 20.57 -46.71
C SER B 596 16.83 21.88 -47.44
N THR B 597 15.73 22.54 -47.78
CA THR B 597 15.78 23.85 -48.40
C THR B 597 15.21 24.96 -47.54
N ARG B 598 14.54 24.62 -46.45
CA ARG B 598 13.87 25.62 -45.63
C ARG B 598 14.25 25.48 -44.16
N THR B 599 14.11 26.57 -43.42
CA THR B 599 14.24 26.58 -41.96
C THR B 599 12.87 26.77 -41.36
N VAL B 600 12.38 25.75 -40.66
CA VAL B 600 10.99 25.64 -40.26
C VAL B 600 10.93 25.70 -38.74
N LYS B 601 10.43 26.82 -38.22
CA LYS B 601 10.37 27.06 -36.79
C LYS B 601 8.93 26.99 -36.31
N ALA B 602 8.71 26.24 -35.24
CA ALA B 602 7.40 26.14 -34.61
C ALA B 602 7.06 27.45 -33.93
N LEU B 603 6.06 28.15 -34.46
CA LEU B 603 5.65 29.42 -33.87
C LEU B 603 4.81 29.25 -32.62
N THR B 604 4.15 28.11 -32.48
CA THR B 604 3.29 27.81 -31.35
C THR B 604 3.65 26.37 -30.95
N GLU B 605 2.89 25.79 -30.02
CA GLU B 605 2.99 24.35 -29.80
C GLU B 605 2.25 23.64 -30.92
N VAL B 606 2.93 22.72 -31.57
CA VAL B 606 2.45 22.09 -32.79
C VAL B 606 2.18 20.61 -32.53
N GLU B 607 1.03 20.13 -33.02
CA GLU B 607 0.82 18.71 -33.24
C GLU B 607 0.93 18.44 -34.74
N ALA B 608 1.39 17.25 -35.08
CA ALA B 608 1.46 16.87 -36.49
C ALA B 608 1.28 15.36 -36.59
N PHE B 609 1.25 14.86 -37.82
CA PHE B 609 1.34 13.44 -38.10
C PHE B 609 2.55 13.24 -38.99
N ALA B 610 3.45 12.37 -38.56
CA ALA B 610 4.75 12.22 -39.20
C ALA B 610 4.80 10.96 -40.05
N LEU B 611 5.33 11.09 -41.26
CA LEU B 611 5.59 9.97 -42.15
C LEU B 611 7.09 9.95 -42.40
N THR B 612 7.80 9.01 -41.78
CA THR B 612 9.25 9.00 -41.88
C THR B 612 9.70 8.48 -43.24
N SER B 613 11.02 8.45 -43.44
CA SER B 613 11.59 8.11 -44.74
C SER B 613 11.40 6.64 -45.07
N GLU B 614 11.82 5.73 -44.16
CA GLU B 614 11.69 4.31 -44.41
C GLU B 614 10.25 3.82 -44.42
N GLU B 615 9.31 4.58 -43.85
CA GLU B 615 7.91 4.28 -44.04
C GLU B 615 7.35 4.92 -45.30
N LEU B 616 8.10 5.80 -45.95
CA LEU B 616 7.69 6.35 -47.23
C LEU B 616 8.25 5.55 -48.40
N LYS B 617 9.38 4.87 -48.22
CA LYS B 617 9.88 3.98 -49.27
C LYS B 617 8.98 2.77 -49.45
N PHE B 618 8.35 2.30 -48.37
CA PHE B 618 7.46 1.14 -48.47
C PHE B 618 6.20 1.47 -49.25
N VAL B 619 5.72 2.71 -49.17
CA VAL B 619 4.55 3.10 -49.94
C VAL B 619 4.95 3.65 -51.30
N ALA B 620 6.23 3.97 -51.49
CA ALA B 620 6.69 4.35 -52.82
C ALA B 620 7.09 3.14 -53.65
N SER B 621 7.37 2.00 -53.02
CA SER B 621 7.71 0.77 -53.71
C SER B 621 6.48 -0.05 -54.06
N GLN B 622 5.29 0.55 -54.04
CA GLN B 622 4.08 -0.10 -54.49
C GLN B 622 3.71 0.28 -55.91
N PHE B 623 4.71 0.47 -56.78
CA PHE B 623 4.48 0.77 -58.18
C PHE B 623 5.34 -0.14 -59.06
N LYS C 95 -22.48 38.91 -30.13
CA LYS C 95 -22.73 38.47 -28.77
C LYS C 95 -21.42 38.01 -28.13
N LYS C 96 -20.45 37.71 -29.00
CA LYS C 96 -19.10 37.26 -28.66
C LYS C 96 -19.11 35.99 -27.79
N ILE C 97 -19.61 34.88 -28.34
CA ILE C 97 -19.58 33.60 -27.66
C ILE C 97 -18.14 33.11 -27.56
N PHE C 98 -17.69 32.80 -26.35
CA PHE C 98 -16.28 32.60 -26.03
C PHE C 98 -15.79 31.27 -26.61
N ASP C 99 -14.48 31.22 -26.87
CA ASP C 99 -13.77 30.00 -27.24
C ASP C 99 -13.18 29.35 -25.98
N PRO C 100 -13.23 28.02 -25.88
CA PRO C 100 -13.02 27.37 -24.58
C PRO C 100 -11.61 27.44 -24.00
N GLN C 101 -10.59 27.71 -24.82
CA GLN C 101 -9.23 27.87 -24.31
C GLN C 101 -8.79 29.33 -24.33
N ASP C 102 -9.71 30.25 -24.09
CA ASP C 102 -9.36 31.65 -23.87
C ASP C 102 -8.67 31.77 -22.51
N LYS C 103 -7.80 32.77 -22.39
CA LYS C 103 -7.11 32.98 -21.12
C LYS C 103 -8.02 33.67 -20.11
N PHE C 104 -9.06 34.36 -20.58
CA PHE C 104 -10.07 34.89 -19.67
C PHE C 104 -10.90 33.77 -19.05
N LEU C 105 -11.15 32.69 -19.79
CA LEU C 105 -11.71 31.48 -19.20
C LEU C 105 -10.60 30.51 -18.78
N LEU C 106 -9.61 31.08 -18.11
CA LEU C 106 -8.60 30.34 -17.38
C LEU C 106 -8.41 30.91 -15.99
N TYR C 107 -8.65 32.22 -15.80
CA TYR C 107 -8.74 32.83 -14.48
C TYR C 107 -10.16 32.84 -13.94
N CYS C 108 -11.17 32.83 -14.82
CA CYS C 108 -12.56 32.63 -14.45
C CYS C 108 -12.88 31.14 -14.33
N ASN C 109 -11.87 30.30 -14.44
CA ASN C 109 -11.90 28.98 -13.83
C ASN C 109 -10.73 28.74 -12.90
N LYS C 110 -10.01 29.78 -12.48
CA LYS C 110 -8.99 29.70 -11.43
C LYS C 110 -9.47 30.25 -10.10
N LEU C 111 -10.14 31.42 -10.10
CA LEU C 111 -10.79 31.97 -8.92
C LEU C 111 -12.24 31.52 -8.86
N PHE C 112 -12.56 30.49 -9.65
CA PHE C 112 -13.84 29.83 -9.66
C PHE C 112 -13.84 28.52 -8.89
N VAL C 113 -12.88 27.64 -9.13
CA VAL C 113 -12.75 26.43 -8.33
C VAL C 113 -12.34 26.77 -6.89
N ALA C 114 -11.71 27.93 -6.67
CA ALA C 114 -11.48 28.41 -5.32
C ALA C 114 -12.78 28.80 -4.65
N SER C 115 -13.73 29.32 -5.43
CA SER C 115 -15.06 29.59 -4.88
C SER C 115 -15.82 28.31 -4.61
N CYS C 116 -15.65 27.30 -5.46
CA CYS C 116 -16.27 26.00 -5.18
C CYS C 116 -15.64 25.30 -3.98
N ILE C 117 -14.37 25.57 -3.70
CA ILE C 117 -13.73 25.02 -2.51
C ILE C 117 -14.17 25.78 -1.26
N LEU C 118 -14.23 27.11 -1.32
CA LEU C 118 -14.57 27.88 -0.14
C LEU C 118 -16.07 27.86 0.16
N SER C 119 -16.90 27.38 -0.76
CA SER C 119 -18.33 27.28 -0.52
C SER C 119 -18.73 26.10 0.35
N VAL C 120 -17.97 25.00 0.34
CA VAL C 120 -18.28 23.87 1.21
C VAL C 120 -17.67 24.02 2.58
N PHE C 121 -16.96 25.12 2.85
CA PHE C 121 -16.53 25.47 4.18
C PHE C 121 -17.48 26.42 4.88
N VAL C 122 -18.38 27.06 4.14
CA VAL C 122 -19.27 28.07 4.70
C VAL C 122 -20.60 27.46 5.15
N ASP C 123 -21.06 26.41 4.48
CA ASP C 123 -22.27 25.71 4.89
C ASP C 123 -22.26 25.11 6.31
N PRO C 124 -21.14 24.65 6.89
CA PRO C 124 -21.18 24.30 8.32
C PRO C 124 -21.41 25.47 9.28
N PHE C 125 -21.20 26.70 8.86
CA PHE C 125 -21.34 27.82 9.78
C PHE C 125 -22.79 28.17 10.07
N PHE C 126 -23.73 27.66 9.28
CA PHE C 126 -25.15 27.78 9.59
C PHE C 126 -25.57 26.84 10.71
N PHE C 127 -24.74 25.87 11.06
CA PHE C 127 -25.05 24.92 12.11
C PHE C 127 -24.69 25.46 13.48
N TYR C 128 -23.92 26.54 13.55
CA TYR C 128 -23.61 27.18 14.81
C TYR C 128 -24.55 28.32 15.13
N LEU C 129 -25.64 28.45 14.41
CA LEU C 129 -26.65 29.47 14.68
C LEU C 129 -27.43 29.28 15.99
N PRO C 130 -27.93 28.10 16.37
CA PRO C 130 -28.62 28.02 17.66
C PRO C 130 -27.65 28.08 18.82
N VAL C 131 -27.98 28.91 19.80
CA VAL C 131 -27.21 29.05 21.01
C VAL C 131 -28.17 28.85 22.18
N ILE C 132 -27.62 28.81 23.38
CA ILE C 132 -28.41 28.82 24.60
C ILE C 132 -28.02 30.07 25.36
N ASN C 133 -29.00 30.91 25.67
CA ASN C 133 -28.76 32.05 26.52
C ASN C 133 -28.80 31.62 27.98
N ALA C 134 -27.63 31.41 28.59
CA ALA C 134 -27.58 30.87 29.95
C ALA C 134 -28.04 31.86 31.00
N GLU C 135 -28.08 33.15 30.69
CA GLU C 135 -28.70 34.11 31.60
C GLU C 135 -30.19 33.85 31.75
N SER C 136 -30.90 33.79 30.61
CA SER C 136 -32.34 33.66 30.62
C SER C 136 -32.82 32.22 30.56
N LYS C 137 -31.93 31.26 30.33
CA LYS C 137 -32.24 29.84 30.12
C LYS C 137 -33.24 29.66 28.99
N CYS C 138 -32.98 30.33 27.87
CA CYS C 138 -33.79 30.24 26.68
C CYS C 138 -32.91 29.80 25.52
N LEU C 139 -33.52 29.21 24.51
CA LEU C 139 -32.82 28.78 23.31
C LEU C 139 -32.94 29.89 22.28
N GLY C 140 -31.81 30.33 21.76
CA GLY C 140 -31.85 31.46 20.85
C GLY C 140 -31.17 31.18 19.53
N ILE C 141 -30.88 32.26 18.80
CA ILE C 141 -30.15 32.20 17.54
C ILE C 141 -29.07 33.26 17.61
N ASP C 142 -27.83 32.88 17.28
CA ASP C 142 -26.76 33.83 17.04
C ASP C 142 -27.09 34.65 15.81
N ARG C 143 -27.20 35.97 15.97
CA ARG C 143 -27.65 36.84 14.89
C ARG C 143 -26.50 37.42 14.07
N LYS C 144 -25.43 37.87 14.71
CA LYS C 144 -24.23 38.23 13.96
C LYS C 144 -23.30 37.05 13.75
N LEU C 145 -23.88 35.91 13.39
CA LEU C 145 -23.22 34.79 12.76
C LEU C 145 -24.17 34.38 11.66
N ALA C 146 -25.44 34.70 11.87
CA ALA C 146 -26.47 34.50 10.86
C ALA C 146 -26.31 35.45 9.69
N ILE C 147 -26.12 36.74 9.97
CA ILE C 147 -25.83 37.68 8.89
C ILE C 147 -24.46 37.39 8.27
N THR C 148 -23.52 36.87 9.08
CA THR C 148 -22.18 36.60 8.57
C THR C 148 -22.17 35.42 7.61
N ALA C 149 -22.80 34.31 7.98
CA ALA C 149 -22.88 33.16 7.10
C ALA C 149 -23.82 33.40 5.93
N SER C 150 -24.84 34.24 6.07
CA SER C 150 -25.72 34.52 4.93
C SER C 150 -25.01 35.43 3.93
N THR C 151 -24.31 36.45 4.44
CA THR C 151 -23.50 37.35 3.61
C THR C 151 -22.38 36.62 2.90
N LEU C 152 -21.64 35.78 3.62
CA LEU C 152 -20.49 35.12 3.00
C LEU C 152 -20.89 33.96 2.13
N ARG C 153 -22.14 33.50 2.17
CA ARG C 153 -22.55 32.51 1.19
C ARG C 153 -23.18 33.18 -0.03
N THR C 154 -23.90 34.29 0.18
CA THR C 154 -24.43 35.02 -0.96
C THR C 154 -23.32 35.69 -1.76
N PHE C 155 -22.31 36.28 -1.11
CA PHE C 155 -21.18 36.89 -1.80
C PHE C 155 -20.26 35.90 -2.49
N ILE C 156 -20.51 34.60 -2.37
CA ILE C 156 -19.90 33.60 -3.21
C ILE C 156 -20.85 33.13 -4.30
N ASP C 157 -22.15 33.06 -4.01
CA ASP C 157 -23.06 32.52 -5.02
C ASP C 157 -23.45 33.51 -6.12
N VAL C 158 -23.52 34.82 -5.86
CA VAL C 158 -23.71 35.68 -7.02
C VAL C 158 -22.38 36.01 -7.70
N PHE C 159 -21.25 35.69 -7.06
CA PHE C 159 -20.01 35.64 -7.82
C PHE C 159 -19.97 34.39 -8.69
N TYR C 160 -20.56 33.30 -8.21
CA TYR C 160 -20.78 32.10 -9.00
C TYR C 160 -21.79 32.31 -10.12
N LEU C 161 -22.73 33.24 -9.96
CA LEU C 161 -23.72 33.53 -10.98
C LEU C 161 -23.14 34.17 -12.24
N ALA C 162 -21.85 34.52 -12.23
CA ALA C 162 -21.09 34.93 -13.41
C ALA C 162 -20.30 33.77 -13.98
N HIS C 163 -20.82 32.56 -13.87
CA HIS C 163 -20.24 31.37 -14.49
C HIS C 163 -21.23 30.64 -15.39
N MET C 164 -22.48 30.49 -14.98
CA MET C 164 -23.52 30.04 -15.91
C MET C 164 -24.08 31.20 -16.74
N ALA C 165 -23.57 32.42 -16.51
CA ALA C 165 -23.73 33.53 -17.43
C ALA C 165 -22.51 33.69 -18.33
N LEU C 166 -21.57 32.76 -18.26
CA LEU C 166 -20.38 32.79 -19.11
C LEU C 166 -20.14 31.47 -19.83
N GLN C 167 -20.75 30.41 -19.36
CA GLN C 167 -20.67 29.15 -20.08
C GLN C 167 -21.89 29.34 -20.92
N LEU C 168 -22.60 30.44 -20.67
CA LEU C 168 -23.69 30.78 -21.56
C LEU C 168 -23.02 31.17 -22.86
N ARG C 169 -21.96 31.98 -22.79
CA ARG C 169 -21.19 32.34 -23.98
C ARG C 169 -20.09 31.32 -24.11
N THR C 170 -20.40 30.14 -24.60
CA THR C 170 -19.36 29.16 -24.64
C THR C 170 -19.37 28.30 -25.87
N ALA C 171 -18.19 27.87 -26.26
CA ALA C 171 -18.09 26.95 -27.37
C ALA C 171 -17.70 25.58 -26.85
N TYR C 172 -17.78 24.57 -27.72
CA TYR C 172 -17.35 23.22 -27.37
C TYR C 172 -16.67 22.60 -28.58
N ILE C 173 -16.29 21.34 -28.44
CA ILE C 173 -15.55 20.62 -29.48
C ILE C 173 -16.31 19.35 -29.82
N ALA C 174 -16.56 19.15 -31.12
CA ALA C 174 -17.39 18.05 -31.59
C ALA C 174 -16.60 17.16 -32.56
N PRO C 175 -16.88 15.86 -32.64
CA PRO C 175 -16.09 14.99 -33.51
C PRO C 175 -16.46 15.15 -34.97
N SER C 176 -15.42 15.28 -35.80
CA SER C 176 -15.55 15.36 -37.26
C SER C 176 -14.19 15.08 -37.89
N SER C 177 -14.22 14.67 -39.16
CA SER C 177 -13.00 14.45 -39.92
C SER C 177 -12.69 15.60 -40.87
N ARG C 178 -13.51 16.66 -40.87
CA ARG C 178 -13.32 17.84 -41.69
C ARG C 178 -12.30 18.80 -41.07
N VAL C 179 -12.05 18.64 -39.78
CA VAL C 179 -11.55 19.69 -38.91
C VAL C 179 -10.08 20.04 -39.13
N PHE C 180 -9.27 19.02 -39.46
CA PHE C 180 -7.79 19.00 -39.49
C PHE C 180 -7.13 19.24 -38.12
N GLY C 181 -7.92 19.51 -37.07
CA GLY C 181 -7.40 20.01 -35.82
C GLY C 181 -8.11 19.52 -34.58
N ARG C 182 -8.72 18.33 -34.67
CA ARG C 182 -9.35 17.52 -33.62
C ARG C 182 -10.68 18.05 -33.12
N GLY C 183 -11.37 18.94 -33.86
CA GLY C 183 -12.69 19.35 -33.47
C GLY C 183 -13.18 20.69 -33.97
N GLU C 184 -14.50 20.81 -34.13
CA GLU C 184 -15.16 22.04 -34.53
C GLU C 184 -15.41 22.89 -33.29
N LEU C 185 -15.32 24.21 -33.42
CA LEU C 185 -15.84 25.10 -32.39
C LEU C 185 -17.18 25.67 -32.84
N VAL C 186 -18.17 25.61 -31.95
CA VAL C 186 -19.54 26.03 -32.25
C VAL C 186 -19.82 27.26 -31.40
N ILE C 187 -19.72 28.45 -32.01
CA ILE C 187 -20.12 29.68 -31.34
C ILE C 187 -21.52 30.12 -31.76
N ASP C 188 -22.29 29.21 -32.33
CA ASP C 188 -23.68 29.47 -32.66
C ASP C 188 -24.52 29.40 -31.39
N PRO C 189 -25.25 30.45 -31.03
CA PRO C 189 -25.90 30.46 -29.71
C PRO C 189 -27.21 29.66 -29.61
N ALA C 190 -27.69 29.06 -30.69
CA ALA C 190 -29.01 28.44 -30.72
C ALA C 190 -29.08 27.07 -30.06
N GLN C 191 -27.97 26.34 -29.96
CA GLN C 191 -27.98 24.98 -29.44
C GLN C 191 -26.89 24.75 -28.39
N ILE C 192 -25.95 25.69 -28.24
CA ILE C 192 -25.00 25.64 -27.12
C ILE C 192 -25.72 25.88 -25.79
N ALA C 193 -26.90 26.52 -25.85
CA ALA C 193 -27.76 26.63 -24.67
C ALA C 193 -28.21 25.25 -24.18
N LYS C 194 -28.57 24.37 -25.11
CA LYS C 194 -28.93 23.00 -24.72
C LYS C 194 -27.69 22.19 -24.37
N ARG C 195 -26.55 22.49 -25.02
CA ARG C 195 -25.26 21.90 -24.65
C ARG C 195 -24.90 22.17 -23.20
N TYR C 196 -25.20 23.37 -22.71
CA TYR C 196 -25.03 23.63 -21.28
C TYR C 196 -26.17 23.04 -20.46
N LEU C 197 -27.42 23.33 -20.83
CA LEU C 197 -28.58 22.98 -20.03
C LEU C 197 -29.19 21.62 -20.41
N GLN C 198 -28.35 20.61 -20.69
CA GLN C 198 -28.91 19.25 -20.72
C GLN C 198 -28.40 18.34 -19.61
N ARG C 199 -27.16 18.46 -19.13
CA ARG C 199 -26.74 17.61 -18.02
C ARG C 199 -26.10 18.37 -16.87
N TRP C 200 -25.28 19.38 -17.15
CA TRP C 200 -24.48 20.02 -16.11
C TRP C 200 -25.01 21.42 -15.84
N PHE C 201 -26.34 21.54 -15.85
CA PHE C 201 -26.99 22.74 -15.37
C PHE C 201 -27.78 22.51 -14.09
N ILE C 202 -28.44 21.37 -13.95
CA ILE C 202 -29.29 21.15 -12.79
C ILE C 202 -28.46 20.98 -11.51
N ILE C 203 -27.33 20.28 -11.59
CA ILE C 203 -26.42 20.16 -10.44
C ILE C 203 -25.78 21.48 -10.09
N ASP C 204 -25.58 22.36 -11.06
CA ASP C 204 -24.97 23.65 -10.78
C ASP C 204 -26.02 24.70 -10.44
N PHE C 205 -27.29 24.46 -10.81
CA PHE C 205 -28.35 25.39 -10.42
C PHE C 205 -28.85 25.09 -9.02
N LEU C 206 -28.84 23.82 -8.59
CA LEU C 206 -29.24 23.51 -7.22
C LEU C 206 -28.10 23.68 -6.23
N SER C 207 -27.31 24.73 -6.37
CA SER C 207 -26.25 25.10 -5.45
C SER C 207 -26.17 26.59 -5.20
N VAL C 208 -26.64 27.42 -6.12
CA VAL C 208 -26.68 28.86 -5.92
C VAL C 208 -28.01 29.30 -5.33
N LEU C 209 -28.90 28.35 -5.05
CA LEU C 209 -30.21 28.63 -4.48
C LEU C 209 -30.05 29.16 -3.07
N PRO C 210 -30.59 30.32 -2.75
CA PRO C 210 -30.47 30.82 -1.37
C PRO C 210 -31.48 30.16 -0.42
N LEU C 211 -31.34 28.85 -0.25
CA LEU C 211 -32.18 28.11 0.67
C LEU C 211 -31.78 28.33 2.13
N PRO C 212 -30.50 28.28 2.55
CA PRO C 212 -30.21 28.67 3.94
C PRO C 212 -30.10 30.15 4.17
N GLN C 213 -30.44 31.00 3.20
CA GLN C 213 -30.49 32.44 3.43
C GLN C 213 -31.90 32.95 3.65
N ILE C 214 -32.92 32.20 3.22
CA ILE C 214 -34.30 32.58 3.42
C ILE C 214 -34.85 31.99 4.71
N VAL C 215 -34.18 30.96 5.24
CA VAL C 215 -34.48 30.50 6.58
C VAL C 215 -34.08 31.56 7.61
N VAL C 216 -32.94 32.19 7.40
CA VAL C 216 -32.49 33.29 8.25
C VAL C 216 -33.32 34.56 8.07
N TRP C 217 -33.97 34.73 6.93
CA TRP C 217 -34.57 36.00 6.52
C TRP C 217 -35.77 36.41 7.37
N ARG C 218 -36.79 35.58 7.51
CA ARG C 218 -38.00 35.98 8.21
C ARG C 218 -37.87 35.80 9.72
N PHE C 219 -36.74 35.27 10.20
CA PHE C 219 -36.42 35.33 11.62
C PHE C 219 -35.79 36.64 12.04
N LEU C 220 -34.77 37.13 11.32
CA LEU C 220 -34.12 38.35 11.77
C LEU C 220 -34.87 39.63 11.42
N GLN C 221 -36.00 39.54 10.72
CA GLN C 221 -36.79 40.72 10.41
C GLN C 221 -38.07 40.77 11.25
N SER C 222 -37.96 40.40 12.52
CA SER C 222 -39.12 40.39 13.40
C SER C 222 -38.79 40.85 14.81
N SER C 223 -39.83 41.18 15.59
CA SER C 223 -39.71 41.47 17.01
C SER C 223 -40.45 40.44 17.84
N ASN C 224 -40.55 39.22 17.31
CA ASN C 224 -41.26 38.12 17.94
C ASN C 224 -40.32 36.94 18.08
N GLY C 225 -40.40 36.26 19.23
CA GLY C 225 -39.48 35.16 19.50
C GLY C 225 -39.97 33.81 19.00
N SER C 226 -41.16 33.78 18.41
CA SER C 226 -41.78 32.52 18.00
C SER C 226 -41.08 31.73 16.90
N ASP C 227 -40.19 32.39 16.16
CA ASP C 227 -39.51 31.73 15.05
C ASP C 227 -38.32 30.79 15.20
N VAL C 228 -37.76 30.73 16.44
CA VAL C 228 -36.42 30.24 16.74
C VAL C 228 -36.59 28.76 16.43
N LEU C 229 -37.81 28.22 16.58
CA LEU C 229 -38.12 26.85 16.18
C LEU C 229 -37.92 26.60 14.69
N ALA C 230 -38.45 27.47 13.84
CA ALA C 230 -38.44 27.22 12.40
C ALA C 230 -37.05 27.38 11.80
N THR C 231 -36.25 28.32 12.32
CA THR C 231 -34.88 28.50 11.84
C THR C 231 -34.02 27.28 12.16
N LYS C 232 -34.17 26.73 13.37
CA LYS C 232 -33.43 25.53 13.74
C LYS C 232 -34.00 24.30 13.04
N GLN C 233 -35.30 24.29 12.76
CA GLN C 233 -35.93 23.17 12.06
C GLN C 233 -35.46 23.06 10.62
N ALA C 234 -35.45 24.18 9.90
CA ALA C 234 -35.08 24.19 8.48
C ALA C 234 -33.62 24.58 8.24
N LEU C 235 -32.67 23.94 8.92
CA LEU C 235 -31.27 24.11 8.55
C LEU C 235 -30.47 22.81 8.52
N LEU C 236 -30.86 21.78 9.26
CA LEU C 236 -30.12 20.52 9.21
C LEU C 236 -30.28 19.83 7.86
N PHE C 237 -31.52 19.55 7.47
CA PHE C 237 -31.77 18.76 6.27
C PHE C 237 -31.58 19.54 4.99
N ILE C 238 -31.78 20.85 4.97
CA ILE C 238 -31.52 21.61 3.76
C ILE C 238 -30.03 21.68 3.43
N VAL C 239 -29.19 21.93 4.43
CA VAL C 239 -27.75 21.91 4.18
C VAL C 239 -27.29 20.48 3.91
N LEU C 240 -27.90 19.49 4.57
CA LEU C 240 -27.55 18.10 4.34
C LEU C 240 -27.90 17.62 2.94
N VAL C 241 -28.98 18.13 2.34
CA VAL C 241 -29.30 17.72 0.97
C VAL C 241 -28.68 18.61 -0.08
N GLN C 242 -28.32 19.85 0.26
CA GLN C 242 -27.59 20.70 -0.68
C GLN C 242 -26.10 20.43 -0.64
N TYR C 243 -25.63 19.59 0.28
CA TYR C 243 -24.26 19.08 0.22
C TYR C 243 -24.03 18.30 -1.07
N ILE C 244 -25.03 17.55 -1.54
CA ILE C 244 -24.83 16.70 -2.72
C ILE C 244 -24.59 17.49 -4.00
N PRO C 245 -25.38 18.55 -4.35
CA PRO C 245 -24.99 19.34 -5.52
C PRO C 245 -23.74 20.17 -5.32
N ARG C 246 -23.46 20.59 -4.09
CA ARG C 246 -22.29 21.41 -3.85
C ARG C 246 -21.00 20.60 -3.77
N PHE C 247 -21.08 19.31 -3.43
CA PHE C 247 -19.92 18.45 -3.51
C PHE C 247 -19.81 17.74 -4.84
N LEU C 248 -20.88 17.73 -5.65
CA LEU C 248 -20.77 17.19 -6.99
C LEU C 248 -20.24 18.21 -8.00
N ARG C 249 -20.28 19.50 -7.69
CA ARG C 249 -19.66 20.50 -8.54
C ARG C 249 -18.22 20.80 -8.15
N VAL C 250 -17.64 20.00 -7.24
CA VAL C 250 -16.21 20.06 -6.94
C VAL C 250 -15.53 18.73 -7.24
N LEU C 251 -16.30 17.68 -7.47
CA LEU C 251 -15.79 16.34 -7.78
C LEU C 251 -15.04 16.26 -9.11
N PRO C 252 -15.54 16.81 -10.28
CA PRO C 252 -14.71 16.70 -11.50
C PRO C 252 -13.47 17.56 -11.46
N LEU C 253 -13.48 18.61 -10.64
CA LEU C 253 -12.36 19.53 -10.53
C LEU C 253 -11.39 19.13 -9.43
N THR C 254 -11.66 18.06 -8.69
CA THR C 254 -10.71 17.57 -7.70
C THR C 254 -10.28 16.13 -7.99
N SER C 255 -11.24 15.22 -8.14
CA SER C 255 -10.91 13.81 -8.28
C SER C 255 -10.33 13.47 -9.65
N GLU C 256 -10.46 14.36 -10.63
CA GLU C 256 -9.77 14.23 -11.90
C GLU C 256 -8.68 15.27 -12.11
N LEU C 257 -8.51 16.19 -11.16
CA LEU C 257 -7.38 17.10 -11.16
C LEU C 257 -6.32 16.60 -10.18
N LYS C 258 -6.62 15.46 -9.55
CA LYS C 258 -5.62 14.72 -8.80
C LYS C 258 -5.12 13.54 -9.62
N ARG C 259 -5.96 13.00 -10.50
CA ARG C 259 -5.54 11.95 -11.40
C ARG C 259 -4.59 12.46 -12.49
N THR C 260 -4.92 13.58 -13.12
CA THR C 260 -4.01 14.21 -14.08
C THR C 260 -3.88 15.67 -13.68
N ALA C 261 -2.95 15.95 -12.77
CA ALA C 261 -2.75 17.27 -12.22
C ALA C 261 -2.21 18.23 -13.27
N GLY C 262 -2.42 19.52 -13.03
CA GLY C 262 -2.09 20.52 -14.03
C GLY C 262 -0.88 21.38 -13.74
N VAL C 263 -0.65 21.73 -12.47
CA VAL C 263 0.39 22.69 -12.13
C VAL C 263 1.37 22.15 -11.10
N PHE C 264 1.39 20.83 -10.87
CA PHE C 264 2.23 20.26 -9.82
C PHE C 264 2.95 18.98 -10.29
N ALA C 265 4.25 18.89 -9.96
CA ALA C 265 5.02 17.71 -10.34
C ALA C 265 5.89 17.12 -9.23
N GLU C 266 6.48 17.94 -8.35
CA GLU C 266 7.85 17.64 -7.90
C GLU C 266 7.96 17.09 -6.47
N THR C 267 6.98 17.39 -5.61
CA THR C 267 7.19 17.14 -4.18
C THR C 267 5.88 16.69 -3.55
N ALA C 268 5.81 16.81 -2.23
CA ALA C 268 4.59 16.51 -1.47
C ALA C 268 4.03 17.82 -0.93
N TRP C 269 3.28 18.52 -1.77
CA TRP C 269 2.51 19.69 -1.37
C TRP C 269 1.13 19.68 -1.99
N ALA C 270 0.72 18.60 -2.64
CA ALA C 270 -0.62 18.46 -3.17
C ALA C 270 -1.18 17.07 -3.01
N GLY C 271 -0.46 16.15 -2.36
CA GLY C 271 -0.97 14.81 -2.15
C GLY C 271 -1.11 14.46 -0.69
N ALA C 272 -0.24 15.03 0.14
CA ALA C 272 -0.40 14.96 1.57
C ALA C 272 -1.15 16.17 2.10
N ALA C 273 -0.85 17.35 1.58
CA ALA C 273 -1.51 18.58 1.96
C ALA C 273 -2.84 18.78 1.27
N TYR C 274 -3.33 17.77 0.57
CA TYR C 274 -4.70 17.73 0.11
C TYR C 274 -5.55 16.76 0.91
N TYR C 275 -5.02 15.58 1.22
CA TYR C 275 -5.75 14.61 2.01
C TYR C 275 -5.65 14.88 3.51
N LEU C 276 -4.82 15.84 3.93
CA LEU C 276 -4.88 16.34 5.28
C LEU C 276 -5.81 17.53 5.45
N LEU C 277 -6.05 18.31 4.39
CA LEU C 277 -7.08 19.32 4.42
C LEU C 277 -8.42 18.79 3.99
N LEU C 278 -8.50 17.56 3.52
CA LEU C 278 -9.75 16.84 3.41
C LEU C 278 -10.25 16.33 4.75
N TYR C 279 -9.34 15.94 5.65
CA TYR C 279 -9.65 15.76 7.06
C TYR C 279 -10.14 17.03 7.73
N MET C 280 -9.54 18.17 7.44
CA MET C 280 -9.92 19.39 8.15
C MET C 280 -11.25 19.93 7.66
N LEU C 281 -11.62 19.66 6.41
CA LEU C 281 -12.96 19.95 5.92
C LEU C 281 -14.01 19.04 6.52
N ALA C 282 -13.72 17.74 6.57
CA ALA C 282 -14.70 16.80 7.09
C ALA C 282 -14.87 16.97 8.59
N SER C 283 -13.81 17.36 9.30
CA SER C 283 -13.91 17.67 10.70
C SER C 283 -14.72 18.93 10.93
N HIS C 284 -14.61 19.89 10.01
CA HIS C 284 -15.39 21.11 10.05
C HIS C 284 -16.86 20.85 9.83
N ILE C 285 -17.21 19.91 8.95
CA ILE C 285 -18.59 19.53 8.73
C ILE C 285 -19.14 18.68 9.87
N VAL C 286 -18.38 17.69 10.34
CA VAL C 286 -18.82 16.80 11.39
C VAL C 286 -18.94 17.48 12.75
N GLY C 287 -18.03 18.38 13.12
CA GLY C 287 -18.18 19.13 14.35
C GLY C 287 -19.35 20.08 14.36
N ALA C 288 -19.73 20.57 13.19
CA ALA C 288 -20.90 21.43 13.11
C ALA C 288 -22.19 20.64 13.21
N PHE C 289 -22.23 19.44 12.62
CA PHE C 289 -23.35 18.52 12.87
C PHE C 289 -23.46 18.13 14.32
N TRP C 290 -22.33 17.89 14.98
CA TRP C 290 -22.32 17.54 16.38
C TRP C 290 -22.85 18.66 17.23
N TYR C 291 -22.44 19.90 16.95
CA TYR C 291 -22.99 21.07 17.63
C TYR C 291 -24.49 21.19 17.41
N LEU C 292 -24.96 21.06 16.16
CA LEU C 292 -26.37 21.30 15.88
C LEU C 292 -27.25 20.22 16.46
N LEU C 293 -26.79 18.97 16.41
CA LEU C 293 -27.57 17.87 16.95
C LEU C 293 -27.55 17.88 18.47
N ALA C 294 -26.49 18.40 19.08
CA ALA C 294 -26.44 18.64 20.50
C ALA C 294 -27.39 19.62 20.95
N LEU C 295 -27.66 20.68 20.18
CA LEU C 295 -28.70 21.62 20.53
C LEU C 295 -30.09 21.06 20.31
N GLU C 296 -30.26 20.14 19.37
CA GLU C 296 -31.57 19.53 19.15
C GLU C 296 -31.92 18.55 20.25
N ARG C 297 -30.93 17.84 20.79
CA ARG C 297 -31.19 16.99 21.95
C ARG C 297 -31.46 17.78 23.22
N ASN C 298 -30.80 18.92 23.41
CA ASN C 298 -31.13 19.80 24.53
C ASN C 298 -32.51 20.43 24.35
N ASP C 299 -32.89 20.76 23.12
CA ASP C 299 -34.24 21.23 22.84
C ASP C 299 -35.27 20.16 23.14
N ALA C 300 -34.98 18.90 22.80
CA ALA C 300 -35.86 17.79 23.14
C ALA C 300 -36.01 17.60 24.63
N CYS C 301 -34.91 17.65 25.39
CA CYS C 301 -34.96 17.60 26.84
C CYS C 301 -35.80 18.72 27.41
N TRP C 302 -35.57 19.95 26.98
CA TRP C 302 -36.30 21.08 27.53
C TRP C 302 -37.77 21.06 27.16
N GLN C 303 -38.08 20.66 25.93
CA GLN C 303 -39.45 20.53 25.47
C GLN C 303 -40.20 19.41 26.15
N GLU C 304 -39.51 18.38 26.63
CA GLU C 304 -40.21 17.35 27.39
C GLU C 304 -40.21 17.60 28.90
N ALA C 305 -39.27 18.38 29.43
CA ALA C 305 -39.25 18.70 30.85
C ALA C 305 -40.11 19.89 31.18
N CYS C 306 -40.47 20.68 30.18
CA CYS C 306 -41.45 21.74 30.33
C CYS C 306 -42.89 21.24 30.37
N ILE C 307 -43.20 20.17 29.64
CA ILE C 307 -44.55 19.60 29.69
C ILE C 307 -44.79 18.88 31.02
N ASP C 308 -43.78 18.19 31.54
CA ASP C 308 -43.91 17.48 32.81
C ASP C 308 -44.11 18.43 33.99
N ALA C 309 -43.62 19.66 33.88
CA ALA C 309 -43.86 20.65 34.92
C ALA C 309 -45.30 21.15 34.91
N GLY C 310 -45.97 21.13 33.76
CA GLY C 310 -47.38 21.49 33.64
C GLY C 310 -47.71 22.96 33.55
N ASN C 311 -46.95 23.80 34.25
CA ASN C 311 -47.17 25.24 34.27
C ASN C 311 -46.37 25.97 33.19
N CYS C 312 -46.00 25.27 32.11
CA CYS C 312 -45.07 25.77 31.12
C CYS C 312 -45.56 25.41 29.74
N SER C 313 -45.48 26.38 28.82
CA SER C 313 -45.64 26.13 27.40
C SER C 313 -44.25 26.09 26.78
N THR C 314 -44.11 25.30 25.69
CA THR C 314 -42.80 25.16 25.05
C THR C 314 -42.39 26.41 24.28
N ASP C 315 -43.28 27.37 24.13
CA ASP C 315 -42.93 28.68 23.62
C ASP C 315 -42.09 29.48 24.60
N PHE C 316 -42.15 29.16 25.89
CA PHE C 316 -41.38 29.86 26.90
C PHE C 316 -39.90 29.51 26.87
N LEU C 317 -39.52 28.44 26.18
CA LEU C 317 -38.13 28.00 26.18
C LEU C 317 -37.31 28.74 25.14
N TYR C 318 -37.91 29.63 24.39
CA TYR C 318 -37.20 30.33 23.33
C TYR C 318 -37.07 31.79 23.69
N CYS C 319 -35.97 32.40 23.26
CA CYS C 319 -35.69 33.79 23.58
C CYS C 319 -36.60 34.68 22.77
N GLY C 320 -37.06 35.76 23.39
CA GLY C 320 -38.05 36.64 22.79
C GLY C 320 -39.48 36.33 23.18
N ASN C 321 -39.71 35.42 24.11
CA ASN C 321 -41.06 35.07 24.58
C ASN C 321 -41.19 35.35 26.07
N GLN C 322 -40.47 36.37 26.55
CA GLN C 322 -40.50 36.70 27.95
C GLN C 322 -41.70 37.54 28.35
N ASN C 323 -42.19 38.39 27.46
CA ASN C 323 -43.38 39.20 27.73
C ASN C 323 -44.63 38.51 27.20
N MET C 324 -44.80 37.27 27.67
CA MET C 324 -46.00 36.50 27.40
C MET C 324 -46.65 36.13 28.73
N ASP C 325 -47.94 35.88 28.71
CA ASP C 325 -48.63 35.58 29.94
C ASP C 325 -48.29 34.17 30.42
N GLY C 326 -48.00 34.08 31.72
CA GLY C 326 -47.60 32.82 32.30
C GLY C 326 -46.10 32.61 32.30
N TYR C 327 -45.35 33.54 31.72
CA TYR C 327 -43.91 33.43 31.75
C TYR C 327 -43.34 33.78 33.12
N ALA C 328 -44.05 34.60 33.90
CA ALA C 328 -43.56 34.95 35.23
C ALA C 328 -43.63 33.80 36.21
N VAL C 329 -44.55 32.84 36.02
CA VAL C 329 -44.65 31.71 36.92
C VAL C 329 -43.67 30.64 36.47
N TRP C 330 -43.24 30.72 35.21
CA TRP C 330 -42.23 29.80 34.71
C TRP C 330 -40.83 30.32 35.01
N ASN C 331 -40.69 31.63 35.19
CA ASN C 331 -39.38 32.23 35.40
C ASN C 331 -38.82 31.86 36.77
N ARG C 332 -39.66 31.75 37.78
CA ARG C 332 -39.21 31.40 39.12
C ARG C 332 -39.06 29.90 39.32
N ALA C 333 -39.35 29.10 38.29
CA ALA C 333 -39.14 27.66 38.38
C ALA C 333 -38.29 27.14 37.22
N LYS C 334 -37.58 28.02 36.51
CA LYS C 334 -36.70 27.58 35.43
C LYS C 334 -35.50 26.81 35.96
N GLU C 335 -34.74 27.42 36.86
CA GLU C 335 -33.50 26.79 37.31
C GLU C 335 -33.71 25.91 38.53
N SER C 336 -34.76 25.14 38.51
CA SER C 336 -34.93 23.89 39.23
C SER C 336 -35.50 22.82 38.32
N VAL C 337 -36.46 23.17 37.47
CA VAL C 337 -37.01 22.24 36.48
C VAL C 337 -35.99 21.84 35.42
N LEU C 338 -35.34 22.82 34.78
CA LEU C 338 -34.36 22.52 33.76
C LEU C 338 -33.04 22.03 34.33
N LYS C 339 -32.87 22.08 35.64
CA LYS C 339 -31.65 21.61 36.28
C LYS C 339 -31.78 20.21 36.86
N SER C 340 -32.92 19.88 37.45
CA SER C 340 -33.15 18.51 37.91
C SER C 340 -33.43 17.54 36.79
N LYS C 341 -33.77 18.03 35.60
CA LYS C 341 -34.17 17.17 34.50
C LYS C 341 -33.27 17.23 33.28
N CYS C 342 -32.52 18.31 33.08
CA CYS C 342 -31.82 18.53 31.83
C CYS C 342 -30.39 19.00 32.06
N ARG C 343 -29.80 18.64 33.19
CA ARG C 343 -28.42 18.96 33.45
C ARG C 343 -27.55 17.96 32.71
N ALA C 344 -26.38 18.40 32.29
CA ALA C 344 -25.43 17.57 31.59
C ALA C 344 -24.12 17.53 32.36
N ASP C 345 -23.81 16.36 32.90
CA ASP C 345 -22.50 16.12 33.51
C ASP C 345 -21.87 14.89 32.88
N LEU C 346 -20.53 14.82 32.86
CA LEU C 346 -19.84 13.67 32.29
C LEU C 346 -19.53 12.58 33.32
N ASP C 347 -19.95 12.75 34.58
CA ASP C 347 -19.74 11.70 35.57
C ASP C 347 -20.99 10.89 35.86
N ASP C 348 -22.17 11.40 35.51
CA ASP C 348 -23.42 10.70 35.75
C ASP C 348 -23.52 9.51 34.80
N ASN C 349 -23.75 8.32 35.36
CA ASN C 349 -24.02 7.14 34.55
C ASN C 349 -25.50 6.85 34.41
N ASN C 350 -26.34 7.40 35.28
CA ASN C 350 -27.78 7.43 35.09
C ASN C 350 -28.30 8.85 35.21
N PRO C 351 -28.15 9.66 34.17
CA PRO C 351 -28.64 11.03 34.22
C PRO C 351 -30.15 11.06 33.96
N PRO C 352 -30.83 12.16 34.27
CA PRO C 352 -32.28 12.20 34.00
C PRO C 352 -32.61 12.24 32.53
N PHE C 353 -31.68 12.70 31.68
CA PHE C 353 -31.80 12.64 30.24
C PHE C 353 -30.45 12.22 29.69
N ASP C 354 -30.46 11.30 28.74
CA ASP C 354 -29.24 10.81 28.13
C ASP C 354 -28.92 11.67 26.92
N PHE C 355 -27.79 12.36 26.97
CA PHE C 355 -27.34 13.16 25.85
C PHE C 355 -26.34 12.42 24.99
N GLY C 356 -25.72 11.39 25.52
CA GLY C 356 -24.94 10.49 24.70
C GLY C 356 -23.63 11.04 24.21
N ILE C 357 -23.53 11.35 22.93
CA ILE C 357 -22.30 11.89 22.37
C ILE C 357 -22.35 13.40 22.43
N TYR C 358 -23.49 13.94 22.85
CA TYR C 358 -23.71 15.36 22.94
C TYR C 358 -23.61 15.90 24.36
N THR C 359 -23.21 15.07 25.31
CA THR C 359 -23.07 15.55 26.67
C THR C 359 -21.78 16.31 26.88
N GLN C 360 -20.78 16.05 26.06
CA GLN C 360 -19.55 16.84 26.03
C GLN C 360 -19.78 18.25 25.53
N ALA C 361 -20.78 18.46 24.67
CA ALA C 361 -21.11 19.79 24.19
C ALA C 361 -21.87 20.62 25.20
N LEU C 362 -22.70 20.02 26.02
CA LEU C 362 -23.51 20.77 26.97
C LEU C 362 -22.89 20.85 28.35
N SER C 363 -22.01 19.92 28.70
CA SER C 363 -21.34 20.00 29.99
C SER C 363 -20.15 20.93 29.94
N SER C 364 -19.51 21.05 28.77
CA SER C 364 -18.41 22.00 28.62
C SER C 364 -18.94 23.42 28.50
N GLY C 365 -20.18 23.58 28.07
CA GLY C 365 -20.79 24.88 27.99
C GLY C 365 -20.49 25.65 26.73
N ILE C 366 -20.00 24.99 25.67
CA ILE C 366 -19.76 25.67 24.40
C ILE C 366 -21.04 26.02 23.67
N VAL C 367 -22.16 25.38 24.02
CA VAL C 367 -23.45 25.70 23.43
C VAL C 367 -23.98 27.03 23.91
N SER C 368 -23.41 27.56 25.00
CA SER C 368 -23.76 28.83 25.58
C SER C 368 -22.54 29.73 25.63
N SER C 369 -21.55 29.43 24.81
CA SER C 369 -20.30 30.16 24.77
C SER C 369 -20.49 31.46 24.03
N GLN C 370 -19.96 32.54 24.60
CA GLN C 370 -19.98 33.85 23.95
C GLN C 370 -18.81 34.05 23.01
N ASN C 371 -17.70 33.35 23.24
CA ASN C 371 -16.57 33.40 22.32
C ASN C 371 -16.76 32.36 21.23
N PHE C 372 -16.86 32.81 19.99
CA PHE C 372 -17.03 31.90 18.87
C PHE C 372 -15.77 31.14 18.52
N ILE C 373 -14.59 31.68 18.84
CA ILE C 373 -13.35 30.95 18.63
C ILE C 373 -13.28 29.71 19.50
N VAL C 374 -13.73 29.81 20.75
CA VAL C 374 -13.77 28.68 21.66
C VAL C 374 -14.72 27.61 21.14
N LYS C 375 -15.92 28.02 20.71
CA LYS C 375 -16.95 27.09 20.26
C LYS C 375 -16.54 26.40 18.97
N TYR C 376 -16.03 27.17 18.01
CA TYR C 376 -15.61 26.60 16.73
C TYR C 376 -14.42 25.66 16.89
N CYS C 377 -13.43 26.05 17.71
CA CYS C 377 -12.26 25.21 17.90
C CYS C 377 -12.62 23.93 18.65
N TYR C 378 -13.48 24.03 19.66
CA TYR C 378 -13.89 22.87 20.42
C TYR C 378 -14.71 21.89 19.59
N CYS C 379 -15.54 22.39 18.67
CA CYS C 379 -16.29 21.50 17.79
C CYS C 379 -15.45 20.91 16.67
N LEU C 380 -14.56 21.71 16.08
CA LEU C 380 -13.64 21.22 15.07
C LEU C 380 -12.71 20.14 15.61
N TRP C 381 -12.25 20.29 16.86
CA TRP C 381 -11.41 19.26 17.42
C TRP C 381 -12.19 18.00 17.75
N TRP C 382 -13.45 18.12 18.16
CA TRP C 382 -14.29 16.94 18.31
C TRP C 382 -14.46 16.21 16.99
N GLY C 383 -14.74 16.94 15.92
CA GLY C 383 -14.77 16.43 14.57
C GLY C 383 -13.51 15.69 14.16
N LEU C 384 -12.35 16.32 14.33
CA LEU C 384 -11.10 15.66 13.95
C LEU C 384 -10.76 14.48 14.84
N GLN C 385 -11.10 14.55 16.13
CA GLN C 385 -10.75 13.49 17.06
C GLN C 385 -11.64 12.27 16.84
N ASN C 386 -12.87 12.49 16.42
CA ASN C 386 -13.76 11.34 16.24
C ASN C 386 -13.76 10.85 14.80
N LEU C 387 -13.28 11.66 13.86
CA LEU C 387 -13.05 11.16 12.51
C LEU C 387 -11.73 10.44 12.43
N SER C 388 -10.72 10.91 13.16
CA SER C 388 -9.40 10.29 13.12
C SER C 388 -9.40 8.94 13.80
N THR C 389 -10.23 8.78 14.82
CA THR C 389 -10.22 7.59 15.66
C THR C 389 -11.49 6.76 15.47
N LEU C 390 -12.18 7.10 14.38
CA LEU C 390 -13.37 6.48 13.89
C LEU C 390 -14.44 6.23 14.80
N GLY C 391 -14.76 7.17 15.62
CA GLY C 391 -15.79 7.09 16.59
C GLY C 391 -15.55 6.38 17.81
N GLN C 392 -14.36 5.91 18.02
CA GLN C 392 -14.15 5.10 19.15
C GLN C 392 -14.59 5.60 20.40
N GLY C 393 -14.37 6.80 20.72
CA GLY C 393 -14.76 7.16 21.99
C GLY C 393 -16.03 7.79 22.10
N LEU C 394 -17.01 7.50 21.46
CA LEU C 394 -18.43 7.82 21.44
C LEU C 394 -19.20 6.86 22.32
N GLU C 395 -19.91 7.43 23.29
CA GLU C 395 -20.80 6.66 24.16
C GLU C 395 -22.21 7.15 23.85
N THR C 396 -22.83 6.58 22.83
CA THR C 396 -24.13 7.06 22.42
C THR C 396 -25.21 6.62 23.39
N SER C 397 -26.33 7.31 23.31
CA SER C 397 -27.55 6.88 23.96
C SER C 397 -28.28 5.91 23.03
N THR C 398 -29.45 5.45 23.48
CA THR C 398 -30.26 4.54 22.68
C THR C 398 -31.28 5.35 21.87
N TYR C 399 -30.75 6.26 21.08
CA TYR C 399 -31.55 7.16 20.24
C TYR C 399 -31.06 6.96 18.82
N PRO C 400 -31.93 6.55 17.89
CA PRO C 400 -31.44 6.00 16.62
C PRO C 400 -30.78 7.00 15.67
N MET C 401 -31.19 8.26 15.67
CA MET C 401 -30.53 9.26 14.84
C MET C 401 -29.11 9.54 15.31
N GLU C 402 -28.87 9.51 16.62
CA GLU C 402 -27.54 9.69 17.16
C GLU C 402 -26.65 8.50 16.83
N ILE C 403 -27.21 7.30 16.87
CA ILE C 403 -26.50 6.07 16.52
C ILE C 403 -26.11 6.09 15.04
N ILE C 404 -27.03 6.53 14.19
CA ILE C 404 -26.78 6.63 12.76
C ILE C 404 -25.75 7.72 12.45
N PHE C 405 -25.74 8.81 13.21
CA PHE C 405 -24.70 9.82 13.08
C PHE C 405 -23.33 9.29 13.49
N SER C 406 -23.28 8.43 14.51
CA SER C 406 -22.03 7.78 14.90
C SER C 406 -21.51 6.78 13.87
N ILE C 407 -22.42 6.00 13.27
CA ILE C 407 -22.07 5.05 12.22
C ILE C 407 -21.47 5.77 11.03
N SER C 408 -22.05 6.93 10.68
CA SER C 408 -21.52 7.78 9.61
C SER C 408 -20.13 8.29 9.91
N LEU C 409 -19.84 8.64 11.16
CA LEU C 409 -18.50 9.06 11.55
C LEU C 409 -17.49 7.95 11.42
N ALA C 410 -17.85 6.75 11.87
CA ALA C 410 -16.95 5.60 11.75
C ALA C 410 -16.66 5.28 10.29
N ILE C 411 -17.68 5.28 9.44
CA ILE C 411 -17.50 4.96 8.03
C ILE C 411 -16.73 6.06 7.30
N SER C 412 -17.03 7.32 7.60
CA SER C 412 -16.34 8.44 6.97
C SER C 412 -14.89 8.51 7.39
N GLY C 413 -14.59 8.19 8.65
CA GLY C 413 -13.22 8.13 9.09
C GLY C 413 -12.44 7.00 8.50
N LEU C 414 -13.07 5.83 8.32
CA LEU C 414 -12.45 4.72 7.62
C LEU C 414 -12.08 5.09 6.18
N ILE C 415 -13.01 5.75 5.48
CA ILE C 415 -12.76 6.21 4.11
C ILE C 415 -11.62 7.21 4.08
N LEU C 416 -11.66 8.20 4.97
CA LEU C 416 -10.67 9.27 4.97
C LEU C 416 -9.29 8.76 5.33
N PHE C 417 -9.22 7.75 6.19
CA PHE C 417 -7.93 7.21 6.57
C PHE C 417 -7.35 6.36 5.46
N ALA C 418 -8.20 5.54 4.83
CA ALA C 418 -7.76 4.71 3.72
C ALA C 418 -7.29 5.56 2.55
N LEU C 419 -7.97 6.68 2.29
CA LEU C 419 -7.56 7.60 1.25
C LEU C 419 -6.21 8.26 1.54
N LEU C 420 -5.99 8.68 2.80
CA LEU C 420 -4.76 9.36 3.16
C LEU C 420 -3.56 8.41 3.11
N ILE C 421 -3.69 7.21 3.69
CA ILE C 421 -2.54 6.33 3.67
C ILE C 421 -2.34 5.72 2.28
N GLY C 422 -3.40 5.59 1.48
CA GLY C 422 -3.25 5.14 0.13
C GLY C 422 -2.66 6.17 -0.79
N ASN C 423 -2.85 7.44 -0.53
CA ASN C 423 -2.19 8.45 -1.34
C ASN C 423 -0.80 8.77 -0.83
N MET C 424 -0.49 8.44 0.42
CA MET C 424 0.87 8.59 0.91
C MET C 424 1.76 7.43 0.50
N GLN C 425 1.24 6.20 0.52
CA GLN C 425 1.98 5.06 0.00
C GLN C 425 2.22 5.18 -1.50
N THR C 426 1.24 5.67 -2.26
CA THR C 426 1.43 5.91 -3.68
C THR C 426 2.48 6.95 -3.98
N TYR C 427 2.57 8.01 -3.17
CA TYR C 427 3.62 8.99 -3.30
C TYR C 427 4.99 8.44 -2.92
N LEU C 428 5.11 7.77 -1.78
CA LEU C 428 6.38 7.24 -1.32
C LEU C 428 6.91 6.11 -2.17
N GLN C 429 6.04 5.28 -2.72
CA GLN C 429 6.44 4.20 -3.59
C GLN C 429 6.96 4.70 -4.93
N SER C 430 6.38 5.76 -5.46
CA SER C 430 6.87 6.41 -6.65
C SER C 430 8.11 7.25 -6.40
N LEU C 431 8.38 7.60 -5.16
CA LEU C 431 9.56 8.36 -4.81
C LEU C 431 10.83 7.53 -4.79
N THR C 432 10.78 6.35 -4.20
CA THR C 432 11.94 5.48 -4.06
C THR C 432 11.89 4.32 -5.04
N ILE C 433 11.45 4.59 -6.27
CA ILE C 433 11.24 3.52 -7.23
C ILE C 433 12.56 2.98 -7.78
N ARG C 434 13.52 3.85 -8.03
CA ARG C 434 14.83 3.45 -8.54
C ARG C 434 15.67 2.76 -7.49
N LEU C 435 15.57 3.19 -6.24
CA LEU C 435 16.25 2.53 -5.14
C LEU C 435 15.70 1.14 -4.89
N GLU C 436 14.38 0.97 -4.89
CA GLU C 436 13.80 -0.35 -4.76
C GLU C 436 14.10 -1.24 -5.96
N GLU C 437 14.18 -0.69 -7.16
CA GLU C 437 14.65 -1.43 -8.31
C GLU C 437 16.10 -1.87 -8.19
N MET C 438 16.97 -1.03 -7.66
CA MET C 438 18.34 -1.40 -7.36
C MET C 438 18.42 -2.49 -6.31
N ARG C 439 17.56 -2.46 -5.31
CA ARG C 439 17.57 -3.49 -4.28
C ARG C 439 17.03 -4.82 -4.77
N VAL C 440 16.03 -4.79 -5.66
CA VAL C 440 15.55 -6.02 -6.30
C VAL C 440 16.63 -6.60 -7.20
N LYS C 441 17.29 -5.75 -7.99
CA LYS C 441 18.35 -6.20 -8.87
C LYS C 441 19.55 -6.72 -8.09
N ARG C 442 19.79 -6.16 -6.92
CA ARG C 442 20.87 -6.58 -6.04
C ARG C 442 20.57 -7.88 -5.33
N ARG C 443 19.33 -8.12 -4.92
CA ARG C 443 18.93 -9.43 -4.41
C ARG C 443 18.93 -10.51 -5.47
N ASP C 444 18.54 -10.19 -6.70
CA ASP C 444 18.62 -11.12 -7.81
C ASP C 444 20.04 -11.56 -8.12
N SER C 445 21.00 -10.64 -8.07
CA SER C 445 22.38 -10.99 -8.37
C SER C 445 22.98 -11.85 -7.28
N GLU C 446 22.63 -11.62 -6.02
CA GLU C 446 23.09 -12.48 -4.94
C GLU C 446 22.49 -13.87 -5.06
N GLN C 447 21.20 -13.95 -5.39
CA GLN C 447 20.55 -15.23 -5.62
C GLN C 447 21.18 -15.99 -6.78
N TRP C 448 21.50 -15.30 -7.86
CA TRP C 448 22.07 -15.97 -9.02
C TRP C 448 23.51 -16.38 -8.78
N MET C 449 24.29 -15.56 -8.08
CA MET C 449 25.67 -15.90 -7.78
C MET C 449 25.78 -16.99 -6.74
N HIS C 450 24.81 -17.08 -5.82
CA HIS C 450 24.76 -18.20 -4.90
C HIS C 450 24.30 -19.48 -5.59
N HIS C 451 23.38 -19.37 -6.55
CA HIS C 451 22.91 -20.56 -7.26
C HIS C 451 23.99 -21.11 -8.17
N ARG C 452 24.75 -20.24 -8.82
CA ARG C 452 25.78 -20.69 -9.73
C ARG C 452 27.08 -21.02 -9.04
N MET C 453 27.22 -20.63 -7.77
CA MET C 453 28.43 -20.77 -6.96
C MET C 453 29.65 -20.19 -7.67
N LEU C 454 29.60 -18.88 -7.86
CA LEU C 454 30.70 -18.16 -8.42
C LEU C 454 31.83 -18.05 -7.39
N PRO C 455 33.07 -17.94 -7.83
CA PRO C 455 34.15 -17.61 -6.90
C PRO C 455 33.96 -16.22 -6.33
N GLN C 456 34.51 -15.99 -5.15
CA GLN C 456 34.28 -14.73 -4.47
C GLN C 456 35.01 -13.56 -5.10
N ASP C 457 36.09 -13.82 -5.86
CA ASP C 457 36.69 -12.74 -6.63
C ASP C 457 35.82 -12.31 -7.79
N LEU C 458 35.03 -13.22 -8.36
CA LEU C 458 34.07 -12.87 -9.40
C LEU C 458 32.79 -12.31 -8.82
N ARG C 459 32.46 -12.63 -7.59
CA ARG C 459 31.31 -12.06 -6.91
C ARG C 459 31.57 -10.66 -6.42
N GLU C 460 32.80 -10.33 -6.05
CA GLU C 460 33.14 -8.97 -5.69
C GLU C 460 33.17 -8.04 -6.89
N ARG C 461 33.60 -8.51 -8.05
CA ARG C 461 33.59 -7.71 -9.27
C ARG C 461 32.20 -7.40 -9.77
N VAL C 462 31.20 -8.22 -9.43
CA VAL C 462 29.83 -8.00 -9.87
C VAL C 462 29.20 -6.95 -8.96
N ARG C 463 29.37 -7.13 -7.65
CA ARG C 463 28.90 -6.21 -6.65
C ARG C 463 29.50 -4.82 -6.79
N ARG C 464 30.78 -4.77 -7.15
CA ARG C 464 31.48 -3.51 -7.32
C ARG C 464 30.94 -2.74 -8.51
N TYR C 465 30.70 -3.42 -9.63
CA TYR C 465 30.15 -2.77 -10.81
C TYR C 465 28.72 -2.32 -10.58
N ASP C 466 27.92 -3.13 -9.87
CA ASP C 466 26.55 -2.74 -9.62
C ASP C 466 26.46 -1.53 -8.68
N GLN C 467 27.31 -1.48 -7.65
CA GLN C 467 27.35 -0.32 -6.78
C GLN C 467 27.87 0.92 -7.50
N TYR C 468 28.83 0.77 -8.38
CA TYR C 468 29.35 1.89 -9.14
C TYR C 468 28.32 2.42 -10.13
N LYS C 469 27.61 1.52 -10.80
CA LYS C 469 26.58 1.92 -11.73
C LYS C 469 25.40 2.57 -11.02
N TRP C 470 25.08 2.13 -9.81
CA TRP C 470 24.05 2.80 -9.04
C TRP C 470 24.51 4.17 -8.56
N LEU C 471 25.78 4.33 -8.20
CA LEU C 471 26.30 5.62 -7.80
C LEU C 471 26.33 6.62 -8.93
N GLU C 472 26.65 6.19 -10.14
CA GLU C 472 26.69 7.10 -11.27
C GLU C 472 25.33 7.39 -11.87
N THR C 473 24.52 6.37 -12.15
CA THR C 473 23.33 6.59 -12.96
C THR C 473 22.09 6.78 -12.12
N ARG C 474 22.11 6.25 -10.89
CA ARG C 474 20.97 6.22 -9.96
C ARG C 474 19.74 5.56 -10.58
N GLY C 475 19.96 4.52 -11.37
CA GLY C 475 18.86 3.76 -11.93
C GLY C 475 18.32 4.31 -13.22
N VAL C 476 18.79 5.48 -13.63
CA VAL C 476 18.27 6.19 -14.79
C VAL C 476 18.89 5.60 -16.04
N ASP C 477 18.03 5.17 -16.97
CA ASP C 477 18.44 4.74 -18.29
C ASP C 477 18.60 5.99 -19.15
N GLU C 478 19.84 6.43 -19.34
CA GLU C 478 20.13 7.67 -20.04
C GLU C 478 19.81 7.60 -21.52
N GLU C 479 20.13 6.49 -22.19
CA GLU C 479 19.82 6.36 -23.61
C GLU C 479 18.33 6.25 -23.89
N TYR C 480 17.55 5.68 -22.96
CA TYR C 480 16.11 5.71 -23.11
C TYR C 480 15.55 7.11 -22.90
N LEU C 481 16.13 7.90 -22.01
CA LEU C 481 15.73 9.30 -21.87
C LEU C 481 16.06 10.10 -23.10
N VAL C 482 17.23 9.86 -23.68
CA VAL C 482 17.66 10.65 -24.82
C VAL C 482 16.85 10.28 -26.05
N GLN C 483 16.60 8.98 -26.27
CA GLN C 483 15.85 8.53 -27.43
C GLN C 483 14.38 8.93 -27.42
N ASN C 484 13.85 9.41 -26.29
CA ASN C 484 12.49 9.90 -26.21
C ASN C 484 12.42 11.42 -26.31
N LEU C 485 13.43 12.05 -26.80
CA LEU C 485 13.47 13.49 -26.97
C LEU C 485 13.29 13.83 -28.43
N PRO C 486 12.91 15.07 -28.76
CA PRO C 486 12.86 15.46 -30.18
C PRO C 486 14.25 15.44 -30.78
N LYS C 487 14.30 15.26 -32.11
CA LYS C 487 15.56 15.06 -32.81
C LYS C 487 16.47 16.28 -32.73
N ASP C 488 15.89 17.48 -32.75
CA ASP C 488 16.68 18.69 -32.56
C ASP C 488 17.22 18.79 -31.15
N LEU C 489 16.44 18.38 -30.15
CA LEU C 489 16.88 18.45 -28.77
C LEU C 489 17.89 17.35 -28.47
N ARG C 490 17.69 16.17 -29.05
CA ARG C 490 18.68 15.10 -29.04
C ARG C 490 20.02 15.57 -29.59
N ARG C 491 20.00 16.20 -30.76
CA ARG C 491 21.22 16.61 -31.42
C ARG C 491 21.93 17.71 -30.65
N ASP C 492 21.19 18.63 -30.04
CA ASP C 492 21.84 19.68 -29.25
C ASP C 492 22.41 19.15 -27.94
N ILE C 493 21.70 18.24 -27.27
CA ILE C 493 22.20 17.65 -26.03
C ILE C 493 23.42 16.78 -26.30
N LYS C 494 23.37 15.98 -27.36
CA LYS C 494 24.49 15.14 -27.72
C LYS C 494 25.69 15.94 -28.22
N ARG C 495 25.48 17.03 -28.94
CA ARG C 495 26.57 17.94 -29.25
C ARG C 495 27.11 18.67 -28.02
N HIS C 496 26.30 18.87 -26.98
CA HIS C 496 26.91 19.44 -25.78
C HIS C 496 27.75 18.40 -25.05
N LEU C 497 27.26 17.18 -24.93
CA LEU C 497 27.94 16.16 -24.17
C LEU C 497 29.19 15.63 -24.86
N CYS C 498 29.15 15.45 -26.18
CA CYS C 498 30.12 14.61 -26.85
C CYS C 498 30.86 15.26 -28.02
N LEU C 499 30.85 16.58 -28.17
CA LEU C 499 31.49 17.14 -29.37
C LEU C 499 32.97 17.38 -29.15
N ALA C 500 33.35 17.88 -27.98
CA ALA C 500 34.75 18.11 -27.64
C ALA C 500 35.53 16.81 -27.55
N LEU C 501 34.90 15.71 -27.15
CA LEU C 501 35.53 14.40 -27.17
C LEU C 501 35.81 13.90 -28.58
N VAL C 502 34.85 14.01 -29.50
CA VAL C 502 35.06 13.56 -30.86
C VAL C 502 36.00 14.49 -31.62
N ARG C 503 36.00 15.78 -31.30
CA ARG C 503 36.88 16.75 -31.96
C ARG C 503 38.24 16.86 -31.29
N ARG C 504 38.67 15.81 -30.59
CA ARG C 504 40.07 15.65 -30.21
C ARG C 504 40.71 14.48 -30.94
N VAL C 505 39.93 13.61 -31.56
CA VAL C 505 40.44 12.59 -32.48
C VAL C 505 40.95 13.33 -33.72
N PRO C 506 42.18 13.08 -34.17
CA PRO C 506 42.71 13.84 -35.31
C PRO C 506 42.06 13.49 -36.64
N LEU C 507 41.50 12.30 -36.77
CA LEU C 507 40.84 11.95 -38.03
C LEU C 507 39.39 12.43 -38.01
N PHE C 508 38.86 12.77 -36.83
CA PHE C 508 37.49 13.27 -36.74
C PHE C 508 37.42 14.79 -36.66
N LYS C 509 38.43 15.45 -36.09
CA LYS C 509 38.37 16.91 -35.94
C LYS C 509 38.46 17.62 -37.28
N SER C 510 39.34 17.16 -38.17
CA SER C 510 39.43 17.76 -39.49
C SER C 510 38.40 17.22 -40.47
N MET C 511 37.50 16.34 -40.03
CA MET C 511 36.59 15.65 -40.94
C MET C 511 35.48 16.54 -41.47
N ASP C 512 34.57 16.96 -40.60
CA ASP C 512 33.28 17.44 -41.07
C ASP C 512 32.64 18.24 -39.93
N ASP C 513 31.35 18.53 -40.11
CA ASP C 513 30.41 18.74 -39.01
C ASP C 513 29.18 17.87 -39.15
N LYS C 514 28.74 17.68 -40.41
CA LYS C 514 27.64 16.80 -40.79
C LYS C 514 27.76 15.38 -40.26
N LEU C 515 28.93 14.77 -40.42
CA LEU C 515 29.05 13.36 -40.11
C LEU C 515 29.55 13.12 -38.69
N LEU C 516 30.29 14.07 -38.11
CA LEU C 516 30.63 13.91 -36.70
C LEU C 516 29.43 14.22 -35.81
N ASP C 517 28.48 15.01 -36.28
CA ASP C 517 27.22 15.11 -35.53
C ASP C 517 26.33 13.89 -35.72
N ALA C 518 26.68 12.98 -36.62
CA ALA C 518 26.07 11.66 -36.68
C ALA C 518 26.87 10.62 -35.93
N ILE C 519 28.16 10.89 -35.70
CA ILE C 519 28.97 10.03 -34.86
C ILE C 519 28.62 10.25 -33.40
N CYS C 520 28.52 11.50 -32.96
CA CYS C 520 28.13 11.75 -31.57
C CYS C 520 26.62 11.76 -31.40
N MET C 521 25.95 10.76 -31.95
CA MET C 521 24.60 10.35 -31.62
C MET C 521 24.56 8.89 -31.26
N ARG C 522 25.67 8.17 -31.49
CA ARG C 522 25.81 6.78 -31.12
C ARG C 522 26.77 6.57 -29.96
N LEU C 523 27.35 7.64 -29.41
CA LEU C 523 28.18 7.51 -28.23
C LEU C 523 27.32 7.23 -27.02
N LYS C 524 27.46 6.04 -26.46
CA LYS C 524 26.72 5.59 -25.30
C LYS C 524 27.67 5.47 -24.13
N PRO C 525 27.20 5.75 -22.91
CA PRO C 525 28.12 5.79 -21.77
C PRO C 525 28.53 4.43 -21.24
N CYS C 526 29.83 4.17 -21.15
CA CYS C 526 30.33 3.00 -20.46
C CYS C 526 30.90 3.36 -19.11
N LEU C 527 30.94 2.35 -18.24
CA LEU C 527 31.44 2.48 -16.88
C LEU C 527 32.43 1.36 -16.64
N PHE C 528 33.51 1.66 -15.93
CA PHE C 528 34.52 0.68 -15.59
C PHE C 528 34.95 0.90 -14.17
N THR C 529 34.90 -0.15 -13.36
CA THR C 529 35.40 -0.10 -12.01
C THR C 529 36.92 -0.21 -12.04
N GLU C 530 37.54 -0.12 -10.87
CA GLU C 530 38.99 -0.08 -10.78
C GLU C 530 39.56 -1.45 -11.10
N SER C 531 40.72 -1.45 -11.77
CA SER C 531 41.45 -2.64 -12.23
C SER C 531 40.64 -3.48 -13.22
N THR C 532 39.70 -2.87 -13.93
CA THR C 532 39.01 -3.53 -15.01
C THR C 532 39.83 -3.44 -16.28
N TYR C 533 40.08 -4.58 -16.90
CA TYR C 533 40.81 -4.62 -18.15
C TYR C 533 39.83 -4.29 -19.27
N LEU C 534 40.00 -3.10 -19.86
CA LEU C 534 39.11 -2.66 -20.92
C LEU C 534 39.33 -3.46 -22.19
N VAL C 535 40.59 -3.77 -22.50
CA VAL C 535 40.95 -4.66 -23.58
C VAL C 535 42.28 -5.30 -23.23
N ARG C 536 42.50 -6.49 -23.76
CA ARG C 536 43.76 -7.20 -23.63
C ARG C 536 44.17 -7.67 -25.02
N GLU C 537 45.47 -7.88 -25.22
CA GLU C 537 45.99 -8.11 -26.56
C GLU C 537 45.57 -9.46 -27.11
N GLY C 538 45.30 -9.51 -28.40
CA GLY C 538 44.77 -10.69 -29.05
C GLY C 538 43.27 -10.71 -29.19
N ASP C 539 42.54 -9.95 -28.39
CA ASP C 539 41.10 -9.80 -28.40
C ASP C 539 40.68 -8.84 -29.50
N PRO C 540 39.49 -8.99 -30.08
CA PRO C 540 39.07 -8.04 -31.11
C PRO C 540 38.57 -6.75 -30.49
N VAL C 541 39.10 -5.65 -30.97
CA VAL C 541 38.65 -4.31 -30.58
C VAL C 541 37.26 -4.11 -31.13
N ASP C 542 36.28 -3.91 -30.23
CA ASP C 542 34.90 -3.79 -30.69
C ASP C 542 34.21 -2.54 -30.18
N GLU C 543 34.90 -1.63 -29.49
CA GLU C 543 34.36 -0.32 -29.20
C GLU C 543 35.51 0.66 -29.04
N MET C 544 35.33 1.86 -29.59
CA MET C 544 36.19 2.99 -29.31
C MET C 544 35.64 3.76 -28.13
N LEU C 545 36.54 4.17 -27.24
CA LEU C 545 36.16 4.76 -25.97
C LEU C 545 36.77 6.13 -25.84
N PHE C 546 35.94 7.12 -25.56
CA PHE C 546 36.34 8.51 -25.36
C PHE C 546 36.16 8.80 -23.89
N ILE C 547 37.26 9.02 -23.17
CA ILE C 547 37.24 9.00 -21.71
C ILE C 547 36.61 10.29 -21.18
N ILE C 548 35.65 10.15 -20.29
CA ILE C 548 35.05 11.26 -19.58
C ILE C 548 35.79 11.55 -18.28
N ARG C 549 35.93 10.52 -17.45
CA ARG C 549 36.37 10.69 -16.09
C ARG C 549 37.27 9.51 -15.76
N GLY C 550 38.07 9.65 -14.72
CA GLY C 550 38.92 8.58 -14.26
C GLY C 550 40.16 8.41 -15.13
N ARG C 551 41.12 7.71 -14.56
CA ARG C 551 42.44 7.57 -15.16
C ARG C 551 42.58 6.14 -15.64
N LEU C 552 43.41 5.92 -16.67
CA LEU C 552 43.60 4.58 -17.19
C LEU C 552 45.07 4.26 -17.36
N GLU C 553 45.35 3.15 -18.04
CA GLU C 553 46.72 2.68 -18.18
C GLU C 553 46.82 1.97 -19.50
N SER C 554 48.02 1.80 -20.05
CA SER C 554 48.18 1.12 -21.32
C SER C 554 49.59 0.59 -21.48
N VAL C 555 49.74 -0.74 -21.58
CA VAL C 555 51.00 -1.37 -21.93
C VAL C 555 50.79 -2.21 -23.19
N THR C 556 51.89 -2.43 -23.89
CA THR C 556 51.85 -3.13 -25.17
C THR C 556 53.07 -4.03 -25.28
N THR C 557 52.82 -5.31 -25.54
CA THR C 557 53.84 -6.37 -25.69
C THR C 557 54.77 -6.49 -24.49
N PHE C 564 56.25 -2.15 -17.82
CA PHE C 564 57.62 -2.52 -18.13
C PHE C 564 57.79 -2.71 -19.63
N PHE C 565 56.77 -2.33 -20.39
CA PHE C 565 56.74 -2.52 -21.83
C PHE C 565 56.30 -1.24 -22.53
N ASN C 566 56.95 -0.13 -22.14
CA ASN C 566 56.68 1.24 -22.61
C ASN C 566 55.23 1.65 -22.33
N ARG C 567 54.95 1.79 -21.04
CA ARG C 567 53.60 2.08 -20.56
C ARG C 567 53.11 3.44 -21.02
N SER C 568 51.79 3.55 -21.13
CA SER C 568 51.14 4.77 -21.60
C SER C 568 49.96 5.05 -20.70
N LEU C 569 49.78 6.31 -20.36
CA LEU C 569 48.71 6.72 -19.46
C LEU C 569 47.56 7.29 -20.28
N LEU C 570 46.37 7.28 -19.67
CA LEU C 570 45.18 7.83 -20.28
C LEU C 570 44.37 8.50 -19.18
N LYS C 571 43.87 9.70 -19.46
CA LYS C 571 43.14 10.43 -18.45
C LYS C 571 41.99 11.18 -19.11
N GLU C 572 41.40 12.13 -18.38
CA GLU C 572 40.15 12.76 -18.75
C GLU C 572 40.28 13.59 -20.02
N GLY C 573 39.69 13.09 -21.11
CA GLY C 573 39.62 13.80 -22.37
C GLY C 573 40.25 13.03 -23.52
N GLU C 574 41.23 12.19 -23.24
CA GLU C 574 41.87 11.39 -24.27
C GLU C 574 40.95 10.25 -24.68
N PHE C 575 41.32 9.56 -25.74
CA PHE C 575 40.49 8.45 -26.20
C PHE C 575 41.35 7.19 -26.34
N CYS C 576 40.68 6.09 -26.69
CA CYS C 576 41.32 4.79 -26.81
C CYS C 576 40.53 3.91 -27.75
N GLY C 577 41.17 3.36 -28.76
CA GLY C 577 40.45 2.53 -29.70
C GLY C 577 40.62 2.93 -31.14
N GLU C 578 41.73 3.61 -31.46
CA GLU C 578 42.03 4.06 -32.81
C GLU C 578 42.35 2.90 -33.75
N GLU C 579 42.60 1.70 -33.24
CA GLU C 579 42.73 0.52 -34.08
C GLU C 579 41.41 0.16 -34.75
N LEU C 580 40.28 0.53 -34.14
CA LEU C 580 38.98 0.26 -34.73
C LEU C 580 38.65 1.24 -35.85
N LEU C 581 39.19 2.45 -35.76
CA LEU C 581 38.82 3.50 -36.70
C LEU C 581 39.40 3.26 -38.08
N THR C 582 40.73 3.18 -38.15
CA THR C 582 41.45 2.95 -39.40
C THR C 582 41.06 1.63 -40.05
N TRP C 583 40.76 0.60 -39.25
CA TRP C 583 40.15 -0.62 -39.75
C TRP C 583 38.80 -0.38 -40.42
N ALA C 584 37.94 0.44 -39.81
CA ALA C 584 36.58 0.59 -40.30
C ALA C 584 36.46 1.49 -41.52
N LEU C 585 37.27 2.54 -41.64
CA LEU C 585 37.22 3.39 -42.82
C LEU C 585 37.96 2.76 -44.01
N ASP C 586 38.88 1.83 -43.72
CA ASP C 586 39.49 1.12 -44.85
C ASP C 586 38.51 0.10 -45.41
N PRO C 587 38.30 0.12 -46.74
CA PRO C 587 37.44 -0.90 -47.35
C PRO C 587 38.17 -2.19 -47.64
N LYS C 588 39.48 -2.23 -47.40
CA LYS C 588 40.24 -3.46 -47.63
C LYS C 588 40.30 -4.31 -46.37
N SER C 589 39.16 -4.49 -45.71
CA SER C 589 39.10 -5.29 -44.49
C SER C 589 37.94 -6.28 -44.48
N GLY C 590 36.79 -5.90 -45.02
CA GLY C 590 35.58 -6.69 -44.83
C GLY C 590 35.09 -6.57 -43.39
N VAL C 591 34.29 -7.54 -43.00
CA VAL C 591 33.87 -7.64 -41.59
C VAL C 591 34.94 -8.49 -40.90
N ASN C 592 36.01 -7.81 -40.46
CA ASN C 592 37.14 -8.46 -39.82
C ASN C 592 37.59 -7.61 -38.64
N LEU C 593 37.09 -7.93 -37.44
CA LEU C 593 37.44 -7.15 -36.26
C LEU C 593 38.92 -7.33 -35.92
N PRO C 594 39.69 -6.24 -35.93
CA PRO C 594 41.14 -6.35 -35.78
C PRO C 594 41.52 -6.67 -34.34
N SER C 595 42.70 -7.26 -34.21
CA SER C 595 43.21 -7.66 -32.91
C SER C 595 43.69 -6.44 -32.14
N SER C 596 43.77 -6.59 -30.82
CA SER C 596 44.24 -5.52 -29.97
C SER C 596 45.75 -5.53 -29.90
N THR C 597 46.32 -4.36 -29.64
CA THR C 597 47.76 -4.23 -29.46
C THR C 597 48.16 -3.82 -28.06
N ARG C 598 47.21 -3.41 -27.23
CA ARG C 598 47.52 -2.89 -25.91
C ARG C 598 46.69 -3.60 -24.84
N THR C 599 47.20 -3.56 -23.61
CA THR C 599 46.48 -4.01 -22.42
C THR C 599 46.11 -2.78 -21.59
N VAL C 600 44.82 -2.51 -21.49
CA VAL C 600 44.31 -1.24 -20.99
C VAL C 600 43.57 -1.50 -19.69
N LYS C 601 44.15 -1.08 -18.59
CA LYS C 601 43.61 -1.32 -17.26
C LYS C 601 43.08 -0.02 -16.67
N ALA C 602 41.86 -0.07 -16.17
CA ALA C 602 41.26 1.08 -15.49
C ALA C 602 41.95 1.31 -14.16
N LEU C 603 42.68 2.42 -14.06
CA LEU C 603 43.37 2.74 -12.82
C LEU C 603 42.45 3.29 -11.75
N THR C 604 41.32 3.86 -12.14
CA THR C 604 40.36 4.44 -11.23
C THR C 604 38.99 3.95 -11.73
N GLU C 605 37.91 4.47 -11.17
CA GLU C 605 36.60 4.28 -11.75
C GLU C 605 36.48 5.22 -12.96
N VAL C 606 36.14 4.66 -14.10
CA VAL C 606 36.18 5.35 -15.38
C VAL C 606 34.76 5.52 -15.91
N GLU C 607 34.43 6.71 -16.39
CA GLU C 607 33.33 6.92 -17.31
C GLU C 607 33.89 7.11 -18.71
N ALA C 608 33.15 6.70 -19.71
CA ALA C 608 33.57 6.92 -21.09
C ALA C 608 32.32 7.05 -21.95
N PHE C 609 32.54 7.34 -23.23
CA PHE C 609 31.50 7.25 -24.25
C PHE C 609 31.97 6.25 -25.29
N ALA C 610 31.16 5.24 -25.56
CA ALA C 610 31.56 4.11 -26.38
C ALA C 610 30.95 4.20 -27.76
N LEU C 611 31.77 3.94 -28.77
CA LEU C 611 31.32 3.84 -30.16
C LEU C 611 31.66 2.43 -30.62
N THR C 612 30.66 1.56 -30.71
CA THR C 612 30.91 0.17 -31.05
C THR C 612 31.25 0.00 -32.53
N SER C 613 31.52 -1.25 -32.91
CA SER C 613 31.99 -1.53 -34.26
C SER C 613 30.89 -1.33 -35.30
N GLU C 614 29.73 -1.97 -35.11
CA GLU C 614 28.65 -1.85 -36.07
C GLU C 614 28.03 -0.46 -36.10
N GLU C 615 28.22 0.36 -35.07
CA GLU C 615 27.87 1.76 -35.15
C GLU C 615 28.97 2.60 -35.77
N LEU C 616 30.18 2.05 -35.95
CA LEU C 616 31.24 2.75 -36.65
C LEU C 616 31.26 2.42 -38.13
N LYS C 617 30.77 1.25 -38.54
CA LYS C 617 30.64 0.95 -39.96
C LYS C 617 29.58 1.83 -40.62
N PHE C 618 28.53 2.20 -39.88
CA PHE C 618 27.48 3.03 -40.45
C PHE C 618 27.97 4.45 -40.71
N VAL C 619 28.90 4.94 -39.90
CA VAL C 619 29.45 6.27 -40.13
C VAL C 619 30.68 6.20 -41.02
N ALA C 620 31.24 4.99 -41.21
CA ALA C 620 32.32 4.84 -42.19
C ALA C 620 31.79 4.59 -43.59
N SER C 621 30.55 4.13 -43.72
CA SER C 621 29.92 3.90 -45.01
C SER C 621 29.23 5.15 -45.55
N GLN C 622 29.56 6.33 -45.02
CA GLN C 622 29.06 7.58 -45.55
C GLN C 622 30.08 8.26 -46.46
N PHE C 623 30.83 7.48 -47.23
CA PHE C 623 31.78 8.01 -48.19
C PHE C 623 31.60 7.34 -49.55
N LYS D 95 31.52 -43.17 8.70
CA LYS D 95 30.82 -42.28 9.61
C LYS D 95 29.50 -41.82 8.97
N LYS D 96 29.45 -41.94 7.64
CA LYS D 96 28.31 -41.60 6.79
C LYS D 96 27.90 -40.13 6.95
N ILE D 97 28.79 -39.21 6.58
CA ILE D 97 28.47 -37.78 6.57
C ILE D 97 27.45 -37.50 5.48
N PHE D 98 26.33 -36.87 5.86
CA PHE D 98 25.13 -36.76 5.04
C PHE D 98 25.36 -35.79 3.89
N ASP D 99 24.62 -36.01 2.80
CA ASP D 99 24.53 -35.07 1.68
C ASP D 99 23.34 -34.15 1.87
N PRO D 100 23.48 -32.85 1.53
CA PRO D 100 22.52 -31.84 2.03
C PRO D 100 21.12 -31.92 1.45
N GLN D 101 20.91 -32.58 0.31
CA GLN D 101 19.57 -32.75 -0.23
C GLN D 101 19.06 -34.17 -0.07
N ASP D 102 19.44 -34.84 1.01
CA ASP D 102 18.84 -36.11 1.38
C ASP D 102 17.40 -35.87 1.82
N LYS D 103 16.55 -36.90 1.64
CA LYS D 103 15.16 -36.76 2.04
C LYS D 103 15.02 -36.95 3.56
N PHE D 104 16.00 -37.60 4.19
CA PHE D 104 16.01 -37.66 5.64
C PHE D 104 16.34 -36.30 6.26
N LEU D 105 17.17 -35.50 5.59
CA LEU D 105 17.33 -34.09 5.96
C LEU D 105 16.39 -33.20 5.15
N LEU D 106 15.14 -33.66 5.10
CA LEU D 106 14.02 -32.86 4.63
C LEU D 106 12.85 -32.96 5.59
N TYR D 107 12.71 -34.09 6.31
CA TYR D 107 11.80 -34.22 7.43
C TYR D 107 12.43 -33.85 8.75
N CYS D 108 13.76 -34.01 8.88
CA CYS D 108 14.52 -33.49 10.01
C CYS D 108 14.89 -32.03 9.81
N ASN D 109 14.35 -31.42 8.76
CA ASN D 109 14.13 -29.98 8.75
C ASN D 109 12.69 -29.60 8.47
N LYS D 110 11.74 -30.54 8.60
CA LYS D 110 10.31 -30.25 8.55
C LYS D 110 9.66 -30.28 9.93
N LEU D 111 9.98 -31.26 10.76
CA LEU D 111 9.56 -31.31 12.15
C LEU D 111 10.60 -30.66 13.04
N PHE D 112 11.52 -29.93 12.42
CA PHE D 112 12.53 -29.14 13.08
C PHE D 112 12.18 -27.66 13.15
N VAL D 113 11.78 -27.04 12.04
CA VAL D 113 11.31 -25.67 12.07
C VAL D 113 9.98 -25.57 12.84
N ALA D 114 9.21 -26.66 12.92
CA ALA D 114 8.05 -26.70 13.80
C ALA D 114 8.49 -26.67 15.26
N SER D 115 9.63 -27.28 15.58
CA SER D 115 10.15 -27.18 16.93
C SER D 115 10.70 -25.79 17.21
N CYS D 116 11.29 -25.14 16.21
CA CYS D 116 11.71 -23.76 16.39
C CYS D 116 10.55 -22.79 16.51
N ILE D 117 9.40 -23.12 15.91
CA ILE D 117 8.21 -22.31 16.06
C ILE D 117 7.56 -22.55 17.43
N LEU D 118 7.46 -23.79 17.85
CA LEU D 118 6.78 -24.09 19.11
C LEU D 118 7.65 -23.77 20.33
N SER D 119 8.94 -23.50 20.14
CA SER D 119 9.82 -23.13 21.24
C SER D 119 9.66 -21.69 21.70
N VAL D 120 9.28 -20.78 20.81
CA VAL D 120 9.06 -19.39 21.21
C VAL D 120 7.66 -19.16 21.74
N PHE D 121 6.82 -20.20 21.78
CA PHE D 121 5.55 -20.13 22.46
C PHE D 121 5.62 -20.68 23.89
N VAL D 122 6.68 -21.38 24.23
CA VAL D 122 6.79 -22.03 25.54
C VAL D 122 7.52 -21.13 26.54
N ASP D 123 8.45 -20.31 26.08
CA ASP D 123 9.13 -19.35 26.95
C ASP D 123 8.23 -18.33 27.66
N PRO D 124 7.09 -17.86 27.13
CA PRO D 124 6.19 -17.05 27.97
C PRO D 124 5.54 -17.80 29.12
N PHE D 125 5.50 -19.12 29.11
CA PHE D 125 4.82 -19.84 30.17
C PHE D 125 5.61 -19.88 31.47
N PHE D 126 6.89 -19.53 31.44
CA PHE D 126 7.67 -19.35 32.65
C PHE D 126 7.33 -18.05 33.37
N PHE D 127 6.64 -17.14 32.69
CA PHE D 127 6.27 -15.86 33.28
C PHE D 127 5.00 -15.96 34.09
N TYR D 128 4.25 -17.06 33.97
CA TYR D 128 3.07 -17.28 34.79
C TYR D 128 3.37 -18.12 36.01
N LEU D 129 4.63 -18.33 36.33
CA LEU D 129 5.02 -19.05 37.54
C LEU D 129 4.71 -18.34 38.85
N PRO D 130 4.97 -17.04 39.06
CA PRO D 130 4.58 -16.45 40.35
C PRO D 130 3.08 -16.25 40.45
N VAL D 131 2.54 -16.66 41.59
CA VAL D 131 1.13 -16.50 41.90
C VAL D 131 1.04 -15.80 43.24
N ILE D 132 -0.17 -15.45 43.63
CA ILE D 132 -0.45 -14.94 44.97
C ILE D 132 -1.41 -15.91 45.61
N ASN D 133 -1.03 -16.46 46.76
CA ASN D 133 -1.96 -17.28 47.52
C ASN D 133 -2.87 -16.40 48.35
N ALA D 134 -4.09 -16.16 47.87
CA ALA D 134 -4.99 -15.22 48.54
C ALA D 134 -5.52 -15.73 49.86
N GLU D 135 -5.44 -17.03 50.12
CA GLU D 135 -5.77 -17.55 51.45
C GLU D 135 -4.76 -17.05 52.48
N SER D 136 -3.47 -17.28 52.21
CA SER D 136 -2.43 -16.96 53.17
C SER D 136 -1.84 -15.56 52.99
N LYS D 137 -2.20 -14.87 51.89
CA LYS D 137 -1.64 -13.57 51.51
C LYS D 137 -0.11 -13.62 51.41
N CYS D 138 0.37 -14.66 50.73
CA CYS D 138 1.79 -14.85 50.48
C CYS D 138 2.00 -14.95 48.98
N LEU D 139 3.22 -14.65 48.55
CA LEU D 139 3.61 -14.72 47.15
C LEU D 139 4.24 -16.08 46.93
N GLY D 140 3.74 -16.83 45.97
CA GLY D 140 4.22 -18.17 45.76
C GLY D 140 4.69 -18.45 44.36
N ILE D 141 4.83 -19.72 44.03
CA ILE D 141 5.18 -20.19 42.70
C ILE D 141 4.22 -21.31 42.33
N ASP D 142 3.61 -21.22 41.16
CA ASP D 142 2.89 -22.33 40.57
C ASP D 142 3.85 -23.46 40.28
N ARG D 143 3.63 -24.63 40.89
CA ARG D 143 4.58 -25.74 40.78
C ARG D 143 4.24 -26.70 39.65
N LYS D 144 2.98 -27.05 39.48
CA LYS D 144 2.59 -27.80 38.29
C LYS D 144 2.23 -26.89 37.12
N LEU D 145 3.05 -25.87 36.92
CA LEU D 145 3.16 -25.13 35.68
C LEU D 145 4.65 -24.97 35.49
N ALA D 146 5.37 -25.03 36.61
CA ALA D 146 6.82 -25.03 36.59
C ALA D 146 7.39 -26.32 36.04
N ILE D 147 6.88 -27.47 36.51
CA ILE D 147 7.28 -28.73 35.91
C ILE D 147 6.77 -28.85 34.48
N THR D 148 5.63 -28.24 34.18
CA THR D 148 5.05 -28.33 32.84
C THR D 148 5.86 -27.55 31.83
N ALA D 149 6.20 -26.31 32.14
CA ALA D 149 7.03 -25.51 31.25
C ALA D 149 8.47 -25.99 31.20
N SER D 150 8.99 -26.58 32.28
CA SER D 150 10.35 -27.11 32.23
C SER D 150 10.41 -28.38 31.40
N THR D 151 9.42 -29.26 31.58
CA THR D 151 9.30 -30.48 30.79
C THR D 151 9.07 -30.18 29.31
N LEU D 152 8.18 -29.27 28.99
CA LEU D 152 7.88 -29.02 27.59
C LEU D 152 8.92 -28.16 26.91
N ARG D 153 9.84 -27.55 27.64
CA ARG D 153 10.95 -26.89 26.96
C ARG D 153 12.14 -27.82 26.84
N THR D 154 12.36 -28.69 27.83
CA THR D 154 13.42 -29.67 27.69
C THR D 154 13.08 -30.72 26.63
N PHE D 155 11.83 -31.19 26.56
CA PHE D 155 11.41 -32.15 25.54
C PHE D 155 11.37 -31.57 24.13
N ILE D 156 11.64 -30.29 23.95
CA ILE D 156 11.91 -29.71 22.65
C ILE D 156 13.41 -29.49 22.45
N ASP D 157 14.15 -29.16 23.50
CA ASP D 157 15.56 -28.87 23.28
C ASP D 157 16.45 -30.10 23.18
N VAL D 158 16.16 -31.23 23.82
CA VAL D 158 16.97 -32.39 23.47
C VAL D 158 16.43 -33.09 22.23
N PHE D 159 15.24 -32.74 21.78
CA PHE D 159 14.88 -33.11 20.41
C PHE D 159 15.62 -32.24 19.40
N TYR D 160 15.86 -30.99 19.76
CA TYR D 160 16.72 -30.09 19.01
C TYR D 160 18.18 -30.52 19.04
N LEU D 161 18.62 -31.20 20.10
CA LEU D 161 19.99 -31.67 20.21
C LEU D 161 20.35 -32.77 19.22
N ALA D 162 19.37 -33.26 18.45
CA ALA D 162 19.58 -34.14 17.30
C ALA D 162 19.57 -33.35 15.99
N HIS D 163 20.03 -32.10 16.03
CA HIS D 163 20.22 -31.29 14.85
C HIS D 163 21.63 -30.77 14.69
N MET D 164 22.27 -30.32 15.78
CA MET D 164 23.71 -30.07 15.74
C MET D 164 24.51 -31.34 15.96
N ALA D 165 23.83 -32.48 16.16
CA ALA D 165 24.42 -33.79 16.04
C ALA D 165 24.16 -34.41 14.67
N LEU D 166 23.56 -33.65 13.75
CA LEU D 166 23.28 -34.11 12.40
C LEU D 166 23.80 -33.15 11.35
N GLN D 167 24.07 -31.91 11.72
CA GLN D 167 24.67 -30.99 10.79
C GLN D 167 26.10 -31.28 11.15
N LEU D 168 26.28 -32.12 12.15
CA LEU D 168 27.61 -32.58 12.43
C LEU D 168 27.99 -33.46 11.26
N ARG D 169 27.07 -34.33 10.83
CA ARG D 169 27.29 -35.17 9.66
C ARG D 169 26.73 -34.41 8.49
N THR D 170 27.45 -33.43 8.00
CA THR D 170 26.86 -32.65 6.93
C THR D 170 27.83 -32.26 5.85
N ALA D 171 27.31 -32.16 4.65
CA ALA D 171 28.13 -31.68 3.55
C ALA D 171 27.67 -30.27 3.17
N TYR D 172 28.46 -29.62 2.33
CA TYR D 172 28.11 -28.30 1.82
C TYR D 172 28.53 -28.21 0.37
N ILE D 173 28.34 -27.04 -0.22
CA ILE D 173 28.62 -26.81 -1.63
C ILE D 173 29.57 -25.62 -1.75
N ALA D 174 30.67 -25.83 -2.50
CA ALA D 174 31.74 -24.84 -2.59
C ALA D 174 31.96 -24.44 -4.04
N PRO D 175 32.39 -23.21 -4.33
CA PRO D 175 32.54 -22.78 -5.73
C PRO D 175 33.79 -23.37 -6.38
N SER D 176 33.61 -23.91 -7.58
CA SER D 176 34.68 -24.45 -8.40
C SER D 176 34.18 -24.58 -9.84
N SER D 177 35.13 -24.61 -10.78
CA SER D 177 34.82 -24.82 -12.18
C SER D 177 35.08 -26.24 -12.65
N ARG D 178 35.53 -27.12 -11.73
CA ARG D 178 35.79 -28.52 -12.00
C ARG D 178 34.50 -29.35 -11.98
N VAL D 179 33.46 -28.81 -11.37
CA VAL D 179 32.37 -29.58 -10.80
C VAL D 179 31.41 -30.18 -11.84
N PHE D 180 31.20 -29.45 -12.95
CA PHE D 180 30.17 -29.64 -13.98
C PHE D 180 28.73 -29.50 -13.48
N GLY D 181 28.53 -29.30 -12.17
CA GLY D 181 27.24 -29.43 -11.55
C GLY D 181 26.97 -28.47 -10.41
N ARG D 182 27.62 -27.30 -10.45
CA ARG D 182 27.45 -26.11 -9.59
C ARG D 182 28.00 -26.27 -8.18
N GLY D 183 28.87 -27.24 -7.91
CA GLY D 183 29.49 -27.32 -6.60
C GLY D 183 30.02 -28.67 -6.16
N GLU D 184 31.04 -28.64 -5.31
CA GLU D 184 31.61 -29.85 -4.71
C GLU D 184 30.82 -30.19 -3.46
N LEU D 185 30.67 -31.48 -3.17
CA LEU D 185 30.21 -31.91 -1.85
C LEU D 185 31.39 -32.41 -1.04
N VAL D 186 31.52 -31.92 0.20
CA VAL D 186 32.64 -32.23 1.08
C VAL D 186 32.08 -33.07 2.22
N ILE D 187 32.27 -34.39 2.16
CA ILE D 187 31.92 -35.26 3.26
C ILE D 187 33.15 -35.61 4.10
N ASP D 188 34.22 -34.84 3.96
CA ASP D 188 35.39 -35.00 4.79
C ASP D 188 35.13 -34.42 6.16
N PRO D 189 35.27 -35.18 7.25
CA PRO D 189 34.83 -34.67 8.55
C PRO D 189 35.79 -33.71 9.26
N ALA D 190 36.96 -33.43 8.68
CA ALA D 190 38.02 -32.69 9.38
C ALA D 190 37.80 -31.17 9.40
N GLN D 191 37.03 -30.61 8.46
CA GLN D 191 36.87 -29.17 8.35
C GLN D 191 35.40 -28.76 8.22
N ILE D 192 34.50 -29.72 7.98
CA ILE D 192 33.06 -29.43 8.04
C ILE D 192 32.64 -29.12 9.46
N ALA D 193 33.43 -29.57 10.45
CA ALA D 193 33.21 -29.17 11.84
C ALA D 193 33.39 -27.67 12.01
N LYS D 194 34.41 -27.09 11.37
CA LYS D 194 34.59 -25.65 11.41
C LYS D 194 33.56 -24.93 10.54
N ARG D 195 33.17 -25.58 9.42
CA ARG D 195 32.07 -25.08 8.58
C ARG D 195 30.77 -24.92 9.37
N TYR D 196 30.49 -25.83 10.29
CA TYR D 196 29.36 -25.63 11.18
C TYR D 196 29.69 -24.65 12.30
N LEU D 197 30.79 -24.88 13.02
CA LEU D 197 31.12 -24.12 14.23
C LEU D 197 32.00 -22.90 13.93
N GLN D 198 31.73 -22.16 12.86
CA GLN D 198 32.33 -20.82 12.77
C GLN D 198 31.34 -19.67 12.85
N ARG D 199 30.11 -19.80 12.34
CA ARG D 199 29.16 -18.70 12.50
C ARG D 199 27.81 -19.12 13.05
N TRP D 200 27.27 -20.27 12.64
CA TRP D 200 25.91 -20.63 12.97
C TRP D 200 25.90 -21.78 13.98
N PHE D 201 26.84 -21.72 14.91
CA PHE D 201 26.82 -22.58 16.07
C PHE D 201 26.53 -21.85 17.36
N ILE D 202 27.07 -20.64 17.54
CA ILE D 202 26.91 -19.94 18.80
C ILE D 202 25.46 -19.47 19.01
N ILE D 203 24.79 -19.00 17.95
CA ILE D 203 23.39 -18.63 18.02
C ILE D 203 22.50 -19.84 18.25
N ASP D 204 22.91 -21.01 17.77
CA ASP D 204 22.11 -22.21 17.96
C ASP D 204 22.48 -22.93 19.24
N PHE D 205 23.67 -22.65 19.79
CA PHE D 205 24.03 -23.25 21.08
C PHE D 205 23.47 -22.44 22.25
N LEU D 206 23.34 -21.12 22.08
CA LEU D 206 22.72 -20.33 23.15
C LEU D 206 21.20 -20.31 23.07
N SER D 207 20.61 -21.46 22.78
CA SER D 207 19.16 -21.63 22.78
C SER D 207 18.72 -22.95 23.37
N VAL D 208 19.57 -23.97 23.36
CA VAL D 208 19.27 -25.25 24.00
C VAL D 208 19.74 -25.28 25.44
N LEU D 209 20.33 -24.19 25.93
CA LEU D 209 20.84 -24.07 27.28
C LEU D 209 19.68 -24.12 28.26
N PRO D 210 19.69 -25.03 29.22
CA PRO D 210 18.59 -25.06 30.20
C PRO D 210 18.75 -24.00 31.28
N LEU D 211 18.70 -22.74 30.86
CA LEU D 211 18.78 -21.64 31.81
C LEU D 211 17.45 -21.41 32.54
N PRO D 212 16.26 -21.40 31.92
CA PRO D 212 15.05 -21.35 32.74
C PRO D 212 14.61 -22.67 33.32
N GLN D 213 15.40 -23.74 33.19
CA GLN D 213 15.08 -25.00 33.85
C GLN D 213 15.87 -25.21 35.13
N ILE D 214 16.99 -24.51 35.30
CA ILE D 214 17.79 -24.61 36.52
C ILE D 214 17.38 -23.56 37.54
N VAL D 215 16.68 -22.52 37.08
CA VAL D 215 16.03 -21.60 38.01
C VAL D 215 14.91 -22.31 38.73
N VAL D 216 14.13 -23.13 38.02
CA VAL D 216 13.09 -23.94 38.63
C VAL D 216 13.63 -25.06 39.51
N TRP D 217 14.85 -25.51 39.26
CA TRP D 217 15.39 -26.75 39.83
C TRP D 217 15.61 -26.71 41.33
N ARG D 218 16.35 -25.73 41.85
CA ARG D 218 16.67 -25.71 43.26
C ARG D 218 15.58 -25.06 44.10
N PHE D 219 14.51 -24.56 43.47
CA PHE D 219 13.30 -24.19 44.18
C PHE D 219 12.37 -25.38 44.45
N LEU D 220 12.07 -26.20 43.44
CA LEU D 220 11.13 -27.29 43.68
C LEU D 220 11.74 -28.49 44.41
N GLN D 221 13.04 -28.48 44.70
CA GLN D 221 13.66 -29.59 45.44
C GLN D 221 13.98 -29.18 46.85
N SER D 222 13.08 -28.43 47.50
CA SER D 222 13.31 -27.97 48.86
C SER D 222 12.04 -27.98 49.70
N SER D 223 12.20 -27.90 51.01
CA SER D 223 11.11 -27.73 51.96
C SER D 223 11.21 -26.38 52.66
N ASN D 224 11.81 -25.40 51.98
CA ASN D 224 12.04 -24.07 52.53
C ASN D 224 11.42 -23.04 51.58
N GLY D 225 10.79 -22.02 52.15
CA GLY D 225 10.10 -21.04 51.34
C GLY D 225 10.97 -19.87 50.92
N SER D 226 12.23 -19.88 51.34
CA SER D 226 13.13 -18.75 51.08
C SER D 226 13.46 -18.45 49.62
N ASP D 227 13.31 -19.45 48.76
CA ASP D 227 13.64 -19.29 47.35
C ASP D 227 12.66 -18.81 46.29
N VAL D 228 11.45 -18.42 46.71
CA VAL D 228 10.49 -17.76 45.83
C VAL D 228 11.03 -16.45 45.27
N LEU D 229 11.86 -15.74 46.02
CA LEU D 229 12.54 -14.55 45.53
C LEU D 229 13.45 -14.83 44.35
N ALA D 230 14.31 -15.86 44.44
CA ALA D 230 15.32 -16.10 43.42
C ALA D 230 14.71 -16.63 42.13
N THR D 231 13.66 -17.44 42.22
CA THR D 231 12.98 -17.96 41.03
C THR D 231 12.32 -16.83 40.25
N LYS D 232 11.67 -15.91 40.95
CA LYS D 232 11.05 -14.75 40.29
C LYS D 232 12.10 -13.75 39.82
N GLN D 233 13.23 -13.66 40.53
CA GLN D 233 14.31 -12.76 40.14
C GLN D 233 14.98 -13.19 38.86
N ALA D 234 15.32 -14.47 38.73
CA ALA D 234 16.03 -15.00 37.57
C ALA D 234 15.09 -15.65 36.55
N LEU D 235 14.03 -14.95 36.12
CA LEU D 235 13.27 -15.42 34.97
C LEU D 235 12.90 -14.34 33.97
N LEU D 236 12.80 -13.07 34.39
CA LEU D 236 12.48 -12.01 33.44
C LEU D 236 13.61 -11.79 32.44
N PHE D 237 14.81 -11.48 32.95
CA PHE D 237 15.91 -11.11 32.09
C PHE D 237 16.56 -12.28 31.37
N ILE D 238 16.53 -13.49 31.93
CA ILE D 238 17.08 -14.64 31.23
C ILE D 238 16.23 -15.00 30.01
N VAL D 239 14.91 -15.03 30.16
CA VAL D 239 14.05 -15.29 29.00
C VAL D 239 14.10 -14.10 28.04
N LEU D 240 14.23 -12.89 28.57
CA LEU D 240 14.32 -11.70 27.71
C LEU D 240 15.61 -11.66 26.89
N VAL D 241 16.71 -12.18 27.41
CA VAL D 241 17.94 -12.21 26.61
C VAL D 241 18.10 -13.48 25.79
N GLN D 242 17.43 -14.57 26.17
CA GLN D 242 17.44 -15.77 25.35
C GLN D 242 16.38 -15.72 24.24
N TYR D 243 15.53 -14.69 24.26
CA TYR D 243 14.67 -14.41 23.11
C TYR D 243 15.49 -14.14 21.85
N ILE D 244 16.63 -13.46 22.00
CA ILE D 244 17.42 -13.08 20.81
C ILE D 244 18.01 -14.27 20.08
N PRO D 245 18.68 -15.28 20.74
CA PRO D 245 19.10 -16.45 19.96
C PRO D 245 17.94 -17.33 19.51
N ARG D 246 16.84 -17.36 20.26
CA ARG D 246 15.73 -18.21 19.88
C ARG D 246 14.87 -17.59 18.78
N PHE D 247 14.87 -16.27 18.63
CA PHE D 247 14.21 -15.65 17.50
C PHE D 247 15.15 -15.44 16.32
N LEU D 248 16.47 -15.55 16.54
CA LEU D 248 17.38 -15.50 15.41
C LEU D 248 17.56 -16.85 14.73
N ARG D 249 17.18 -17.94 15.37
CA ARG D 249 17.20 -19.24 14.73
C ARG D 249 15.86 -19.60 14.09
N VAL D 250 14.93 -18.64 14.02
CA VAL D 250 13.70 -18.78 13.26
C VAL D 250 13.60 -17.74 12.15
N LEU D 251 14.45 -16.71 12.19
CA LEU D 251 14.49 -15.64 11.20
C LEU D 251 14.87 -16.10 9.79
N PRO D 252 15.95 -16.93 9.55
CA PRO D 252 16.22 -17.35 8.17
C PRO D 252 15.19 -18.31 7.62
N LEU D 253 14.49 -19.02 8.51
CA LEU D 253 13.49 -20.00 8.11
C LEU D 253 12.09 -19.40 8.02
N THR D 254 11.93 -18.11 8.34
CA THR D 254 10.63 -17.46 8.17
C THR D 254 10.71 -16.28 7.21
N SER D 255 11.64 -15.34 7.48
CA SER D 255 11.69 -14.11 6.69
C SER D 255 12.26 -14.33 5.30
N GLU D 256 12.91 -15.46 5.05
CA GLU D 256 13.31 -15.85 3.71
C GLU D 256 12.53 -17.03 3.16
N LEU D 257 11.63 -17.61 3.96
CA LEU D 257 10.68 -18.61 3.48
C LEU D 257 9.33 -17.96 3.23
N LYS D 258 9.28 -16.66 3.46
CA LYS D 258 8.15 -15.85 3.03
C LYS D 258 8.51 -15.08 1.77
N ARG D 259 9.79 -14.76 1.60
CA ARG D 259 10.24 -14.13 0.37
C ARG D 259 10.24 -15.09 -0.81
N THR D 260 10.77 -16.30 -0.63
CA THR D 260 10.69 -17.33 -1.67
C THR D 260 10.12 -18.57 -1.02
N ALA D 261 8.80 -18.67 -0.98
CA ALA D 261 8.08 -19.75 -0.33
C ALA D 261 8.30 -21.06 -1.07
N GLY D 262 8.10 -22.17 -0.35
CA GLY D 262 8.42 -23.47 -0.89
C GLY D 262 7.23 -24.35 -1.24
N VAL D 263 6.16 -24.29 -0.47
CA VAL D 263 5.04 -25.22 -0.64
C VAL D 263 3.71 -24.50 -0.82
N PHE D 264 3.73 -23.19 -1.13
CA PHE D 264 2.48 -22.43 -1.21
C PHE D 264 2.47 -21.49 -2.43
N ALA D 265 1.32 -21.47 -3.13
CA ALA D 265 1.19 -20.61 -4.30
C ALA D 265 -0.11 -19.81 -4.36
N GLU D 266 -1.25 -20.36 -3.94
CA GLU D 266 -2.49 -20.11 -4.68
C GLU D 266 -3.48 -19.15 -3.99
N THR D 267 -3.41 -19.02 -2.67
CA THR D 267 -4.51 -18.34 -1.98
C THR D 267 -3.94 -17.53 -0.82
N ALA D 268 -4.82 -17.20 0.14
CA ALA D 268 -4.42 -16.51 1.35
C ALA D 268 -4.57 -17.47 2.52
N TRP D 269 -3.56 -18.30 2.72
CA TRP D 269 -3.44 -19.16 3.89
C TRP D 269 -2.03 -19.18 4.45
N ALA D 270 -1.15 -18.32 3.94
CA ALA D 270 0.20 -18.18 4.47
C ALA D 270 0.68 -16.75 4.51
N GLY D 271 -0.15 -15.79 4.13
CA GLY D 271 0.25 -14.39 4.17
C GLY D 271 -0.61 -13.57 5.11
N ALA D 272 -1.87 -13.94 5.23
CA ALA D 272 -2.74 -13.38 6.25
C ALA D 272 -2.73 -14.23 7.51
N ALA D 273 -2.75 -15.55 7.34
CA ALA D 273 -2.71 -16.49 8.46
C ALA D 273 -1.31 -16.73 8.98
N TYR D 274 -0.34 -15.94 8.53
CA TYR D 274 0.96 -15.86 9.17
C TYR D 274 1.15 -14.57 9.94
N TYR D 275 0.73 -13.45 9.40
CA TYR D 275 0.82 -12.18 10.10
C TYR D 275 -0.31 -11.95 11.08
N LEU D 276 -1.31 -12.82 11.10
CA LEU D 276 -2.28 -12.84 12.19
C LEU D 276 -1.89 -13.77 13.32
N LEU D 277 -1.10 -14.81 13.05
CA LEU D 277 -0.52 -15.61 14.12
C LEU D 277 0.81 -15.08 14.59
N LEU D 278 1.35 -14.06 13.92
CA LEU D 278 2.42 -13.26 14.48
C LEU D 278 1.92 -12.27 15.52
N TYR D 279 0.72 -11.74 15.35
CA TYR D 279 -0.01 -11.07 16.42
C TYR D 279 -0.29 -11.95 17.62
N MET D 280 -0.68 -13.21 17.40
CA MET D 280 -1.06 -14.06 18.51
C MET D 280 0.15 -14.55 19.28
N LEU D 281 1.31 -14.64 18.63
CA LEU D 281 2.56 -14.90 19.33
C LEU D 281 3.02 -13.71 20.14
N ALA D 282 2.98 -12.52 19.56
CA ALA D 282 3.44 -11.33 20.25
C ALA D 282 2.52 -10.98 21.40
N SER D 283 1.22 -11.24 21.26
CA SER D 283 0.27 -11.07 22.34
C SER D 283 0.52 -12.07 23.45
N HIS D 284 0.94 -13.27 23.10
CA HIS D 284 1.30 -14.30 24.06
C HIS D 284 2.54 -13.93 24.84
N ILE D 285 3.52 -13.29 24.20
CA ILE D 285 4.71 -12.82 24.89
C ILE D 285 4.44 -11.57 25.73
N VAL D 286 3.71 -10.60 25.18
CA VAL D 286 3.43 -9.35 25.88
C VAL D 286 2.49 -9.53 27.06
N GLY D 287 1.47 -10.38 26.97
CA GLY D 287 0.62 -10.65 28.11
C GLY D 287 1.31 -11.37 29.23
N ALA D 288 2.32 -12.17 28.91
CA ALA D 288 3.10 -12.84 29.94
C ALA D 288 4.06 -11.89 30.62
N PHE D 289 4.66 -10.95 29.88
CA PHE D 289 5.42 -9.86 30.51
C PHE D 289 4.54 -9.01 31.39
N TRP D 290 3.33 -8.72 30.96
CA TRP D 290 2.39 -7.93 31.75
C TRP D 290 2.04 -8.63 33.04
N TYR D 291 1.76 -9.94 32.98
CA TYR D 291 1.54 -10.73 34.18
C TYR D 291 2.75 -10.70 35.11
N LEU D 292 3.95 -10.94 34.58
CA LEU D 292 5.12 -11.07 35.45
C LEU D 292 5.50 -9.74 36.07
N LEU D 293 5.37 -8.65 35.31
CA LEU D 293 5.71 -7.34 35.83
C LEU D 293 4.65 -6.85 36.81
N ALA D 294 3.41 -7.28 36.63
CA ALA D 294 2.36 -7.04 37.62
C ALA D 294 2.60 -7.70 38.88
N LEU D 295 3.17 -8.88 38.92
CA LEU D 295 3.54 -9.51 40.16
C LEU D 295 4.77 -8.88 40.79
N GLU D 296 5.67 -8.30 40.00
CA GLU D 296 6.83 -7.62 40.54
C GLU D 296 6.45 -6.29 41.18
N ARG D 297 5.48 -5.59 40.62
CA ARG D 297 4.99 -4.38 41.27
C ARG D 297 4.21 -4.67 42.55
N ASN D 298 3.43 -5.75 42.59
CA ASN D 298 2.79 -6.16 43.83
C ASN D 298 3.81 -6.63 44.86
N ASP D 299 4.88 -7.28 44.43
CA ASP D 299 5.96 -7.63 45.33
C ASP D 299 6.66 -6.40 45.88
N ALA D 300 6.84 -5.37 45.05
CA ALA D 300 7.40 -4.09 45.50
C ALA D 300 6.51 -3.40 46.53
N CYS D 301 5.19 -3.37 46.27
CA CYS D 301 4.24 -2.82 47.24
C CYS D 301 4.29 -3.56 48.55
N TRP D 302 4.26 -4.89 48.52
CA TRP D 302 4.24 -5.67 49.75
C TRP D 302 5.55 -5.57 50.50
N GLN D 303 6.67 -5.56 49.80
CA GLN D 303 7.98 -5.41 50.38
C GLN D 303 8.21 -4.03 50.97
N GLU D 304 7.53 -3.00 50.48
CA GLU D 304 7.64 -1.69 51.12
C GLU D 304 6.58 -1.44 52.17
N ALA D 305 5.44 -2.12 52.14
CA ALA D 305 4.40 -1.95 53.14
C ALA D 305 4.63 -2.84 54.34
N CYS D 306 5.47 -3.86 54.20
CA CYS D 306 5.91 -4.67 55.32
C CYS D 306 6.98 -3.99 56.16
N ILE D 307 7.85 -3.18 55.56
CA ILE D 307 8.85 -2.46 56.32
C ILE D 307 8.22 -1.31 57.11
N ASP D 308 7.23 -0.64 56.53
CA ASP D 308 6.55 0.47 57.22
C ASP D 308 5.76 -0.01 58.42
N ALA D 309 5.31 -1.26 58.43
CA ALA D 309 4.63 -1.81 59.59
C ALA D 309 5.60 -2.08 60.73
N GLY D 310 6.87 -2.35 60.44
CA GLY D 310 7.91 -2.53 61.45
C GLY D 310 8.00 -3.90 62.10
N ASN D 311 6.87 -4.55 62.32
CA ASN D 311 6.82 -5.87 62.94
C ASN D 311 6.89 -7.01 61.93
N CYS D 312 7.45 -6.76 60.76
CA CYS D 312 7.39 -7.68 59.64
C CYS D 312 8.75 -7.74 58.95
N SER D 313 9.19 -8.94 58.63
CA SER D 313 10.32 -9.15 57.73
C SER D 313 9.76 -9.51 56.36
N THR D 314 10.50 -9.16 55.30
CA THR D 314 10.04 -9.42 53.94
C THR D 314 10.10 -10.89 53.57
N ASP D 315 10.71 -11.72 54.41
CA ASP D 315 10.63 -13.16 54.26
C ASP D 315 9.24 -13.69 54.57
N PHE D 316 8.44 -12.97 55.35
CA PHE D 316 7.09 -13.38 55.71
C PHE D 316 6.11 -13.27 54.55
N LEU D 317 6.46 -12.56 53.49
CA LEU D 317 5.53 -12.33 52.39
C LEU D 317 5.55 -13.48 51.40
N TYR D 318 6.38 -14.48 51.62
CA TYR D 318 6.50 -15.57 50.68
C TYR D 318 5.97 -16.84 51.29
N CYS D 319 5.38 -17.70 50.47
CA CYS D 319 4.78 -18.93 50.94
C CYS D 319 5.87 -19.92 51.32
N GLY D 320 5.62 -20.64 52.40
CA GLY D 320 6.62 -21.52 52.98
C GLY D 320 7.41 -20.92 54.12
N ASN D 321 7.06 -19.73 54.58
CA ASN D 321 7.75 -19.07 55.68
C ASN D 321 6.78 -18.82 56.83
N GLN D 322 5.81 -19.70 56.98
CA GLN D 322 4.81 -19.56 58.04
C GLN D 322 5.28 -20.05 59.39
N ASN D 323 6.13 -21.06 59.42
CA ASN D 323 6.68 -21.58 60.68
C ASN D 323 8.03 -20.92 60.97
N MET D 324 8.01 -19.60 60.98
CA MET D 324 9.16 -18.80 61.39
C MET D 324 8.74 -17.94 62.57
N ASP D 325 9.73 -17.53 63.36
CA ASP D 325 9.41 -16.75 64.55
C ASP D 325 9.03 -15.32 64.16
N GLY D 326 7.95 -14.85 64.77
CA GLY D 326 7.43 -13.54 64.46
C GLY D 326 6.40 -13.55 63.35
N TYR D 327 6.14 -14.71 62.77
CA TYR D 327 5.08 -14.79 61.76
C TYR D 327 3.70 -14.74 62.38
N ALA D 328 3.55 -15.15 63.63
CA ALA D 328 2.25 -15.11 64.28
C ALA D 328 1.78 -13.71 64.59
N VAL D 329 2.69 -12.75 64.77
CA VAL D 329 2.31 -11.38 65.07
C VAL D 329 2.07 -10.67 63.74
N TRP D 330 2.61 -11.22 62.65
CA TRP D 330 2.36 -10.66 61.33
C TRP D 330 1.08 -11.23 60.74
N ASN D 331 0.68 -12.41 61.19
CA ASN D 331 -0.49 -13.09 60.63
C ASN D 331 -1.78 -12.38 61.00
N ARG D 332 -1.86 -11.81 62.21
CA ARG D 332 -3.05 -11.11 62.65
C ARG D 332 -3.09 -9.66 62.18
N ALA D 333 -2.07 -9.22 61.45
CA ALA D 333 -2.07 -7.87 60.89
C ALA D 333 -1.82 -7.87 59.39
N LYS D 334 -1.95 -9.02 58.73
CA LYS D 334 -1.78 -9.09 57.28
C LYS D 334 -2.90 -8.36 56.55
N GLU D 335 -4.15 -8.73 56.81
CA GLU D 335 -5.25 -8.18 56.04
C GLU D 335 -5.82 -6.92 56.69
N SER D 336 -4.94 -6.07 57.15
CA SER D 336 -5.14 -4.65 57.32
C SER D 336 -3.97 -3.85 56.77
N VAL D 337 -2.74 -4.33 56.98
CA VAL D 337 -1.55 -3.72 56.42
C VAL D 337 -1.50 -3.84 54.91
N LEU D 338 -1.66 -5.03 54.37
CA LEU D 338 -1.61 -5.24 52.93
C LEU D 338 -2.88 -4.77 52.23
N LYS D 339 -3.91 -4.41 52.98
CA LYS D 339 -5.16 -3.92 52.40
C LYS D 339 -5.26 -2.41 52.41
N SER D 340 -4.81 -1.74 53.47
CA SER D 340 -4.78 -0.29 53.48
C SER D 340 -3.67 0.29 52.62
N LYS D 341 -2.68 -0.51 52.24
CA LYS D 341 -1.52 -0.01 51.52
C LYS D 341 -1.33 -0.60 50.14
N CYS D 342 -1.89 -1.77 49.84
CA CYS D 342 -1.56 -2.49 48.62
C CYS D 342 -2.79 -3.05 47.95
N ARG D 343 -3.94 -2.43 48.16
CA ARG D 343 -5.15 -2.82 47.48
C ARG D 343 -5.14 -2.25 46.07
N ALA D 344 -5.74 -2.96 45.15
CA ALA D 344 -5.82 -2.53 43.76
C ALA D 344 -7.28 -2.43 43.35
N ASP D 345 -7.72 -1.20 43.10
CA ASP D 345 -9.03 -0.96 42.52
C ASP D 345 -8.89 -0.09 41.27
N LEU D 346 -9.81 -0.23 40.33
CA LEU D 346 -9.77 0.57 39.11
C LEU D 346 -10.54 1.89 39.21
N ASP D 347 -11.13 2.19 40.36
CA ASP D 347 -11.81 3.48 40.51
C ASP D 347 -11.01 4.50 41.30
N ASP D 348 -10.00 4.06 42.04
CA ASP D 348 -9.17 4.98 42.82
C ASP D 348 -8.29 5.79 41.89
N ASN D 349 -8.35 7.11 42.02
CA ASN D 349 -7.44 7.98 41.29
C ASN D 349 -6.23 8.41 42.12
N ASN D 350 -6.32 8.29 43.45
CA ASN D 350 -5.15 8.41 44.32
C ASN D 350 -5.07 7.19 45.23
N PRO D 351 -4.57 6.07 44.70
CA PRO D 351 -4.44 4.87 45.53
C PRO D 351 -3.19 4.97 46.40
N PRO D 352 -3.07 4.14 47.43
CA PRO D 352 -1.85 4.20 48.27
C PRO D 352 -0.61 3.72 47.55
N PHE D 353 -0.75 2.90 46.52
CA PHE D 353 0.33 2.49 45.64
C PHE D 353 -0.20 2.53 44.22
N ASP D 354 0.59 3.06 43.31
CA ASP D 354 0.20 3.16 41.92
C ASP D 354 0.68 1.92 41.19
N PHE D 355 -0.25 1.13 40.68
CA PHE D 355 0.09 -0.04 39.90
C PHE D 355 0.07 0.23 38.42
N GLY D 356 -0.60 1.29 37.99
CA GLY D 356 -0.47 1.74 36.64
C GLY D 356 -1.15 0.90 35.59
N ILE D 357 -0.38 0.17 34.80
CA ILE D 357 -0.95 -0.69 33.77
C ILE D 357 -1.17 -2.07 34.35
N TYR D 358 -0.72 -2.28 35.57
CA TYR D 358 -0.81 -3.57 36.25
C TYR D 358 -1.93 -3.60 37.28
N THR D 359 -2.75 -2.57 37.35
CA THR D 359 -3.86 -2.59 38.30
C THR D 359 -5.04 -3.40 37.80
N GLN D 360 -5.15 -3.57 36.48
CA GLN D 360 -6.11 -4.48 35.89
C GLN D 360 -5.79 -5.94 36.18
N ALA D 361 -4.52 -6.28 36.37
CA ALA D 361 -4.13 -7.64 36.73
C ALA D 361 -4.40 -7.98 38.17
N LEU D 362 -4.28 -7.03 39.09
CA LEU D 362 -4.46 -7.30 40.50
C LEU D 362 -5.86 -7.01 40.99
N SER D 363 -6.60 -6.15 40.31
CA SER D 363 -7.98 -5.90 40.71
C SER D 363 -8.92 -6.95 40.17
N SER D 364 -8.59 -7.52 39.01
CA SER D 364 -9.40 -8.61 38.47
C SER D 364 -9.15 -9.91 39.23
N GLY D 365 -7.98 -10.03 39.85
CA GLY D 365 -7.66 -11.19 40.64
C GLY D 365 -7.12 -12.37 39.87
N ILE D 366 -6.65 -12.16 38.64
CA ILE D 366 -6.04 -13.25 37.87
C ILE D 366 -4.67 -13.64 38.39
N VAL D 367 -4.04 -12.77 39.18
CA VAL D 367 -2.75 -13.09 39.78
C VAL D 367 -2.89 -14.11 40.89
N SER D 368 -4.10 -14.31 41.38
CA SER D 368 -4.44 -15.27 42.41
C SER D 368 -5.46 -16.26 41.91
N SER D 369 -5.57 -16.38 40.60
CA SER D 369 -6.54 -17.24 39.95
C SER D 369 -6.06 -18.68 40.03
N GLN D 370 -6.98 -19.58 40.38
CA GLN D 370 -6.70 -21.00 40.41
C GLN D 370 -6.92 -21.66 39.06
N ASN D 371 -7.77 -21.09 38.22
CA ASN D 371 -7.96 -21.59 36.86
C ASN D 371 -6.94 -20.95 35.95
N PHE D 372 -6.07 -21.76 35.36
CA PHE D 372 -5.05 -21.26 34.47
C PHE D 372 -5.61 -20.83 33.11
N ILE D 373 -6.74 -21.40 32.68
CA ILE D 373 -7.39 -20.96 31.46
C ILE D 373 -7.87 -19.52 31.57
N VAL D 374 -8.42 -19.14 32.71
CA VAL D 374 -8.86 -17.77 32.97
C VAL D 374 -7.67 -16.81 32.93
N LYS D 375 -6.58 -17.18 33.61
CA LYS D 375 -5.41 -16.32 33.72
C LYS D 375 -4.72 -16.14 32.37
N TYR D 376 -4.52 -17.25 31.65
CA TYR D 376 -3.88 -17.21 30.35
C TYR D 376 -4.71 -16.44 29.34
N CYS D 377 -6.02 -16.66 29.31
CA CYS D 377 -6.88 -15.97 28.35
C CYS D 377 -6.96 -14.49 28.66
N TYR D 378 -7.06 -14.14 29.94
CA TYR D 378 -7.12 -12.74 30.34
C TYR D 378 -5.83 -11.99 30.04
N CYS D 379 -4.68 -12.63 30.17
CA CYS D 379 -3.42 -12.00 29.83
C CYS D 379 -3.16 -11.93 28.34
N LEU D 380 -3.50 -12.98 27.60
CA LEU D 380 -3.40 -12.99 26.15
C LEU D 380 -4.30 -11.93 25.52
N TRP D 381 -5.49 -11.72 26.06
CA TRP D 381 -6.35 -10.69 25.50
C TRP D 381 -5.85 -9.29 25.83
N TRP D 382 -5.24 -9.10 27.00
CA TRP D 382 -4.58 -7.83 27.29
C TRP D 382 -3.45 -7.56 26.31
N GLY D 383 -2.62 -8.57 26.05
CA GLY D 383 -1.60 -8.52 25.03
C GLY D 383 -2.11 -8.13 23.67
N LEU D 384 -3.15 -8.82 23.17
CA LEU D 384 -3.70 -8.51 21.86
C LEU D 384 -4.39 -7.15 21.82
N GLN D 385 -5.04 -6.75 22.90
CA GLN D 385 -5.77 -5.49 22.92
C GLN D 385 -4.83 -4.31 23.00
N ASN D 386 -3.68 -4.49 23.63
CA ASN D 386 -2.77 -3.36 23.74
C ASN D 386 -1.71 -3.37 22.65
N LEU D 387 -1.52 -4.51 21.98
CA LEU D 387 -0.70 -4.51 20.79
C LEU D 387 -1.48 -4.05 19.58
N SER D 388 -2.77 -4.38 19.52
CA SER D 388 -3.59 -3.99 18.39
C SER D 388 -3.89 -2.50 18.39
N THR D 389 -3.97 -1.90 19.56
CA THR D 389 -4.38 -0.52 19.71
C THR D 389 -3.24 0.36 20.19
N LEU D 390 -2.03 -0.22 20.06
CA LEU D 390 -0.76 0.37 20.35
C LEU D 390 -0.59 1.06 21.61
N GLY D 391 -1.06 0.48 22.66
CA GLY D 391 -0.97 1.02 23.97
C GLY D 391 -1.89 2.07 24.37
N GLN D 392 -2.81 2.41 23.54
CA GLN D 392 -3.63 3.51 23.85
C GLN D 392 -4.25 3.51 25.12
N GLY D 393 -4.78 2.46 25.58
CA GLY D 393 -5.43 2.60 26.79
C GLY D 393 -4.69 2.22 27.93
N LEU D 394 -3.50 2.40 28.11
CA LEU D 394 -2.52 2.28 29.17
C LEU D 394 -2.44 3.57 29.95
N GLU D 395 -2.68 3.46 31.25
CA GLU D 395 -2.53 4.57 32.19
C GLU D 395 -1.39 4.22 33.12
N THR D 396 -0.16 4.50 32.70
CA THR D 396 0.98 4.09 33.47
C THR D 396 1.16 4.96 34.70
N SER D 397 1.91 4.45 35.65
CA SER D 397 2.39 5.23 36.76
C SER D 397 3.68 5.93 36.34
N THR D 398 4.27 6.68 37.28
CA THR D 398 5.54 7.37 37.02
C THR D 398 6.70 6.49 37.46
N TYR D 399 6.74 5.30 36.89
CA TYR D 399 7.76 4.30 37.18
C TYR D 399 8.42 3.95 35.87
N PRO D 400 9.73 4.15 35.72
CA PRO D 400 10.34 4.17 34.39
C PRO D 400 10.37 2.84 33.64
N MET D 401 10.50 1.71 34.34
CA MET D 401 10.45 0.42 33.67
C MET D 401 9.08 0.13 33.09
N GLU D 402 8.02 0.54 33.77
CA GLU D 402 6.67 0.37 33.26
C GLU D 402 6.42 1.26 32.05
N ILE D 403 6.97 2.47 32.06
CA ILE D 403 6.86 3.40 30.94
C ILE D 403 7.59 2.84 29.73
N ILE D 404 8.77 2.27 29.95
CA ILE D 404 9.56 1.68 28.89
C ILE D 404 8.90 0.42 28.33
N PHE D 405 8.22 -0.34 29.18
CA PHE D 405 7.42 -1.48 28.71
C PHE D 405 6.23 -1.03 27.86
N SER D 406 5.62 0.10 28.21
CA SER D 406 4.55 0.66 27.39
C SER D 406 5.02 1.19 26.04
N ILE D 407 6.18 1.84 26.02
CA ILE D 407 6.79 2.33 24.78
C ILE D 407 7.08 1.19 23.83
N SER D 408 7.58 0.07 24.38
CA SER D 408 7.81 -1.14 23.61
C SER D 408 6.55 -1.71 23.01
N LEU D 409 5.43 -1.67 23.74
CA LEU D 409 4.14 -2.12 23.21
C LEU D 409 3.66 -1.26 22.07
N ALA D 410 3.79 0.06 22.21
CA ALA D 410 3.38 0.97 21.15
C ALA D 410 4.21 0.76 19.88
N ILE D 411 5.53 0.61 20.04
CA ILE D 411 6.41 0.42 18.89
C ILE D 411 6.21 -0.95 18.25
N SER D 412 6.05 -1.99 19.07
CA SER D 412 5.84 -3.34 18.55
C SER D 412 4.50 -3.46 17.84
N GLY D 413 3.47 -2.80 18.36
CA GLY D 413 2.19 -2.78 17.68
C GLY D 413 2.19 -2.01 16.39
N LEU D 414 2.94 -0.90 16.33
CA LEU D 414 3.12 -0.17 15.07
C LEU D 414 3.80 -1.05 14.02
N ILE D 415 4.85 -1.77 14.42
CA ILE D 415 5.54 -2.69 13.51
C ILE D 415 4.61 -3.79 13.03
N LEU D 416 3.90 -4.42 13.96
CA LEU D 416 3.04 -5.55 13.64
C LEU D 416 1.89 -5.13 12.75
N PHE D 417 1.38 -3.93 12.94
CA PHE D 417 0.28 -3.47 12.11
C PHE D 417 0.75 -3.12 10.72
N ALA D 418 1.89 -2.44 10.62
CA ALA D 418 2.45 -2.09 9.33
C ALA D 418 2.80 -3.34 8.52
N LEU D 419 3.31 -4.37 9.19
CA LEU D 419 3.61 -5.64 8.53
C LEU D 419 2.36 -6.33 8.03
N LEU D 420 1.29 -6.35 8.82
CA LEU D 420 0.05 -7.02 8.43
C LEU D 420 -0.64 -6.33 7.28
N ILE D 421 -0.78 -5.00 7.34
CA ILE D 421 -1.47 -4.33 6.24
C ILE D 421 -0.57 -4.24 5.01
N GLY D 422 0.75 -4.25 5.17
CA GLY D 422 1.63 -4.28 4.04
C GLY D 422 1.71 -5.63 3.38
N ASN D 423 1.48 -6.72 4.11
CA ASN D 423 1.43 -8.01 3.45
C ASN D 423 0.05 -8.33 2.94
N MET D 424 -0.99 -7.65 3.42
CA MET D 424 -2.31 -7.81 2.87
C MET D 424 -2.51 -6.99 1.60
N GLN D 425 -1.98 -5.76 1.56
CA GLN D 425 -1.99 -4.97 0.34
C GLN D 425 -1.16 -5.60 -0.75
N THR D 426 -0.01 -6.19 -0.41
CA THR D 426 0.81 -6.89 -1.39
C THR D 426 0.11 -8.12 -1.95
N TYR D 427 -0.65 -8.85 -1.15
CA TYR D 427 -1.45 -9.95 -1.63
C TYR D 427 -2.61 -9.50 -2.51
N LEU D 428 -3.38 -8.51 -2.07
CA LEU D 428 -4.54 -8.04 -2.81
C LEU D 428 -4.18 -7.33 -4.10
N GLN D 429 -3.05 -6.62 -4.13
CA GLN D 429 -2.59 -5.96 -5.33
C GLN D 429 -2.13 -6.93 -6.39
N SER D 430 -1.49 -8.02 -5.99
CA SER D 430 -1.12 -9.09 -6.89
C SER D 430 -2.29 -9.95 -7.30
N LEU D 431 -3.38 -9.91 -6.55
CA LEU D 431 -4.56 -10.67 -6.90
C LEU D 431 -5.37 -10.06 -8.01
N THR D 432 -5.59 -8.75 -8.00
CA THR D 432 -6.39 -8.05 -8.98
C THR D 432 -5.51 -7.29 -9.97
N ILE D 433 -4.39 -7.88 -10.38
CA ILE D 433 -3.43 -7.16 -11.21
C ILE D 433 -3.93 -7.02 -12.65
N ARG D 434 -4.57 -8.06 -13.19
CA ARG D 434 -5.10 -8.03 -14.54
C ARG D 434 -6.32 -7.15 -14.66
N LEU D 435 -7.17 -7.13 -13.65
CA LEU D 435 -8.31 -6.24 -13.61
C LEU D 435 -7.90 -4.78 -13.52
N GLU D 436 -6.93 -4.45 -12.68
CA GLU D 436 -6.43 -3.09 -12.63
C GLU D 436 -5.71 -2.68 -13.91
N GLU D 437 -5.01 -3.62 -14.56
CA GLU D 437 -4.45 -3.36 -15.89
C GLU D 437 -5.51 -3.10 -16.93
N MET D 438 -6.61 -3.84 -16.91
CA MET D 438 -7.74 -3.58 -17.77
C MET D 438 -8.38 -2.23 -17.51
N ARG D 439 -8.44 -1.81 -16.26
CA ARG D 439 -9.03 -0.51 -15.95
C ARG D 439 -8.11 0.64 -16.32
N VAL D 440 -6.80 0.47 -16.20
CA VAL D 440 -5.85 1.46 -16.69
C VAL D 440 -5.92 1.57 -18.21
N LYS D 441 -5.96 0.43 -18.90
CA LYS D 441 -6.07 0.40 -20.35
C LYS D 441 -7.39 0.99 -20.84
N ARG D 442 -8.44 0.81 -20.06
CA ARG D 442 -9.75 1.34 -20.36
C ARG D 442 -9.84 2.85 -20.13
N ARG D 443 -9.21 3.37 -19.08
CA ARG D 443 -9.09 4.81 -18.91
C ARG D 443 -8.23 5.48 -19.96
N ASP D 444 -7.14 4.82 -20.37
CA ASP D 444 -6.30 5.32 -21.46
C ASP D 444 -7.04 5.43 -22.77
N SER D 445 -7.89 4.46 -23.10
CA SER D 445 -8.63 4.50 -24.36
C SER D 445 -9.68 5.59 -24.35
N GLU D 446 -10.34 5.82 -23.22
CA GLU D 446 -11.28 6.93 -23.11
C GLU D 446 -10.58 8.26 -23.23
N GLN D 447 -9.41 8.40 -22.59
CA GLN D 447 -8.62 9.61 -22.71
C GLN D 447 -8.18 9.86 -24.14
N TRP D 448 -7.75 8.82 -24.84
CA TRP D 448 -7.27 8.98 -26.20
C TRP D 448 -8.42 9.25 -27.17
N MET D 449 -9.56 8.60 -26.98
CA MET D 449 -10.70 8.83 -27.84
C MET D 449 -11.36 10.18 -27.60
N HIS D 450 -11.28 10.70 -26.38
CA HIS D 450 -11.72 12.06 -26.12
C HIS D 450 -10.74 13.08 -26.66
N HIS D 451 -9.44 12.79 -26.62
CA HIS D 451 -8.45 13.73 -27.15
C HIS D 451 -8.53 13.80 -28.66
N ARG D 452 -8.74 12.67 -29.31
CA ARG D 452 -8.79 12.66 -30.76
C ARG D 452 -10.15 13.01 -31.31
N MET D 453 -11.18 13.04 -30.46
CA MET D 453 -12.57 13.27 -30.81
C MET D 453 -13.03 12.33 -31.91
N LEU D 454 -13.04 11.05 -31.58
CA LEU D 454 -13.56 10.04 -32.46
C LEU D 454 -15.08 10.13 -32.52
N PRO D 455 -15.68 9.72 -33.63
CA PRO D 455 -17.14 9.56 -33.66
C PRO D 455 -17.57 8.46 -32.71
N GLN D 456 -18.82 8.58 -32.24
CA GLN D 456 -19.29 7.65 -31.23
C GLN D 456 -19.53 6.25 -31.76
N ASP D 457 -19.76 6.10 -33.06
CA ASP D 457 -19.80 4.75 -33.63
C ASP D 457 -18.43 4.09 -33.64
N LEU D 458 -17.36 4.86 -33.77
CA LEU D 458 -16.01 4.32 -33.66
C LEU D 458 -15.56 4.16 -32.23
N ARG D 459 -16.13 4.92 -31.31
CA ARG D 459 -15.86 4.76 -29.90
C ARG D 459 -16.57 3.57 -29.29
N GLU D 460 -17.76 3.22 -29.79
CA GLU D 460 -18.43 2.02 -29.35
C GLU D 460 -17.75 0.76 -29.83
N ARG D 461 -17.19 0.76 -31.04
CA ARG D 461 -16.46 -0.39 -31.57
C ARG D 461 -15.16 -0.66 -30.83
N VAL D 462 -14.58 0.34 -30.19
CA VAL D 462 -13.33 0.18 -29.46
C VAL D 462 -13.65 -0.41 -28.10
N ARG D 463 -14.63 0.17 -27.44
CA ARG D 463 -15.12 -0.30 -26.15
C ARG D 463 -15.64 -1.72 -26.20
N ARG D 464 -16.32 -2.06 -27.30
CA ARG D 464 -16.87 -3.39 -27.47
C ARG D 464 -15.77 -4.43 -27.62
N TYR D 465 -14.74 -4.12 -28.41
CA TYR D 465 -13.62 -5.05 -28.58
C TYR D 465 -12.81 -5.19 -27.30
N ASP D 466 -12.63 -4.11 -26.56
CA ASP D 466 -11.88 -4.20 -25.32
C ASP D 466 -12.62 -5.00 -24.26
N GLN D 467 -13.94 -4.83 -24.15
CA GLN D 467 -14.73 -5.63 -23.24
C GLN D 467 -14.77 -7.09 -23.65
N TYR D 468 -14.84 -7.37 -24.95
CA TYR D 468 -14.84 -8.74 -25.42
C TYR D 468 -13.50 -9.42 -25.18
N LYS D 469 -12.41 -8.71 -25.43
CA LYS D 469 -11.08 -9.24 -25.18
C LYS D 469 -10.82 -9.46 -23.71
N TRP D 470 -11.36 -8.61 -22.84
CA TRP D 470 -11.25 -8.85 -21.41
C TRP D 470 -12.10 -10.03 -20.97
N LEU D 471 -13.27 -10.22 -21.55
CA LEU D 471 -14.10 -11.37 -21.22
C LEU D 471 -13.47 -12.69 -21.66
N GLU D 472 -12.81 -12.72 -22.80
CA GLU D 472 -12.19 -13.95 -23.26
C GLU D 472 -10.85 -14.23 -22.62
N THR D 473 -9.94 -13.26 -22.57
CA THR D 473 -8.56 -13.57 -22.22
C THR D 473 -8.28 -13.29 -20.75
N ARG D 474 -9.07 -12.40 -20.15
CA ARG D 474 -8.88 -11.92 -18.78
C ARG D 474 -7.49 -11.33 -18.56
N GLY D 475 -6.96 -10.65 -19.55
CA GLY D 475 -5.69 -9.98 -19.41
C GLY D 475 -4.48 -10.85 -19.70
N VAL D 476 -4.71 -12.13 -19.91
CA VAL D 476 -3.64 -13.11 -20.06
C VAL D 476 -3.14 -13.04 -21.49
N ASP D 477 -1.83 -12.84 -21.64
CA ASP D 477 -1.16 -12.93 -22.93
C ASP D 477 -0.85 -14.40 -23.18
N GLU D 478 -1.67 -15.04 -24.01
CA GLU D 478 -1.57 -16.47 -24.26
C GLU D 478 -0.30 -16.84 -25.03
N GLU D 479 0.08 -16.08 -26.04
CA GLU D 479 1.29 -16.38 -26.78
C GLU D 479 2.56 -16.16 -25.98
N TYR D 480 2.55 -15.22 -25.04
CA TYR D 480 3.69 -15.10 -24.13
C TYR D 480 3.75 -16.26 -23.15
N LEU D 481 2.60 -16.79 -22.72
CA LEU D 481 2.61 -17.98 -21.88
C LEU D 481 3.11 -19.19 -22.64
N VAL D 482 2.71 -19.32 -23.91
CA VAL D 482 3.08 -20.48 -24.69
C VAL D 482 4.55 -20.43 -25.06
N GLN D 483 5.05 -19.26 -25.44
CA GLN D 483 6.45 -19.12 -25.84
C GLN D 483 7.43 -19.29 -24.69
N ASN D 484 6.97 -19.29 -23.44
CA ASN D 484 7.82 -19.54 -22.28
C ASN D 484 7.74 -20.98 -21.79
N LEU D 485 7.25 -21.87 -22.61
CA LEU D 485 7.15 -23.28 -22.26
C LEU D 485 8.23 -24.05 -22.98
N PRO D 486 8.57 -25.26 -22.53
CA PRO D 486 9.51 -26.09 -23.29
C PRO D 486 8.94 -26.47 -24.65
N LYS D 487 9.85 -26.73 -25.59
CA LYS D 487 9.45 -26.95 -26.98
C LYS D 487 8.58 -28.19 -27.15
N ASP D 488 8.85 -29.24 -26.37
CA ASP D 488 7.98 -30.41 -26.40
C ASP D 488 6.61 -30.12 -25.81
N LEU D 489 6.54 -29.31 -24.77
CA LEU D 489 5.27 -28.96 -24.16
C LEU D 489 4.49 -27.98 -25.01
N ARG D 490 5.20 -27.04 -25.63
CA ARG D 490 4.63 -26.18 -26.67
C ARG D 490 3.99 -26.98 -27.78
N ARG D 491 4.73 -27.94 -28.32
CA ARG D 491 4.24 -28.71 -29.45
C ARG D 491 3.06 -29.58 -29.09
N ASP D 492 3.04 -30.14 -27.88
CA ASP D 492 1.90 -30.95 -27.46
C ASP D 492 0.66 -30.10 -27.18
N ILE D 493 0.83 -28.94 -26.55
CA ILE D 493 -0.29 -28.05 -26.29
C ILE D 493 -0.86 -27.49 -27.59
N LYS D 494 0.00 -27.08 -28.50
CA LYS D 494 -0.44 -26.57 -29.79
C LYS D 494 -1.05 -27.64 -30.68
N ARG D 495 -0.56 -28.87 -30.64
CA ARG D 495 -1.25 -29.98 -31.27
C ARG D 495 -2.58 -30.32 -30.62
N HIS D 496 -2.74 -30.07 -29.32
CA HIS D 496 -4.08 -30.28 -28.77
C HIS D 496 -5.04 -29.19 -29.21
N LEU D 497 -4.60 -27.94 -29.21
CA LEU D 497 -5.47 -26.82 -29.52
C LEU D 497 -5.82 -26.73 -31.00
N CYS D 498 -4.85 -26.98 -31.89
CA CYS D 498 -4.97 -26.56 -33.26
C CYS D 498 -4.79 -27.64 -34.30
N LEU D 499 -4.86 -28.93 -33.97
CA LEU D 499 -4.57 -29.93 -34.99
C LEU D 499 -5.80 -30.29 -35.80
N ALA D 500 -6.95 -30.42 -35.14
CA ALA D 500 -8.22 -30.71 -35.79
C ALA D 500 -8.66 -29.58 -36.71
N LEU D 501 -8.33 -28.34 -36.37
CA LEU D 501 -8.58 -27.21 -37.25
C LEU D 501 -7.76 -27.23 -38.52
N VAL D 502 -6.46 -27.52 -38.42
CA VAL D 502 -5.60 -27.57 -39.59
C VAL D 502 -5.89 -28.81 -40.43
N ARG D 503 -6.29 -29.91 -39.80
CA ARG D 503 -6.59 -31.15 -40.51
C ARG D 503 -8.04 -31.23 -40.97
N ARG D 504 -8.69 -30.08 -41.16
CA ARG D 504 -9.92 -29.99 -41.92
C ARG D 504 -9.72 -29.22 -43.23
N VAL D 505 -8.60 -28.50 -43.37
CA VAL D 505 -8.20 -27.93 -44.66
C VAL D 505 -7.82 -29.10 -45.57
N PRO D 506 -8.35 -29.18 -46.78
CA PRO D 506 -8.06 -30.34 -47.64
C PRO D 506 -6.64 -30.36 -48.17
N LEU D 507 -5.97 -29.20 -48.27
CA LEU D 507 -4.59 -29.20 -48.74
C LEU D 507 -3.63 -29.46 -47.57
N PHE D 508 -4.11 -29.30 -46.34
CA PHE D 508 -3.27 -29.56 -45.17
C PHE D 508 -3.48 -30.94 -44.57
N LYS D 509 -4.68 -31.51 -44.68
CA LYS D 509 -4.94 -32.82 -44.07
C LYS D 509 -4.19 -33.93 -44.76
N SER D 510 -4.14 -33.91 -46.09
CA SER D 510 -3.38 -34.93 -46.81
C SER D 510 -1.90 -34.60 -46.91
N MET D 511 -1.44 -33.51 -46.30
CA MET D 511 -0.07 -33.04 -46.51
C MET D 511 0.96 -33.90 -45.79
N ASP D 512 0.96 -33.87 -44.46
CA ASP D 512 2.14 -34.31 -43.72
C ASP D 512 1.71 -34.59 -42.28
N ASP D 513 2.71 -34.75 -41.41
CA ASP D 513 2.60 -34.45 -40.00
C ASP D 513 3.70 -33.52 -39.52
N LYS D 514 4.90 -33.69 -40.09
CA LYS D 514 6.07 -32.84 -39.88
C LYS D 514 5.80 -31.36 -40.08
N LEU D 515 5.17 -31.00 -41.19
CA LEU D 515 5.06 -29.59 -41.53
C LEU D 515 3.76 -28.98 -41.04
N LEU D 516 2.70 -29.77 -40.85
CA LEU D 516 1.52 -29.21 -40.22
C LEU D 516 1.71 -29.04 -38.72
N ASP D 517 2.61 -29.80 -38.12
CA ASP D 517 2.99 -29.48 -36.74
C ASP D 517 3.92 -28.28 -36.64
N ALA D 518 4.41 -27.77 -37.77
CA ALA D 518 5.07 -26.48 -37.81
C ALA D 518 4.13 -25.36 -38.24
N ILE D 519 3.01 -25.71 -38.87
CA ILE D 519 1.96 -24.75 -39.16
C ILE D 519 1.18 -24.42 -37.90
N CYS D 520 0.78 -25.44 -37.14
CA CYS D 520 0.07 -25.16 -35.89
C CYS D 520 1.04 -24.90 -34.74
N MET D 521 2.03 -24.06 -34.98
CA MET D 521 2.82 -23.40 -33.95
C MET D 521 2.81 -21.91 -34.19
N ARG D 522 2.27 -21.45 -35.32
CA ARG D 522 2.11 -20.06 -35.63
C ARG D 522 0.65 -19.60 -35.61
N LEU D 523 -0.28 -20.50 -35.30
CA LEU D 523 -1.67 -20.11 -35.16
C LEU D 523 -1.84 -19.33 -33.86
N LYS D 524 -2.17 -18.05 -33.99
CA LYS D 524 -2.37 -17.15 -32.88
C LYS D 524 -3.85 -16.79 -32.80
N PRO D 525 -4.38 -16.58 -31.61
CA PRO D 525 -5.82 -16.38 -31.49
C PRO D 525 -6.30 -14.98 -31.86
N CYS D 526 -7.25 -14.90 -32.78
CA CYS D 526 -7.92 -13.63 -33.07
C CYS D 526 -9.31 -13.60 -32.46
N LEU D 527 -9.79 -12.38 -32.26
CA LEU D 527 -11.10 -12.12 -31.68
C LEU D 527 -11.82 -11.13 -32.57
N PHE D 528 -13.11 -11.33 -32.75
CA PHE D 528 -13.94 -10.44 -33.55
C PHE D 528 -15.26 -10.23 -32.85
N THR D 529 -15.62 -8.98 -32.64
CA THR D 529 -16.92 -8.65 -32.09
C THR D 529 -17.97 -8.77 -33.18
N GLU D 530 -19.23 -8.55 -32.82
CA GLU D 530 -20.33 -8.76 -33.75
C GLU D 530 -20.33 -7.66 -34.79
N SER D 531 -20.70 -8.04 -36.03
CA SER D 531 -20.74 -7.18 -37.22
C SER D 531 -19.38 -6.61 -37.57
N THR D 532 -18.30 -7.28 -37.19
CA THR D 532 -16.96 -6.93 -37.63
C THR D 532 -16.70 -7.54 -39.00
N TYR D 533 -16.29 -6.71 -39.94
CA TYR D 533 -15.94 -7.19 -41.26
C TYR D 533 -14.52 -7.73 -41.21
N LEU D 534 -14.40 -9.05 -41.32
CA LEU D 534 -13.09 -9.69 -41.25
C LEU D 534 -12.27 -9.39 -42.49
N VAL D 535 -12.92 -9.38 -43.65
CA VAL D 535 -12.30 -8.95 -44.89
C VAL D 535 -13.42 -8.42 -45.79
N ARG D 536 -13.04 -7.51 -46.68
CA ARG D 536 -13.94 -6.98 -47.70
C ARG D 536 -13.21 -7.06 -49.03
N GLU D 537 -13.97 -7.10 -50.12
CA GLU D 537 -13.39 -7.40 -51.43
C GLU D 537 -12.53 -6.25 -51.94
N GLY D 538 -11.44 -6.60 -52.60
CA GLY D 538 -10.46 -5.63 -53.05
C GLY D 538 -9.29 -5.46 -52.12
N ASP D 539 -9.42 -5.81 -50.84
CA ASP D 539 -8.41 -5.76 -49.82
C ASP D 539 -7.49 -6.96 -49.93
N PRO D 540 -6.21 -6.84 -49.54
CA PRO D 540 -5.34 -8.01 -49.61
C PRO D 540 -5.59 -8.94 -48.43
N VAL D 541 -5.79 -10.21 -48.75
CA VAL D 541 -5.91 -11.26 -47.74
C VAL D 541 -4.57 -11.45 -47.08
N ASP D 542 -4.52 -11.21 -45.77
CA ASP D 542 -3.24 -11.27 -45.07
C ASP D 542 -3.26 -12.18 -43.85
N GLU D 543 -4.35 -12.89 -43.58
CA GLU D 543 -4.34 -13.96 -42.61
C GLU D 543 -5.42 -14.98 -42.96
N MET D 544 -5.06 -16.25 -42.79
CA MET D 544 -6.03 -17.33 -42.84
C MET D 544 -6.55 -17.59 -41.44
N LEU D 545 -7.85 -17.80 -41.34
CA LEU D 545 -8.54 -17.88 -40.06
C LEU D 545 -9.26 -19.21 -39.95
N PHE D 546 -8.99 -19.92 -38.87
CA PHE D 546 -9.61 -21.21 -38.56
C PHE D 546 -10.53 -20.98 -37.39
N ILE D 547 -11.83 -21.10 -37.60
CA ILE D 547 -12.81 -20.59 -36.65
C ILE D 547 -12.92 -21.54 -35.47
N ILE D 548 -12.81 -20.98 -34.27
CA ILE D 548 -13.03 -21.72 -33.03
C ILE D 548 -14.48 -21.65 -32.60
N ARG D 549 -15.01 -20.44 -32.49
CA ARG D 549 -16.29 -20.21 -31.85
C ARG D 549 -16.99 -19.12 -32.64
N GLY D 550 -18.30 -19.02 -32.48
CA GLY D 550 -19.07 -17.99 -33.11
C GLY D 550 -19.34 -18.28 -34.58
N ARG D 551 -20.33 -17.57 -35.11
CA ARG D 551 -20.83 -17.82 -36.45
C ARG D 551 -20.40 -16.66 -37.33
N LEU D 552 -20.26 -16.90 -38.63
CA LEU D 552 -19.85 -15.85 -39.54
C LEU D 552 -20.74 -15.81 -40.76
N GLU D 553 -20.33 -15.03 -41.76
CA GLU D 553 -21.15 -14.82 -42.94
C GLU D 553 -20.21 -14.60 -44.11
N SER D 554 -20.66 -14.79 -45.34
CA SER D 554 -19.81 -14.59 -46.50
C SER D 554 -20.65 -14.34 -47.75
N VAL D 555 -20.50 -13.16 -48.34
CA VAL D 555 -21.07 -12.85 -49.64
C VAL D 555 -19.95 -12.46 -50.59
N THR D 556 -20.22 -12.62 -51.89
CA THR D 556 -19.22 -12.39 -52.91
C THR D 556 -19.89 -11.75 -54.12
N THR D 557 -19.36 -10.60 -54.54
CA THR D 557 -19.84 -9.79 -55.67
C THR D 557 -21.31 -9.43 -55.58
N PHE D 564 -27.54 -11.48 -50.83
CA PHE D 564 -28.26 -11.43 -52.10
C PHE D 564 -27.32 -11.77 -53.26
N PHE D 565 -26.12 -12.24 -52.92
CA PHE D 565 -25.09 -12.52 -53.90
C PHE D 565 -24.47 -13.89 -53.63
N ASN D 566 -25.36 -14.90 -53.45
CA ASN D 566 -25.02 -16.29 -53.12
C ASN D 566 -24.22 -16.38 -51.82
N ARG D 567 -24.94 -16.06 -50.73
CA ARG D 567 -24.34 -15.97 -49.41
C ARG D 567 -23.86 -17.34 -48.92
N SER D 568 -22.86 -17.30 -48.05
CA SER D 568 -22.25 -18.49 -47.52
C SER D 568 -22.05 -18.30 -46.02
N LEU D 569 -22.33 -19.34 -45.27
CA LEU D 569 -22.24 -19.30 -43.82
C LEU D 569 -20.93 -19.93 -43.37
N LEU D 570 -20.51 -19.56 -42.17
CA LEU D 570 -19.32 -20.12 -41.56
C LEU D 570 -19.58 -20.28 -40.07
N LYS D 571 -19.19 -21.41 -39.52
CA LYS D 571 -19.47 -21.67 -38.12
C LYS D 571 -18.30 -22.43 -37.51
N GLU D 572 -18.52 -22.99 -36.32
CA GLU D 572 -17.45 -23.54 -35.49
C GLU D 572 -16.78 -24.74 -36.13
N GLY D 573 -15.54 -24.55 -36.60
CA GLY D 573 -14.73 -25.61 -37.14
C GLY D 573 -14.27 -25.37 -38.57
N GLU D 574 -15.06 -24.62 -39.34
CA GLU D 574 -14.71 -24.31 -40.71
C GLU D 574 -13.60 -23.24 -40.72
N PHE D 575 -13.04 -23.00 -41.88
CA PHE D 575 -11.99 -22.00 -41.98
C PHE D 575 -12.32 -20.99 -43.07
N CYS D 576 -11.47 -19.99 -43.20
CA CYS D 576 -11.66 -18.89 -44.14
C CYS D 576 -10.32 -18.28 -44.50
N GLY D 577 -10.01 -18.18 -45.78
CA GLY D 577 -8.74 -17.61 -46.17
C GLY D 577 -7.92 -18.49 -47.08
N GLU D 578 -8.59 -19.38 -47.82
CA GLU D 578 -7.95 -20.27 -48.76
C GLU D 578 -7.37 -19.56 -49.98
N GLU D 579 -7.73 -18.29 -50.20
CA GLU D 579 -7.08 -17.49 -51.23
C GLU D 579 -5.63 -17.19 -50.87
N LEU D 580 -5.30 -17.18 -49.59
CA LEU D 580 -3.92 -16.94 -49.16
C LEU D 580 -3.06 -18.17 -49.34
N LEU D 581 -3.66 -19.35 -49.26
CA LEU D 581 -2.90 -20.60 -49.26
C LEU D 581 -2.34 -20.91 -50.64
N THR D 582 -3.23 -21.04 -51.63
CA THR D 582 -2.85 -21.32 -53.01
C THR D 582 -1.94 -20.25 -53.59
N TRP D 583 -2.14 -18.99 -53.21
CA TRP D 583 -1.20 -17.93 -53.51
C TRP D 583 0.19 -18.20 -52.94
N ALA D 584 0.28 -18.64 -51.69
CA ALA D 584 1.57 -18.76 -51.03
C ALA D 584 2.36 -19.99 -51.44
N LEU D 585 1.72 -21.12 -51.73
CA LEU D 585 2.46 -22.29 -52.18
C LEU D 585 2.83 -22.19 -53.66
N ASP D 586 2.11 -21.35 -54.41
CA ASP D 586 2.54 -21.14 -55.79
C ASP D 586 3.77 -20.24 -55.83
N PRO D 587 4.82 -20.65 -56.53
CA PRO D 587 6.00 -19.79 -56.68
C PRO D 587 5.85 -18.78 -57.79
N LYS D 588 4.75 -18.84 -58.54
CA LYS D 588 4.53 -17.89 -59.63
C LYS D 588 3.74 -16.68 -59.13
N SER D 589 4.13 -16.14 -57.97
CA SER D 589 3.45 -14.98 -57.40
C SER D 589 4.40 -13.90 -56.92
N GLY D 590 5.54 -14.27 -56.36
CA GLY D 590 6.38 -13.30 -55.66
C GLY D 590 5.73 -12.88 -54.37
N VAL D 591 6.16 -11.73 -53.87
CA VAL D 591 5.51 -11.11 -52.69
C VAL D 591 4.39 -10.24 -53.27
N ASN D 592 3.24 -10.88 -53.49
CA ASN D 592 2.08 -10.21 -54.06
C ASN D 592 0.83 -10.68 -53.33
N LEU D 593 0.41 -9.93 -52.32
CA LEU D 593 -0.76 -10.31 -51.54
C LEU D 593 -2.02 -10.24 -52.38
N PRO D 594 -2.72 -11.36 -52.56
CA PRO D 594 -3.84 -11.40 -53.49
C PRO D 594 -5.06 -10.69 -52.93
N SER D 595 -5.91 -10.25 -53.84
CA SER D 595 -7.12 -9.52 -53.49
C SER D 595 -8.15 -10.47 -52.92
N SER D 596 -9.09 -9.91 -52.16
CA SER D 596 -10.16 -10.69 -51.58
C SER D 596 -11.29 -10.86 -52.58
N THR D 597 -12.03 -11.95 -52.42
CA THR D 597 -13.20 -12.22 -53.24
C THR D 597 -14.51 -12.19 -52.47
N ARG D 598 -14.45 -12.17 -51.15
CA ARG D 598 -15.65 -12.26 -50.34
C ARG D 598 -15.69 -11.14 -49.30
N THR D 599 -16.91 -10.83 -48.85
CA THR D 599 -17.14 -9.93 -47.73
C THR D 599 -17.62 -10.75 -46.54
N VAL D 600 -16.81 -10.80 -45.49
CA VAL D 600 -16.96 -11.75 -44.40
C VAL D 600 -17.28 -10.98 -43.14
N LYS D 601 -18.52 -11.09 -42.68
CA LYS D 601 -19.01 -10.36 -41.52
C LYS D 601 -19.21 -11.31 -40.35
N ALA D 602 -18.68 -10.92 -39.21
CA ALA D 602 -18.87 -11.70 -37.98
C ALA D 602 -20.32 -11.57 -37.52
N LEU D 603 -21.05 -12.67 -37.58
CA LEU D 603 -22.44 -12.66 -37.15
C LEU D 603 -22.60 -12.69 -35.65
N THR D 604 -21.60 -13.21 -34.93
CA THR D 604 -21.61 -13.32 -33.49
C THR D 604 -20.23 -12.84 -33.04
N GLU D 605 -19.92 -12.99 -31.76
CA GLU D 605 -18.55 -12.83 -31.30
C GLU D 605 -17.77 -14.08 -31.70
N VAL D 606 -16.66 -13.89 -32.39
CA VAL D 606 -15.91 -14.96 -33.01
C VAL D 606 -14.56 -15.10 -32.33
N GLU D 607 -14.15 -16.32 -32.03
CA GLU D 607 -12.76 -16.67 -31.79
C GLU D 607 -12.24 -17.39 -33.03
N ALA D 608 -10.95 -17.24 -33.30
CA ALA D 608 -10.34 -17.95 -34.41
C ALA D 608 -8.88 -18.19 -34.08
N PHE D 609 -8.19 -18.90 -34.96
CA PHE D 609 -6.74 -19.01 -34.93
C PHE D 609 -6.23 -18.48 -36.26
N ALA D 610 -5.32 -17.52 -36.20
CA ALA D 610 -4.89 -16.78 -37.38
C ALA D 610 -3.51 -17.23 -37.83
N LEU D 611 -3.37 -17.45 -39.13
CA LEU D 611 -2.09 -17.74 -39.76
C LEU D 611 -1.82 -16.63 -40.76
N THR D 612 -0.92 -15.70 -40.41
CA THR D 612 -0.68 -14.55 -41.26
C THR D 612 0.12 -14.92 -42.51
N SER D 613 0.36 -13.91 -43.35
CA SER D 613 0.99 -14.16 -44.65
C SER D 613 2.45 -14.54 -44.50
N GLU D 614 3.23 -13.72 -43.79
CA GLU D 614 4.66 -14.00 -43.63
C GLU D 614 4.93 -15.23 -42.76
N GLU D 615 3.97 -15.68 -41.97
CA GLU D 615 4.09 -16.98 -41.31
C GLU D 615 3.61 -18.12 -42.20
N LEU D 616 2.95 -17.81 -43.32
CA LEU D 616 2.58 -18.84 -44.27
C LEU D 616 3.63 -19.02 -45.36
N LYS D 617 4.42 -18.00 -45.66
CA LYS D 617 5.53 -18.16 -46.60
C LYS D 617 6.61 -19.06 -46.02
N PHE D 618 6.80 -19.02 -44.69
CA PHE D 618 7.83 -19.84 -44.06
C PHE D 618 7.47 -21.32 -44.12
N VAL D 619 6.18 -21.64 -44.05
CA VAL D 619 5.77 -23.03 -44.15
C VAL D 619 5.51 -23.43 -45.60
N ALA D 620 5.41 -22.44 -46.51
CA ALA D 620 5.32 -22.76 -47.92
C ALA D 620 6.69 -22.91 -48.55
N SER D 621 7.74 -22.36 -47.94
CA SER D 621 9.10 -22.49 -48.43
C SER D 621 9.80 -23.74 -47.89
N GLN D 622 9.03 -24.71 -47.39
CA GLN D 622 9.58 -25.99 -46.97
C GLN D 622 9.38 -27.05 -48.03
N PHE D 623 9.49 -26.69 -49.30
CA PHE D 623 9.39 -27.63 -50.41
C PHE D 623 10.54 -27.42 -51.38
#